data_1XPH
# 
_entry.id   1XPH 
# 
_audit_conform.dict_name       mmcif_pdbx.dic 
_audit_conform.dict_version    5.398 
_audit_conform.dict_location   http://mmcif.pdb.org/dictionaries/ascii/mmcif_pdbx.dic 
# 
loop_
_database_2.database_id 
_database_2.database_code 
_database_2.pdbx_database_accession 
_database_2.pdbx_DOI 
PDB   1XPH         pdb_00001xph 10.2210/pdb1xph/pdb 
RCSB  RCSB030613   ?            ?                   
WWPDB D_1000030613 ?            ?                   
# 
loop_
_pdbx_audit_revision_history.ordinal 
_pdbx_audit_revision_history.data_content_type 
_pdbx_audit_revision_history.major_revision 
_pdbx_audit_revision_history.minor_revision 
_pdbx_audit_revision_history.revision_date 
1 'Structure model' 1 0 2005-04-19 
2 'Structure model' 1 1 2008-04-30 
3 'Structure model' 1 2 2011-07-13 
4 'Structure model' 1 3 2023-08-23 
5 'Structure model' 1 4 2024-11-13 
# 
_pdbx_audit_revision_details.ordinal             1 
_pdbx_audit_revision_details.revision_ordinal    1 
_pdbx_audit_revision_details.data_content_type   'Structure model' 
_pdbx_audit_revision_details.provider            repository 
_pdbx_audit_revision_details.type                'Initial release' 
_pdbx_audit_revision_details.description         ? 
_pdbx_audit_revision_details.details             ? 
# 
loop_
_pdbx_audit_revision_group.ordinal 
_pdbx_audit_revision_group.revision_ordinal 
_pdbx_audit_revision_group.data_content_type 
_pdbx_audit_revision_group.group 
1 2 'Structure model' 'Version format compliance' 
2 3 'Structure model' 'Version format compliance' 
3 4 'Structure model' 'Data collection'           
4 4 'Structure model' 'Database references'       
5 4 'Structure model' 'Derived calculations'      
6 4 'Structure model' 'Refinement description'    
7 5 'Structure model' 'Structure summary'         
# 
loop_
_pdbx_audit_revision_category.ordinal 
_pdbx_audit_revision_category.revision_ordinal 
_pdbx_audit_revision_category.data_content_type 
_pdbx_audit_revision_category.category 
1 4 'Structure model' chem_comp_atom                
2 4 'Structure model' chem_comp_bond                
3 4 'Structure model' database_2                    
4 4 'Structure model' pdbx_initial_refinement_model 
5 4 'Structure model' pdbx_struct_conn_angle        
6 4 'Structure model' struct_conn                   
7 4 'Structure model' struct_site                   
8 5 'Structure model' pdbx_entry_details            
9 5 'Structure model' pdbx_modification_feature     
# 
loop_
_pdbx_audit_revision_item.ordinal 
_pdbx_audit_revision_item.revision_ordinal 
_pdbx_audit_revision_item.data_content_type 
_pdbx_audit_revision_item.item 
1  4 'Structure model' '_database_2.pdbx_DOI'                        
2  4 'Structure model' '_database_2.pdbx_database_accession'         
3  4 'Structure model' '_pdbx_struct_conn_angle.ptnr1_auth_comp_id'  
4  4 'Structure model' '_pdbx_struct_conn_angle.ptnr1_auth_seq_id'   
5  4 'Structure model' '_pdbx_struct_conn_angle.ptnr1_label_asym_id' 
6  4 'Structure model' '_pdbx_struct_conn_angle.ptnr1_label_atom_id' 
7  4 'Structure model' '_pdbx_struct_conn_angle.ptnr1_label_comp_id' 
8  4 'Structure model' '_pdbx_struct_conn_angle.ptnr1_label_seq_id'  
9  4 'Structure model' '_pdbx_struct_conn_angle.ptnr3_auth_comp_id'  
10 4 'Structure model' '_pdbx_struct_conn_angle.ptnr3_auth_seq_id'   
11 4 'Structure model' '_pdbx_struct_conn_angle.ptnr3_label_asym_id' 
12 4 'Structure model' '_pdbx_struct_conn_angle.ptnr3_label_atom_id' 
13 4 'Structure model' '_pdbx_struct_conn_angle.ptnr3_label_comp_id' 
14 4 'Structure model' '_pdbx_struct_conn_angle.ptnr3_label_seq_id'  
15 4 'Structure model' '_pdbx_struct_conn_angle.value'               
16 4 'Structure model' '_struct_conn.pdbx_dist_value'                
17 4 'Structure model' '_struct_conn.ptnr1_auth_comp_id'             
18 4 'Structure model' '_struct_conn.ptnr1_auth_seq_id'              
19 4 'Structure model' '_struct_conn.ptnr1_label_asym_id'            
20 4 'Structure model' '_struct_conn.ptnr1_label_atom_id'            
21 4 'Structure model' '_struct_conn.ptnr1_label_comp_id'            
22 4 'Structure model' '_struct_conn.ptnr1_label_seq_id'             
23 4 'Structure model' '_struct_conn.ptnr2_auth_comp_id'             
24 4 'Structure model' '_struct_conn.ptnr2_auth_seq_id'              
25 4 'Structure model' '_struct_conn.ptnr2_label_asym_id'            
26 4 'Structure model' '_struct_conn.ptnr2_label_atom_id'            
27 4 'Structure model' '_struct_conn.ptnr2_label_comp_id'            
28 4 'Structure model' '_struct_conn.ptnr2_label_seq_id'             
29 4 'Structure model' '_struct_site.pdbx_auth_asym_id'              
30 4 'Structure model' '_struct_site.pdbx_auth_comp_id'              
31 4 'Structure model' '_struct_site.pdbx_auth_seq_id'               
# 
_pdbx_database_status.status_code                     REL 
_pdbx_database_status.entry_id                        1XPH 
_pdbx_database_status.recvd_initial_deposition_date   2004-10-08 
_pdbx_database_status.deposit_site                    RCSB 
_pdbx_database_status.process_site                    RCSB 
_pdbx_database_status.status_code_sf                  REL 
_pdbx_database_status.status_code_mr                  ? 
_pdbx_database_status.SG_entry                        ? 
_pdbx_database_status.pdb_format_compatible           Y 
_pdbx_database_status.status_code_cs                  ? 
_pdbx_database_status.status_code_nmr_data            ? 
_pdbx_database_status.methods_development_category    ? 
# 
loop_
_audit_author.name 
_audit_author.pdbx_ordinal 
'Snyder, G.A.' 1 
'Colonna, M.'  2 
'Sun, P.D.'    3 
# 
_citation.id                        primary 
_citation.title                     
'The structure of DC-SIGNR with a portion of its repeat domain lends insights to modeling of the receptor tetramer.' 
_citation.journal_abbrev            J.Mol.Biol. 
_citation.journal_volume            347 
_citation.page_first                979 
_citation.page_last                 989 
_citation.year                      2005 
_citation.journal_id_ASTM           JMOBAK 
_citation.country                   UK 
_citation.journal_id_ISSN           0022-2836 
_citation.journal_id_CSD            0070 
_citation.book_publisher            ? 
_citation.pdbx_database_id_PubMed   15784257 
_citation.pdbx_database_id_DOI      10.1016/j.jmb.2005.01.063 
# 
loop_
_citation_author.citation_id 
_citation_author.name 
_citation_author.ordinal 
_citation_author.identifier_ORCID 
primary 'Snyder, G.A.' 1 ? 
primary 'Colonna, M.'  2 ? 
primary 'Sun, P.D.'    3 ? 
# 
loop_
_entity.id 
_entity.type 
_entity.src_method 
_entity.pdbx_description 
_entity.formula_weight 
_entity.pdbx_number_of_molecules 
_entity.pdbx_ec 
_entity.pdbx_mutation 
_entity.pdbx_fragment 
_entity.details 
1 polymer     man 'CD209 antigen-like protein 1' 17563.219 1   ? ? 
'sequence database residues 250-399: contains C-type lectin domain (residues 274-390)' ? 
2 non-polymer syn 'CALCIUM ION'                  40.078    1   ? ? ? ? 
3 water       nat water                          18.015    103 ? ? ? ? 
# 
_entity_name_com.entity_id   1 
_entity_name_com.name        
;Dendritic cell-specific ICAM-3 non-integrin related DC-SIGNR, Carbohydrate recognition domain and repeat 8 of DC-SIGNR, Dendritic cell-specific ICAM-3-grabbing nonintegrin 2, DC-SIGN2, DC-SIGN related protein, DC-SIGNR, Liver/lymph node specific ICAM-3-grabbing nonintegrin, L-SIGN
;
# 
_entity_poly.entity_id                      1 
_entity_poly.type                           'polypeptide(L)' 
_entity_poly.nstd_linkage                   no 
_entity_poly.nstd_monomer                   no 
_entity_poly.pdbx_seq_one_letter_code       
;IYQELTDLKTAFERLCRHCPKDWTFFQGNCYFMSNSQRNWHDSVTACQEVRAQLVVIKTAEEQNFLQLQTSRSNRFSWMG
LSDLNQEGTWQWVDGSPLSPSFQRYWNSGEPNNSGNEDCAEFSGSGWNDNRCDVDNYWICKKPAACFRDE
;
_entity_poly.pdbx_seq_one_letter_code_can   
;IYQELTDLKTAFERLCRHCPKDWTFFQGNCYFMSNSQRNWHDSVTACQEVRAQLVVIKTAEEQNFLQLQTSRSNRFSWMG
LSDLNQEGTWQWVDGSPLSPSFQRYWNSGEPNNSGNEDCAEFSGSGWNDNRCDVDNYWICKKPAACFRDE
;
_entity_poly.pdbx_strand_id                 A 
_entity_poly.pdbx_target_identifier         ? 
# 
loop_
_pdbx_entity_nonpoly.entity_id 
_pdbx_entity_nonpoly.name 
_pdbx_entity_nonpoly.comp_id 
2 'CALCIUM ION' CA  
3 water         HOH 
# 
loop_
_entity_poly_seq.entity_id 
_entity_poly_seq.num 
_entity_poly_seq.mon_id 
_entity_poly_seq.hetero 
1 1   ILE n 
1 2   TYR n 
1 3   GLN n 
1 4   GLU n 
1 5   LEU n 
1 6   THR n 
1 7   ASP n 
1 8   LEU n 
1 9   LYS n 
1 10  THR n 
1 11  ALA n 
1 12  PHE n 
1 13  GLU n 
1 14  ARG n 
1 15  LEU n 
1 16  CYS n 
1 17  ARG n 
1 18  HIS n 
1 19  CYS n 
1 20  PRO n 
1 21  LYS n 
1 22  ASP n 
1 23  TRP n 
1 24  THR n 
1 25  PHE n 
1 26  PHE n 
1 27  GLN n 
1 28  GLY n 
1 29  ASN n 
1 30  CYS n 
1 31  TYR n 
1 32  PHE n 
1 33  MET n 
1 34  SER n 
1 35  ASN n 
1 36  SER n 
1 37  GLN n 
1 38  ARG n 
1 39  ASN n 
1 40  TRP n 
1 41  HIS n 
1 42  ASP n 
1 43  SER n 
1 44  VAL n 
1 45  THR n 
1 46  ALA n 
1 47  CYS n 
1 48  GLN n 
1 49  GLU n 
1 50  VAL n 
1 51  ARG n 
1 52  ALA n 
1 53  GLN n 
1 54  LEU n 
1 55  VAL n 
1 56  VAL n 
1 57  ILE n 
1 58  LYS n 
1 59  THR n 
1 60  ALA n 
1 61  GLU n 
1 62  GLU n 
1 63  GLN n 
1 64  ASN n 
1 65  PHE n 
1 66  LEU n 
1 67  GLN n 
1 68  LEU n 
1 69  GLN n 
1 70  THR n 
1 71  SER n 
1 72  ARG n 
1 73  SER n 
1 74  ASN n 
1 75  ARG n 
1 76  PHE n 
1 77  SER n 
1 78  TRP n 
1 79  MET n 
1 80  GLY n 
1 81  LEU n 
1 82  SER n 
1 83  ASP n 
1 84  LEU n 
1 85  ASN n 
1 86  GLN n 
1 87  GLU n 
1 88  GLY n 
1 89  THR n 
1 90  TRP n 
1 91  GLN n 
1 92  TRP n 
1 93  VAL n 
1 94  ASP n 
1 95  GLY n 
1 96  SER n 
1 97  PRO n 
1 98  LEU n 
1 99  SER n 
1 100 PRO n 
1 101 SER n 
1 102 PHE n 
1 103 GLN n 
1 104 ARG n 
1 105 TYR n 
1 106 TRP n 
1 107 ASN n 
1 108 SER n 
1 109 GLY n 
1 110 GLU n 
1 111 PRO n 
1 112 ASN n 
1 113 ASN n 
1 114 SER n 
1 115 GLY n 
1 116 ASN n 
1 117 GLU n 
1 118 ASP n 
1 119 CYS n 
1 120 ALA n 
1 121 GLU n 
1 122 PHE n 
1 123 SER n 
1 124 GLY n 
1 125 SER n 
1 126 GLY n 
1 127 TRP n 
1 128 ASN n 
1 129 ASP n 
1 130 ASN n 
1 131 ARG n 
1 132 CYS n 
1 133 ASP n 
1 134 VAL n 
1 135 ASP n 
1 136 ASN n 
1 137 TYR n 
1 138 TRP n 
1 139 ILE n 
1 140 CYS n 
1 141 LYS n 
1 142 LYS n 
1 143 PRO n 
1 144 ALA n 
1 145 ALA n 
1 146 CYS n 
1 147 PHE n 
1 148 ARG n 
1 149 ASP n 
1 150 GLU n 
# 
_entity_src_gen.entity_id                          1 
_entity_src_gen.pdbx_src_id                        1 
_entity_src_gen.pdbx_alt_source_flag               sample 
_entity_src_gen.pdbx_seq_type                      ? 
_entity_src_gen.pdbx_beg_seq_num                   ? 
_entity_src_gen.pdbx_end_seq_num                   ? 
_entity_src_gen.gene_src_common_name               human 
_entity_src_gen.gene_src_genus                     Homo 
_entity_src_gen.pdbx_gene_src_gene                 ? 
_entity_src_gen.gene_src_species                   ? 
_entity_src_gen.gene_src_strain                    ? 
_entity_src_gen.gene_src_tissue                    ? 
_entity_src_gen.gene_src_tissue_fraction           ? 
_entity_src_gen.gene_src_details                   ? 
_entity_src_gen.pdbx_gene_src_fragment             ? 
_entity_src_gen.pdbx_gene_src_scientific_name      'Homo sapiens' 
_entity_src_gen.pdbx_gene_src_ncbi_taxonomy_id     9606 
_entity_src_gen.pdbx_gene_src_variant              ? 
_entity_src_gen.pdbx_gene_src_cell_line            ? 
_entity_src_gen.pdbx_gene_src_atcc                 ? 
_entity_src_gen.pdbx_gene_src_organ                ? 
_entity_src_gen.pdbx_gene_src_organelle            ? 
_entity_src_gen.pdbx_gene_src_cell                 ? 
_entity_src_gen.pdbx_gene_src_cellular_location    ? 
_entity_src_gen.host_org_common_name               ? 
_entity_src_gen.pdbx_host_org_scientific_name      'Escherichia coli BL21(DE3)' 
_entity_src_gen.pdbx_host_org_ncbi_taxonomy_id     469008 
_entity_src_gen.host_org_genus                     Escherichia 
_entity_src_gen.pdbx_host_org_gene                 ? 
_entity_src_gen.pdbx_host_org_organ                ? 
_entity_src_gen.host_org_species                   'Escherichia coli' 
_entity_src_gen.pdbx_host_org_tissue               ? 
_entity_src_gen.pdbx_host_org_tissue_fraction      ? 
_entity_src_gen.pdbx_host_org_strain               'Bl21 (DE3)' 
_entity_src_gen.pdbx_host_org_variant              ? 
_entity_src_gen.pdbx_host_org_cell_line            ? 
_entity_src_gen.pdbx_host_org_atcc                 ? 
_entity_src_gen.pdbx_host_org_culture_collection   ? 
_entity_src_gen.pdbx_host_org_cell                 ? 
_entity_src_gen.pdbx_host_org_organelle            ? 
_entity_src_gen.pdbx_host_org_cellular_location    ? 
_entity_src_gen.pdbx_host_org_vector_type          plasmid 
_entity_src_gen.pdbx_host_org_vector               ? 
_entity_src_gen.host_org_details                   ? 
_entity_src_gen.expression_system_id               ? 
_entity_src_gen.plasmid_name                       pET22b 
_entity_src_gen.plasmid_details                    ? 
_entity_src_gen.pdbx_description                   ? 
# 
loop_
_chem_comp.id 
_chem_comp.type 
_chem_comp.mon_nstd_flag 
_chem_comp.name 
_chem_comp.pdbx_synonyms 
_chem_comp.formula 
_chem_comp.formula_weight 
ALA 'L-peptide linking' y ALANINE         ? 'C3 H7 N O2'     89.093  
ARG 'L-peptide linking' y ARGININE        ? 'C6 H15 N4 O2 1' 175.209 
ASN 'L-peptide linking' y ASPARAGINE      ? 'C4 H8 N2 O3'    132.118 
ASP 'L-peptide linking' y 'ASPARTIC ACID' ? 'C4 H7 N O4'     133.103 
CA  non-polymer         . 'CALCIUM ION'   ? 'Ca 2'           40.078  
CYS 'L-peptide linking' y CYSTEINE        ? 'C3 H7 N O2 S'   121.158 
GLN 'L-peptide linking' y GLUTAMINE       ? 'C5 H10 N2 O3'   146.144 
GLU 'L-peptide linking' y 'GLUTAMIC ACID' ? 'C5 H9 N O4'     147.129 
GLY 'peptide linking'   y GLYCINE         ? 'C2 H5 N O2'     75.067  
HIS 'L-peptide linking' y HISTIDINE       ? 'C6 H10 N3 O2 1' 156.162 
HOH non-polymer         . WATER           ? 'H2 O'           18.015  
ILE 'L-peptide linking' y ISOLEUCINE      ? 'C6 H13 N O2'    131.173 
LEU 'L-peptide linking' y LEUCINE         ? 'C6 H13 N O2'    131.173 
LYS 'L-peptide linking' y LYSINE          ? 'C6 H15 N2 O2 1' 147.195 
MET 'L-peptide linking' y METHIONINE      ? 'C5 H11 N O2 S'  149.211 
PHE 'L-peptide linking' y PHENYLALANINE   ? 'C9 H11 N O2'    165.189 
PRO 'L-peptide linking' y PROLINE         ? 'C5 H9 N O2'     115.130 
SER 'L-peptide linking' y SERINE          ? 'C3 H7 N O3'     105.093 
THR 'L-peptide linking' y THREONINE       ? 'C4 H9 N O3'     119.119 
TRP 'L-peptide linking' y TRYPTOPHAN      ? 'C11 H12 N2 O2'  204.225 
TYR 'L-peptide linking' y TYROSINE        ? 'C9 H11 N O3'    181.189 
VAL 'L-peptide linking' y VALINE          ? 'C5 H11 N O2'    117.146 
# 
loop_
_pdbx_poly_seq_scheme.asym_id 
_pdbx_poly_seq_scheme.entity_id 
_pdbx_poly_seq_scheme.seq_id 
_pdbx_poly_seq_scheme.mon_id 
_pdbx_poly_seq_scheme.ndb_seq_num 
_pdbx_poly_seq_scheme.pdb_seq_num 
_pdbx_poly_seq_scheme.auth_seq_num 
_pdbx_poly_seq_scheme.pdb_mon_id 
_pdbx_poly_seq_scheme.auth_mon_id 
_pdbx_poly_seq_scheme.pdb_strand_id 
_pdbx_poly_seq_scheme.pdb_ins_code 
_pdbx_poly_seq_scheme.hetero 
A 1 1   ILE 1   250 ?   ?   ?   A . n 
A 1 2   TYR 2   251 ?   ?   ?   A . n 
A 1 3   GLN 3   252 ?   ?   ?   A . n 
A 1 4   GLU 4   253 ?   ?   ?   A . n 
A 1 5   LEU 5   254 ?   ?   ?   A . n 
A 1 6   THR 6   255 ?   ?   ?   A . n 
A 1 7   ASP 7   256 ?   ?   ?   A . n 
A 1 8   LEU 8   257 ?   ?   ?   A . n 
A 1 9   LYS 9   258 ?   ?   ?   A . n 
A 1 10  THR 10  259 ?   ?   ?   A . n 
A 1 11  ALA 11  260 260 ALA ALA A . n 
A 1 12  PHE 12  261 261 PHE PHE A . n 
A 1 13  GLU 13  262 262 GLU GLU A . n 
A 1 14  ARG 14  263 263 ARG ARG A . n 
A 1 15  LEU 15  264 264 LEU LEU A . n 
A 1 16  CYS 16  265 265 CYS CYS A . n 
A 1 17  ARG 17  266 266 ARG ARG A . n 
A 1 18  HIS 18  267 267 HIS HIS A . n 
A 1 19  CYS 19  268 268 CYS CYS A . n 
A 1 20  PRO 20  269 269 PRO PRO A . n 
A 1 21  LYS 21  270 270 LYS LYS A . n 
A 1 22  ASP 22  271 271 ASP ASP A . n 
A 1 23  TRP 23  272 272 TRP TRP A . n 
A 1 24  THR 24  273 273 THR THR A . n 
A 1 25  PHE 25  274 274 PHE PHE A . n 
A 1 26  PHE 26  275 275 PHE PHE A . n 
A 1 27  GLN 27  276 276 GLN GLN A . n 
A 1 28  GLY 28  277 277 GLY GLY A . n 
A 1 29  ASN 29  278 278 ASN ASN A . n 
A 1 30  CYS 30  279 279 CYS CYS A . n 
A 1 31  TYR 31  280 280 TYR TYR A . n 
A 1 32  PHE 32  281 281 PHE PHE A . n 
A 1 33  MET 33  282 282 MET MET A . n 
A 1 34  SER 34  283 283 SER SER A . n 
A 1 35  ASN 35  284 284 ASN ASN A . n 
A 1 36  SER 36  285 285 SER SER A . n 
A 1 37  GLN 37  286 286 GLN GLN A . n 
A 1 38  ARG 38  287 287 ARG ARG A . n 
A 1 39  ASN 39  288 288 ASN ASN A . n 
A 1 40  TRP 40  289 289 TRP TRP A . n 
A 1 41  HIS 41  290 290 HIS HIS A . n 
A 1 42  ASP 42  291 291 ASP ASP A . n 
A 1 43  SER 43  292 292 SER SER A . n 
A 1 44  VAL 44  293 293 VAL VAL A . n 
A 1 45  THR 45  294 294 THR THR A . n 
A 1 46  ALA 46  295 295 ALA ALA A . n 
A 1 47  CYS 47  296 296 CYS CYS A . n 
A 1 48  GLN 48  297 297 GLN GLN A . n 
A 1 49  GLU 49  298 298 GLU GLU A . n 
A 1 50  VAL 50  299 299 VAL VAL A . n 
A 1 51  ARG 51  300 300 ARG ARG A . n 
A 1 52  ALA 52  301 301 ALA ALA A . n 
A 1 53  GLN 53  302 302 GLN GLN A . n 
A 1 54  LEU 54  303 303 LEU LEU A . n 
A 1 55  VAL 55  304 304 VAL VAL A . n 
A 1 56  VAL 56  305 305 VAL VAL A . n 
A 1 57  ILE 57  306 306 ILE ILE A . n 
A 1 58  LYS 58  307 307 LYS LYS A . n 
A 1 59  THR 59  308 308 THR THR A . n 
A 1 60  ALA 60  309 309 ALA ALA A . n 
A 1 61  GLU 61  310 310 GLU GLU A . n 
A 1 62  GLU 62  311 311 GLU GLU A . n 
A 1 63  GLN 63  312 312 GLN GLN A . n 
A 1 64  ASN 64  313 313 ASN ASN A . n 
A 1 65  PHE 65  314 314 PHE PHE A . n 
A 1 66  LEU 66  315 315 LEU LEU A . n 
A 1 67  GLN 67  316 316 GLN GLN A . n 
A 1 68  LEU 68  317 317 LEU LEU A . n 
A 1 69  GLN 69  318 318 GLN GLN A . n 
A 1 70  THR 70  319 319 THR THR A . n 
A 1 71  SER 71  320 320 SER SER A . n 
A 1 72  ARG 72  321 321 ARG ARG A . n 
A 1 73  SER 73  322 322 SER SER A . n 
A 1 74  ASN 74  323 323 ASN ASN A . n 
A 1 75  ARG 75  324 324 ARG ARG A . n 
A 1 76  PHE 76  325 325 PHE PHE A . n 
A 1 77  SER 77  326 326 SER SER A . n 
A 1 78  TRP 78  327 327 TRP TRP A . n 
A 1 79  MET 79  328 328 MET MET A . n 
A 1 80  GLY 80  329 329 GLY GLY A . n 
A 1 81  LEU 81  330 330 LEU LEU A . n 
A 1 82  SER 82  331 331 SER SER A . n 
A 1 83  ASP 83  332 332 ASP ASP A . n 
A 1 84  LEU 84  333 333 LEU LEU A . n 
A 1 85  ASN 85  334 334 ASN ASN A . n 
A 1 86  GLN 86  335 335 GLN GLN A . n 
A 1 87  GLU 87  336 336 GLU GLU A . n 
A 1 88  GLY 88  337 337 GLY GLY A . n 
A 1 89  THR 89  338 338 THR THR A . n 
A 1 90  TRP 90  339 339 TRP TRP A . n 
A 1 91  GLN 91  340 340 GLN GLN A . n 
A 1 92  TRP 92  341 341 TRP TRP A . n 
A 1 93  VAL 93  342 342 VAL VAL A . n 
A 1 94  ASP 94  343 343 ASP ASP A . n 
A 1 95  GLY 95  344 344 GLY GLY A . n 
A 1 96  SER 96  345 345 SER SER A . n 
A 1 97  PRO 97  346 346 PRO PRO A . n 
A 1 98  LEU 98  347 347 LEU LEU A . n 
A 1 99  SER 99  348 348 SER SER A . n 
A 1 100 PRO 100 349 349 PRO PRO A . n 
A 1 101 SER 101 350 350 SER SER A . n 
A 1 102 PHE 102 351 351 PHE PHE A . n 
A 1 103 GLN 103 352 352 GLN GLN A . n 
A 1 104 ARG 104 353 353 ARG ARG A . n 
A 1 105 TYR 105 354 354 TYR TYR A . n 
A 1 106 TRP 106 355 355 TRP TRP A . n 
A 1 107 ASN 107 356 356 ASN ASN A . n 
A 1 108 SER 108 357 357 SER SER A . n 
A 1 109 GLY 109 358 358 GLY GLY A . n 
A 1 110 GLU 110 359 359 GLU GLU A . n 
A 1 111 PRO 111 360 360 PRO PRO A . n 
A 1 112 ASN 112 361 361 ASN ASN A . n 
A 1 113 ASN 113 362 362 ASN ASN A . n 
A 1 114 SER 114 363 363 SER SER A . n 
A 1 115 GLY 115 364 364 GLY GLY A . n 
A 1 116 ASN 116 365 365 ASN ASN A . n 
A 1 117 GLU 117 366 366 GLU GLU A . n 
A 1 118 ASP 118 367 367 ASP ASP A . n 
A 1 119 CYS 119 368 368 CYS CYS A . n 
A 1 120 ALA 120 369 369 ALA ALA A . n 
A 1 121 GLU 121 370 370 GLU GLU A . n 
A 1 122 PHE 122 371 371 PHE PHE A . n 
A 1 123 SER 123 372 372 SER SER A . n 
A 1 124 GLY 124 373 373 GLY GLY A . n 
A 1 125 SER 125 374 374 SER SER A . n 
A 1 126 GLY 126 375 375 GLY GLY A . n 
A 1 127 TRP 127 376 376 TRP TRP A . n 
A 1 128 ASN 128 377 377 ASN ASN A . n 
A 1 129 ASP 129 378 378 ASP ASP A . n 
A 1 130 ASN 130 379 379 ASN ASN A . n 
A 1 131 ARG 131 380 380 ARG ARG A . n 
A 1 132 CYS 132 381 381 CYS CYS A . n 
A 1 133 ASP 133 382 382 ASP ASP A . n 
A 1 134 VAL 134 383 383 VAL VAL A . n 
A 1 135 ASP 135 384 384 ASP ASP A . n 
A 1 136 ASN 136 385 385 ASN ASN A . n 
A 1 137 TYR 137 386 386 TYR TYR A . n 
A 1 138 TRP 138 387 387 TRP TRP A . n 
A 1 139 ILE 139 388 388 ILE ILE A . n 
A 1 140 CYS 140 389 389 CYS CYS A . n 
A 1 141 LYS 141 390 390 LYS LYS A . n 
A 1 142 LYS 142 391 391 LYS LYS A . n 
A 1 143 PRO 143 392 392 PRO PRO A . n 
A 1 144 ALA 144 393 393 ALA ALA A . n 
A 1 145 ALA 145 394 394 ALA ALA A . n 
A 1 146 CYS 146 395 395 CYS CYS A . n 
A 1 147 PHE 147 396 396 PHE PHE A . n 
A 1 148 ARG 148 397 397 ARG ARG A . n 
A 1 149 ASP 149 398 398 ASP ASP A . n 
A 1 150 GLU 150 399 ?   ?   ?   A . n 
# 
loop_
_pdbx_nonpoly_scheme.asym_id 
_pdbx_nonpoly_scheme.entity_id 
_pdbx_nonpoly_scheme.mon_id 
_pdbx_nonpoly_scheme.ndb_seq_num 
_pdbx_nonpoly_scheme.pdb_seq_num 
_pdbx_nonpoly_scheme.auth_seq_num 
_pdbx_nonpoly_scheme.pdb_mon_id 
_pdbx_nonpoly_scheme.auth_mon_id 
_pdbx_nonpoly_scheme.pdb_strand_id 
_pdbx_nonpoly_scheme.pdb_ins_code 
B 2 CA  1   402 402 CA  CA  A . 
C 3 HOH 1   1   1   HOH HOH A . 
C 3 HOH 2   2   2   HOH HOH A . 
C 3 HOH 3   3   3   HOH HOH A . 
C 3 HOH 4   4   4   HOH HOH A . 
C 3 HOH 5   5   5   HOH HOH A . 
C 3 HOH 6   6   6   HOH HOH A . 
C 3 HOH 7   7   7   HOH HOH A . 
C 3 HOH 8   8   8   HOH HOH A . 
C 3 HOH 9   10  10  HOH HOH A . 
C 3 HOH 10  11  11  HOH HOH A . 
C 3 HOH 11  12  12  HOH HOH A . 
C 3 HOH 12  13  13  HOH HOH A . 
C 3 HOH 13  14  14  HOH HOH A . 
C 3 HOH 14  15  15  HOH HOH A . 
C 3 HOH 15  16  16  HOH HOH A . 
C 3 HOH 16  17  17  HOH HOH A . 
C 3 HOH 17  18  18  HOH HOH A . 
C 3 HOH 18  19  19  HOH HOH A . 
C 3 HOH 19  20  20  HOH HOH A . 
C 3 HOH 20  21  21  HOH HOH A . 
C 3 HOH 21  22  22  HOH HOH A . 
C 3 HOH 22  23  23  HOH HOH A . 
C 3 HOH 23  24  24  HOH HOH A . 
C 3 HOH 24  25  25  HOH HOH A . 
C 3 HOH 25  26  26  HOH HOH A . 
C 3 HOH 26  27  27  HOH HOH A . 
C 3 HOH 27  28  28  HOH HOH A . 
C 3 HOH 28  29  29  HOH HOH A . 
C 3 HOH 29  30  30  HOH HOH A . 
C 3 HOH 30  31  31  HOH HOH A . 
C 3 HOH 31  32  32  HOH HOH A . 
C 3 HOH 32  33  33  HOH HOH A . 
C 3 HOH 33  34  34  HOH HOH A . 
C 3 HOH 34  35  35  HOH HOH A . 
C 3 HOH 35  36  36  HOH HOH A . 
C 3 HOH 36  37  37  HOH HOH A . 
C 3 HOH 37  38  38  HOH HOH A . 
C 3 HOH 38  39  39  HOH HOH A . 
C 3 HOH 39  40  40  HOH HOH A . 
C 3 HOH 40  41  41  HOH HOH A . 
C 3 HOH 41  42  42  HOH HOH A . 
C 3 HOH 42  44  44  HOH HOH A . 
C 3 HOH 43  45  45  HOH HOH A . 
C 3 HOH 44  46  46  HOH HOH A . 
C 3 HOH 45  47  47  HOH HOH A . 
C 3 HOH 46  48  48  HOH HOH A . 
C 3 HOH 47  49  49  HOH HOH A . 
C 3 HOH 48  50  50  HOH HOH A . 
C 3 HOH 49  51  51  HOH HOH A . 
C 3 HOH 50  52  52  HOH HOH A . 
C 3 HOH 51  53  53  HOH HOH A . 
C 3 HOH 52  54  54  HOH HOH A . 
C 3 HOH 53  55  55  HOH HOH A . 
C 3 HOH 54  56  56  HOH HOH A . 
C 3 HOH 55  57  57  HOH HOH A . 
C 3 HOH 56  58  58  HOH HOH A . 
C 3 HOH 57  59  59  HOH HOH A . 
C 3 HOH 58  60  60  HOH HOH A . 
C 3 HOH 59  61  61  HOH HOH A . 
C 3 HOH 60  62  62  HOH HOH A . 
C 3 HOH 61  63  63  HOH HOH A . 
C 3 HOH 62  64  64  HOH HOH A . 
C 3 HOH 63  66  66  HOH HOH A . 
C 3 HOH 64  67  67  HOH HOH A . 
C 3 HOH 65  69  69  HOH HOH A . 
C 3 HOH 66  70  70  HOH HOH A . 
C 3 HOH 67  71  71  HOH HOH A . 
C 3 HOH 68  72  72  HOH HOH A . 
C 3 HOH 69  74  74  HOH HOH A . 
C 3 HOH 70  75  75  HOH HOH A . 
C 3 HOH 71  76  76  HOH HOH A . 
C 3 HOH 72  78  78  HOH HOH A . 
C 3 HOH 73  79  79  HOH HOH A . 
C 3 HOH 74  80  80  HOH HOH A . 
C 3 HOH 75  81  81  HOH HOH A . 
C 3 HOH 76  82  82  HOH HOH A . 
C 3 HOH 77  83  83  HOH HOH A . 
C 3 HOH 78  84  84  HOH HOH A . 
C 3 HOH 79  86  86  HOH HOH A . 
C 3 HOH 80  87  87  HOH HOH A . 
C 3 HOH 81  88  88  HOH HOH A . 
C 3 HOH 82  89  89  HOH HOH A . 
C 3 HOH 83  92  92  HOH HOH A . 
C 3 HOH 84  93  93  HOH HOH A . 
C 3 HOH 85  97  97  HOH HOH A . 
C 3 HOH 86  100 100 HOH HOH A . 
C 3 HOH 87  102 102 HOH HOH A . 
C 3 HOH 88  103 103 HOH HOH A . 
C 3 HOH 89  104 104 HOH HOH A . 
C 3 HOH 90  105 105 HOH HOH A . 
C 3 HOH 91  106 106 HOH HOH A . 
C 3 HOH 92  107 107 HOH HOH A . 
C 3 HOH 93  108 108 HOH HOH A . 
C 3 HOH 94  109 109 HOH HOH A . 
C 3 HOH 95  111 111 HOH HOH A . 
C 3 HOH 96  112 112 HOH HOH A . 
C 3 HOH 97  114 114 HOH HOH A . 
C 3 HOH 98  115 115 HOH HOH A . 
C 3 HOH 99  117 117 HOH HOH A . 
C 3 HOH 100 118 118 HOH HOH A . 
C 3 HOH 101 119 119 HOH HOH A . 
C 3 HOH 102 120 120 HOH HOH A . 
C 3 HOH 103 121 121 HOH HOH A . 
# 
loop_
_software.name 
_software.classification 
_software.version 
_software.citation_id 
_software.pdbx_ordinal 
REFMAC    refinement       5.1.24 ? 1 
HKL-2000  'data reduction' .      ? 2 
SCALEPACK 'data scaling'   .      ? 3 
AMoRE     phasing          .      ? 4 
# 
_cell.entry_id           1XPH 
_cell.length_a           38.233 
_cell.length_b           54.887 
_cell.length_c           62.352 
_cell.angle_alpha        90.00 
_cell.angle_beta         90.00 
_cell.angle_gamma        90.00 
_cell.Z_PDB              4 
_cell.pdbx_unique_axis   ? 
# 
_symmetry.entry_id                         1XPH 
_symmetry.space_group_name_H-M             'P 21 21 21' 
_symmetry.pdbx_full_space_group_name_H-M   ? 
_symmetry.cell_setting                     ? 
_symmetry.Int_Tables_number                19 
_symmetry.space_group_name_Hall            ? 
# 
_exptl.entry_id          1XPH 
_exptl.method            'X-RAY DIFFRACTION' 
_exptl.crystals_number   1 
# 
_exptl_crystal.id                    1 
_exptl_crystal.density_meas          ? 
_exptl_crystal.density_Matthews      1.8 
_exptl_crystal.density_percent_sol   32.8 
_exptl_crystal.description           ? 
_exptl_crystal.F_000                 ? 
_exptl_crystal.preparation           ? 
# 
_exptl_crystal_grow.crystal_id      1 
_exptl_crystal_grow.method          'VAPOR DIFFUSION, HANGING DROP' 
_exptl_crystal_grow.temp            298 
_exptl_crystal_grow.temp_details    ? 
_exptl_crystal_grow.pH              6.5 
_exptl_crystal_grow.pdbx_details    
'100mM MgCl2, 100mM Na Cacodylate, 12% PEG 3000, pH 6.5, VAPOR DIFFUSION, HANGING DROP, temperature 298K' 
_exptl_crystal_grow.pdbx_pH_range   . 
# 
_diffrn.id                     1 
_diffrn.ambient_temp           100 
_diffrn.ambient_temp_details   ? 
_diffrn.crystal_id             1 
# 
_diffrn_detector.diffrn_id              1 
_diffrn_detector.detector               CCD 
_diffrn_detector.type                   CUSTOM-MADE 
_diffrn_detector.pdbx_collection_date   2001-11-28 
_diffrn_detector.details                ? 
# 
_diffrn_radiation.diffrn_id                        1 
_diffrn_radiation.wavelength_id                    1 
_diffrn_radiation.pdbx_monochromatic_or_laue_m_l   M 
_diffrn_radiation.monochromator                    ? 
_diffrn_radiation.pdbx_diffrn_protocol             'SINGLE WAVELENGTH' 
_diffrn_radiation.pdbx_scattering_type             x-ray 
# 
_diffrn_radiation_wavelength.id           1 
_diffrn_radiation_wavelength.wavelength   1.0395 
_diffrn_radiation_wavelength.wt           1.0 
# 
_diffrn_source.diffrn_id                   1 
_diffrn_source.source                      SYNCHROTRON 
_diffrn_source.type                        'APS BEAMLINE 19-ID' 
_diffrn_source.pdbx_synchrotron_site       APS 
_diffrn_source.pdbx_synchrotron_beamline   19-ID 
_diffrn_source.pdbx_wavelength             ? 
_diffrn_source.pdbx_wavelength_list        1.0395 
# 
_reflns.entry_id                     1XPH 
_reflns.observed_criterion_sigma_F   ? 
_reflns.observed_criterion_sigma_I   0.0 
_reflns.d_resolution_high            1.41 
_reflns.d_resolution_low             31.4 
_reflns.number_all                   25340 
_reflns.number_obs                   25340 
_reflns.percent_possible_obs         97.5 
_reflns.pdbx_Rmerge_I_obs            ? 
_reflns.pdbx_Rsym_value              0.069 
_reflns.pdbx_netI_over_sigmaI        ? 
_reflns.B_iso_Wilson_estimate        ? 
_reflns.pdbx_redundancy              ? 
_reflns.R_free_details               ? 
_reflns.limit_h_max                  ? 
_reflns.limit_h_min                  ? 
_reflns.limit_k_max                  ? 
_reflns.limit_k_min                  ? 
_reflns.limit_l_max                  ? 
_reflns.limit_l_min                  ? 
_reflns.observed_criterion_F_max     ? 
_reflns.observed_criterion_F_min     ? 
_reflns.pdbx_chi_squared             ? 
_reflns.pdbx_scaling_rejects         ? 
_reflns.pdbx_diffrn_id               1 
_reflns.pdbx_ordinal                 1 
# 
_reflns_shell.d_res_high             1.41 
_reflns_shell.d_res_low              1.48 
_reflns_shell.percent_possible_all   99.2 
_reflns_shell.Rmerge_I_obs           ? 
_reflns_shell.pdbx_Rsym_value        0.222 
_reflns_shell.meanI_over_sigI_obs    5.6 
_reflns_shell.pdbx_redundancy        ? 
_reflns_shell.percent_possible_obs   ? 
_reflns_shell.number_unique_all      ? 
_reflns_shell.number_measured_all    ? 
_reflns_shell.number_measured_obs    ? 
_reflns_shell.number_unique_obs      ? 
_reflns_shell.pdbx_chi_squared       ? 
_reflns_shell.pdbx_diffrn_id         ? 
_reflns_shell.pdbx_ordinal           1 
# 
_refine.entry_id                                 1XPH 
_refine.ls_number_reflns_obs                     23999 
_refine.ls_number_reflns_all                     ? 
_refine.pdbx_ls_sigma_I                          ? 
_refine.pdbx_ls_sigma_F                          ? 
_refine.pdbx_data_cutoff_high_absF               ? 
_refine.pdbx_data_cutoff_low_absF                ? 
_refine.pdbx_data_cutoff_high_rms_absF           ? 
_refine.ls_d_res_low                             31.4 
_refine.ls_d_res_high                            1.41 
_refine.ls_percent_reflns_obs                    97.60 
_refine.ls_R_factor_obs                          0.17698 
_refine.ls_R_factor_all                          ? 
_refine.ls_R_factor_R_work                       0.17613 
_refine.ls_R_factor_R_free                       0.19295 
_refine.ls_R_factor_R_free_error                 ? 
_refine.ls_R_factor_R_free_error_details         ? 
_refine.ls_percent_reflns_R_free                 5.1 
_refine.ls_number_reflns_R_free                  1290 
_refine.ls_number_parameters                     ? 
_refine.ls_number_restraints                     ? 
_refine.occupancy_min                            ? 
_refine.occupancy_max                            ? 
_refine.correlation_coeff_Fo_to_Fc               0.954 
_refine.correlation_coeff_Fo_to_Fc_free          0.949 
_refine.B_iso_mean                               11.071 
_refine.aniso_B[1][1]                            0.18 
_refine.aniso_B[2][2]                            -0.28 
_refine.aniso_B[3][3]                            0.09 
_refine.aniso_B[1][2]                            0.00 
_refine.aniso_B[1][3]                            0.00 
_refine.aniso_B[2][3]                            0.00 
_refine.solvent_model_details                    'BABINET MODEL WITH MASK' 
_refine.solvent_model_param_ksol                 ? 
_refine.solvent_model_param_bsol                 ? 
_refine.pdbx_solvent_vdw_probe_radii             1.40 
_refine.pdbx_solvent_ion_probe_radii             0.80 
_refine.pdbx_solvent_shrinkage_radii             0.80 
_refine.pdbx_ls_cross_valid_method               THROUGHOUT 
_refine.details                                  'HYDROGENS HAVE BEEN ADDED IN THE RIDING POSITIONS' 
_refine.pdbx_starting_model                      'PDB ENTRY 1K9J' 
_refine.pdbx_method_to_determine_struct          'MOLECULAR REPLACEMENT' 
_refine.pdbx_isotropic_thermal_model             ? 
_refine.pdbx_stereochemistry_target_values       'MAXIMUM LIKELIHOOD' 
_refine.pdbx_stereochem_target_val_spec_case     ? 
_refine.pdbx_R_Free_selection_details            RANDOM 
_refine.pdbx_overall_ESU_R                       0.065 
_refine.pdbx_overall_ESU_R_Free                  0.064 
_refine.overall_SU_ML                            0.035 
_refine.overall_SU_B                             0.858 
_refine.ls_redundancy_reflns_obs                 ? 
_refine.B_iso_min                                ? 
_refine.B_iso_max                                ? 
_refine.overall_SU_R_Cruickshank_DPI             ? 
_refine.overall_SU_R_free                        ? 
_refine.ls_wR_factor_R_free                      ? 
_refine.ls_wR_factor_R_work                      ? 
_refine.overall_FOM_free_R_set                   ? 
_refine.overall_FOM_work_R_set                   ? 
_refine.pdbx_refine_id                           'X-RAY DIFFRACTION' 
_refine.pdbx_diffrn_id                           1 
_refine.pdbx_TLS_residual_ADP_flag               ? 
_refine.pdbx_overall_phase_error                 ? 
_refine.pdbx_overall_SU_R_free_Cruickshank_DPI   ? 
_refine.pdbx_overall_SU_R_Blow_DPI               ? 
_refine.pdbx_overall_SU_R_free_Blow_DPI          ? 
# 
_refine_hist.pdbx_refine_id                   'X-RAY DIFFRACTION' 
_refine_hist.cycle_id                         LAST 
_refine_hist.pdbx_number_atoms_protein        1141 
_refine_hist.pdbx_number_atoms_nucleic_acid   0 
_refine_hist.pdbx_number_atoms_ligand         1 
_refine_hist.number_atoms_solvent             103 
_refine_hist.number_atoms_total               1245 
_refine_hist.d_res_high                       1.41 
_refine_hist.d_res_low                        31.4 
# 
loop_
_refine_ls_restr.type 
_refine_ls_restr.dev_ideal 
_refine_ls_restr.dev_ideal_target 
_refine_ls_restr.weight 
_refine_ls_restr.number 
_refine_ls_restr.pdbx_refine_id 
_refine_ls_restr.pdbx_restraint_function 
r_bond_refined_d         0.015 0.021 ? 1174 'X-RAY DIFFRACTION' ? 
r_bond_other_d           0.003 0.020 ? 931  'X-RAY DIFFRACTION' ? 
r_angle_refined_deg      1.366 1.880 ? 1591 'X-RAY DIFFRACTION' ? 
r_angle_other_deg        0.828 3.000 ? 2166 'X-RAY DIFFRACTION' ? 
r_dihedral_angle_1_deg   6.490 5.000 ? 137  'X-RAY DIFFRACTION' ? 
r_dihedral_angle_2_deg   ?     ?     ? ?    'X-RAY DIFFRACTION' ? 
r_dihedral_angle_3_deg   ?     ?     ? ?    'X-RAY DIFFRACTION' ? 
r_dihedral_angle_4_deg   ?     ?     ? ?    'X-RAY DIFFRACTION' ? 
r_chiral_restr           0.084 0.200 ? 150  'X-RAY DIFFRACTION' ? 
r_gen_planes_refined     0.006 0.020 ? 1351 'X-RAY DIFFRACTION' ? 
r_gen_planes_other       0.002 0.020 ? 270  'X-RAY DIFFRACTION' ? 
r_nbd_refined            0.319 0.200 ? 256  'X-RAY DIFFRACTION' ? 
r_nbd_other              0.250 0.200 ? 1149 'X-RAY DIFFRACTION' ? 
r_nbtor_refined          ?     ?     ? ?    'X-RAY DIFFRACTION' ? 
r_nbtor_other            0.082 0.200 ? 618  'X-RAY DIFFRACTION' ? 
r_xyhbond_nbd_refined    0.141 0.200 ? 44   'X-RAY DIFFRACTION' ? 
r_xyhbond_nbd_other      ?     ?     ? ?    'X-RAY DIFFRACTION' ? 
r_metal_ion_refined      ?     ?     ? ?    'X-RAY DIFFRACTION' ? 
r_metal_ion_other        ?     ?     ? ?    'X-RAY DIFFRACTION' ? 
r_symmetry_vdw_refined   0.203 0.200 ? 7    'X-RAY DIFFRACTION' ? 
r_symmetry_vdw_other     0.367 0.200 ? 37   'X-RAY DIFFRACTION' ? 
r_symmetry_hbond_refined 0.119 0.200 ? 11   'X-RAY DIFFRACTION' ? 
r_symmetry_hbond_other   ?     ?     ? ?    'X-RAY DIFFRACTION' ? 
r_mcbond_it              0.964 1.500 ? 689  'X-RAY DIFFRACTION' ? 
r_mcbond_other           ?     ?     ? ?    'X-RAY DIFFRACTION' ? 
r_mcangle_it             1.795 2.000 ? 1100 'X-RAY DIFFRACTION' ? 
r_scbond_it              2.491 3.000 ? 485  'X-RAY DIFFRACTION' ? 
r_scangle_it             3.975 4.500 ? 491  'X-RAY DIFFRACTION' ? 
r_rigid_bond_restr       ?     ?     ? ?    'X-RAY DIFFRACTION' ? 
r_sphericity_free        ?     ?     ? ?    'X-RAY DIFFRACTION' ? 
r_sphericity_bonded      ?     ?     ? ?    'X-RAY DIFFRACTION' ? 
# 
_refine_ls_shell.pdbx_total_number_of_bins_used   20 
_refine_ls_shell.d_res_high                       1.41 
_refine_ls_shell.d_res_low                        1.448 
_refine_ls_shell.number_reflns_R_work             1759 
_refine_ls_shell.R_factor_R_work                  0.192 
_refine_ls_shell.percent_reflns_obs               ? 
_refine_ls_shell.R_factor_R_free                  0.197 
_refine_ls_shell.R_factor_R_free_error            ? 
_refine_ls_shell.percent_reflns_R_free            ? 
_refine_ls_shell.number_reflns_R_free             113 
_refine_ls_shell.number_reflns_obs                ? 
_refine_ls_shell.redundancy_reflns_obs            ? 
_refine_ls_shell.number_reflns_all                ? 
_refine_ls_shell.pdbx_refine_id                   'X-RAY DIFFRACTION' 
_refine_ls_shell.R_factor_all                     ? 
# 
_struct.entry_id                  1XPH 
_struct.title                     'Structure of DC-SIGNR and a portion of repeat domain 8' 
_struct.pdbx_model_details        ? 
_struct.pdbx_CASP_flag            ? 
_struct.pdbx_model_type_details   ? 
# 
_struct_keywords.entry_id        1XPH 
_struct_keywords.pdbx_keywords   'IMMUNE SYSTEM, SUGAR BINDING PROTEIN' 
_struct_keywords.text            
'C-type lectin, carbohydrate recognition domain, repeat domain, IMMUNE SYSTEM, SUGAR BINDING PROTEIN' 
# 
loop_
_struct_asym.id 
_struct_asym.pdbx_blank_PDB_chainid_flag 
_struct_asym.pdbx_modified 
_struct_asym.entity_id 
_struct_asym.details 
A N N 1 ? 
B N N 2 ? 
C N N 3 ? 
# 
_struct_ref.id                         1 
_struct_ref.db_name                    UNP 
_struct_ref.db_code                    209L1_HUMAN 
_struct_ref.entity_id                  1 
_struct_ref.pdbx_seq_one_letter_code   
;IYQELTDLKTAFERLCRHCPKDWTFFQGNCYFMSNSQRNWHDSVTACQEVRAQLVVIKTAEEQNFLQLQTSRSNRFSWMG
LSDLNQEGTWQWVDGSPLSPSFQRYWNSGEPNNSGNEDCAEFSGSGWNDNRCDVDNYWICKKPAACFRDE
;
_struct_ref.pdbx_align_begin           250 
_struct_ref.pdbx_db_accession          Q9H2X3 
_struct_ref.pdbx_db_isoform            ? 
# 
_struct_ref_seq.align_id                      1 
_struct_ref_seq.ref_id                        1 
_struct_ref_seq.pdbx_PDB_id_code              1XPH 
_struct_ref_seq.pdbx_strand_id                A 
_struct_ref_seq.seq_align_beg                 1 
_struct_ref_seq.pdbx_seq_align_beg_ins_code   ? 
_struct_ref_seq.seq_align_end                 150 
_struct_ref_seq.pdbx_seq_align_end_ins_code   ? 
_struct_ref_seq.pdbx_db_accession             Q9H2X3 
_struct_ref_seq.db_align_beg                  250 
_struct_ref_seq.pdbx_db_align_beg_ins_code    ? 
_struct_ref_seq.db_align_end                  399 
_struct_ref_seq.pdbx_db_align_end_ins_code    ? 
_struct_ref_seq.pdbx_auth_seq_align_beg       250 
_struct_ref_seq.pdbx_auth_seq_align_end       399 
# 
_pdbx_struct_assembly.id                   1 
_pdbx_struct_assembly.details              author_defined_assembly 
_pdbx_struct_assembly.method_details       ? 
_pdbx_struct_assembly.oligomeric_details   monomeric 
_pdbx_struct_assembly.oligomeric_count     1 
# 
_pdbx_struct_assembly_gen.assembly_id       1 
_pdbx_struct_assembly_gen.oper_expression   1 
_pdbx_struct_assembly_gen.asym_id_list      A,B,C 
# 
_pdbx_struct_oper_list.id                   1 
_pdbx_struct_oper_list.type                 'identity operation' 
_pdbx_struct_oper_list.name                 1_555 
_pdbx_struct_oper_list.symmetry_operation   x,y,z 
_pdbx_struct_oper_list.matrix[1][1]         1.0000000000 
_pdbx_struct_oper_list.matrix[1][2]         0.0000000000 
_pdbx_struct_oper_list.matrix[1][3]         0.0000000000 
_pdbx_struct_oper_list.vector[1]            0.0000000000 
_pdbx_struct_oper_list.matrix[2][1]         0.0000000000 
_pdbx_struct_oper_list.matrix[2][2]         1.0000000000 
_pdbx_struct_oper_list.matrix[2][3]         0.0000000000 
_pdbx_struct_oper_list.vector[2]            0.0000000000 
_pdbx_struct_oper_list.matrix[3][1]         0.0000000000 
_pdbx_struct_oper_list.matrix[3][2]         0.0000000000 
_pdbx_struct_oper_list.matrix[3][3]         1.0000000000 
_pdbx_struct_oper_list.vector[3]            0.0000000000 
# 
_struct_biol.id                    1 
_struct_biol.pdbx_parent_biol_id   ? 
_struct_biol.details               ? 
# 
loop_
_struct_conf.conf_type_id 
_struct_conf.id 
_struct_conf.pdbx_PDB_helix_id 
_struct_conf.beg_label_comp_id 
_struct_conf.beg_label_asym_id 
_struct_conf.beg_label_seq_id 
_struct_conf.pdbx_beg_PDB_ins_code 
_struct_conf.end_label_comp_id 
_struct_conf.end_label_asym_id 
_struct_conf.end_label_seq_id 
_struct_conf.pdbx_end_PDB_ins_code 
_struct_conf.beg_auth_comp_id 
_struct_conf.beg_auth_asym_id 
_struct_conf.beg_auth_seq_id 
_struct_conf.end_auth_comp_id 
_struct_conf.end_auth_asym_id 
_struct_conf.end_auth_seq_id 
_struct_conf.pdbx_PDB_helix_class 
_struct_conf.details 
_struct_conf.pdbx_PDB_helix_length 
HELX_P HELX_P1 1 PHE A 12 ? CYS A 16  ? PHE A 261 CYS A 265 5 ? 5  
HELX_P HELX_P2 2 ASN A 39 ? VAL A 50  ? ASN A 288 VAL A 299 1 ? 12 
HELX_P HELX_P3 3 THR A 59 ? ASN A 74  ? THR A 308 ASN A 323 1 ? 16 
HELX_P HELX_P4 4 SER A 99 ? TRP A 106 ? SER A 348 TRP A 355 5 ? 8  
# 
_struct_conf_type.id          HELX_P 
_struct_conf_type.criteria    ? 
_struct_conf_type.reference   ? 
# 
loop_
_struct_conn.id 
_struct_conn.conn_type_id 
_struct_conn.pdbx_leaving_atom_flag 
_struct_conn.pdbx_PDB_id 
_struct_conn.ptnr1_label_asym_id 
_struct_conn.ptnr1_label_comp_id 
_struct_conn.ptnr1_label_seq_id 
_struct_conn.ptnr1_label_atom_id 
_struct_conn.pdbx_ptnr1_label_alt_id 
_struct_conn.pdbx_ptnr1_PDB_ins_code 
_struct_conn.pdbx_ptnr1_standard_comp_id 
_struct_conn.ptnr1_symmetry 
_struct_conn.ptnr2_label_asym_id 
_struct_conn.ptnr2_label_comp_id 
_struct_conn.ptnr2_label_seq_id 
_struct_conn.ptnr2_label_atom_id 
_struct_conn.pdbx_ptnr2_label_alt_id 
_struct_conn.pdbx_ptnr2_PDB_ins_code 
_struct_conn.ptnr1_auth_asym_id 
_struct_conn.ptnr1_auth_comp_id 
_struct_conn.ptnr1_auth_seq_id 
_struct_conn.ptnr2_auth_asym_id 
_struct_conn.ptnr2_auth_comp_id 
_struct_conn.ptnr2_auth_seq_id 
_struct_conn.ptnr2_symmetry 
_struct_conn.pdbx_ptnr3_label_atom_id 
_struct_conn.pdbx_ptnr3_label_seq_id 
_struct_conn.pdbx_ptnr3_label_comp_id 
_struct_conn.pdbx_ptnr3_label_asym_id 
_struct_conn.pdbx_ptnr3_label_alt_id 
_struct_conn.pdbx_ptnr3_PDB_ins_code 
_struct_conn.details 
_struct_conn.pdbx_dist_value 
_struct_conn.pdbx_value_order 
_struct_conn.pdbx_role 
disulf1 disulf ? ? A CYS 16  SG  ? ? ? 1_555 A CYS 146 SG ? ? A CYS 265 A CYS 395 1_555 ? ? ? ? ? ? ? 2.050 ? ? 
disulf2 disulf ? ? A CYS 19  SG  ? ? ? 1_555 A CYS 30  SG ? ? A CYS 268 A CYS 279 1_555 ? ? ? ? ? ? ? 2.051 ? ? 
disulf3 disulf ? ? A CYS 47  SG  ? ? ? 1_555 A CYS 140 SG ? ? A CYS 296 A CYS 389 1_555 ? ? ? ? ? ? ? 2.104 ? ? 
disulf4 disulf ? ? A CYS 119 SG  ? ? ? 1_555 A CYS 132 SG ? ? A CYS 368 A CYS 381 1_555 ? ? ? ? ? ? ? 2.037 ? ? 
metalc1 metalc ? ? C HOH .   O   ? ? ? 1_555 B CA  .   CA ? ? A HOH 19  A CA  402 1_555 ? ? ? ? ? ? ? 2.038 ? ? 
metalc2 metalc ? ? A GLU 110 OE1 ? ? ? 1_555 B CA  .   CA ? ? A GLU 359 A CA  402 1_555 ? ? ? ? ? ? ? 3.374 ? ? 
metalc3 metalc ? ? A GLU 110 OE2 ? ? ? 1_555 B CA  .   CA ? ? A GLU 359 A CA  402 1_555 ? ? ? ? ? ? ? 2.142 ? ? 
metalc4 metalc ? ? A ASN 112 OD1 ? ? ? 1_555 B CA  .   CA ? ? A ASN 361 A CA  402 1_555 ? ? ? ? ? ? ? 2.044 ? ? 
metalc5 metalc ? ? A GLU 117 OE1 ? ? ? 1_555 B CA  .   CA ? ? A GLU 366 A CA  402 1_555 ? ? ? ? ? ? ? 2.030 ? ? 
metalc6 metalc ? ? A ASP 129 O   ? ? ? 1_555 B CA  .   CA ? ? A ASP 378 A CA  402 1_555 ? ? ? ? ? ? ? 2.100 ? ? 
metalc7 metalc ? ? A ASP 129 OD1 ? ? ? 1_555 B CA  .   CA ? ? A ASP 378 A CA  402 1_555 ? ? ? ? ? ? ? 2.024 ? ? 
# 
loop_
_struct_conn_type.id 
_struct_conn_type.criteria 
_struct_conn_type.reference 
disulf ? ? 
metalc ? ? 
# 
loop_
_pdbx_struct_conn_angle.id 
_pdbx_struct_conn_angle.ptnr1_label_atom_id 
_pdbx_struct_conn_angle.ptnr1_label_alt_id 
_pdbx_struct_conn_angle.ptnr1_label_asym_id 
_pdbx_struct_conn_angle.ptnr1_label_comp_id 
_pdbx_struct_conn_angle.ptnr1_label_seq_id 
_pdbx_struct_conn_angle.ptnr1_auth_atom_id 
_pdbx_struct_conn_angle.ptnr1_auth_asym_id 
_pdbx_struct_conn_angle.ptnr1_auth_comp_id 
_pdbx_struct_conn_angle.ptnr1_auth_seq_id 
_pdbx_struct_conn_angle.ptnr1_PDB_ins_code 
_pdbx_struct_conn_angle.ptnr1_symmetry 
_pdbx_struct_conn_angle.ptnr2_label_atom_id 
_pdbx_struct_conn_angle.ptnr2_label_alt_id 
_pdbx_struct_conn_angle.ptnr2_label_asym_id 
_pdbx_struct_conn_angle.ptnr2_label_comp_id 
_pdbx_struct_conn_angle.ptnr2_label_seq_id 
_pdbx_struct_conn_angle.ptnr2_auth_atom_id 
_pdbx_struct_conn_angle.ptnr2_auth_asym_id 
_pdbx_struct_conn_angle.ptnr2_auth_comp_id 
_pdbx_struct_conn_angle.ptnr2_auth_seq_id 
_pdbx_struct_conn_angle.ptnr2_PDB_ins_code 
_pdbx_struct_conn_angle.ptnr2_symmetry 
_pdbx_struct_conn_angle.ptnr3_label_atom_id 
_pdbx_struct_conn_angle.ptnr3_label_alt_id 
_pdbx_struct_conn_angle.ptnr3_label_asym_id 
_pdbx_struct_conn_angle.ptnr3_label_comp_id 
_pdbx_struct_conn_angle.ptnr3_label_seq_id 
_pdbx_struct_conn_angle.ptnr3_auth_atom_id 
_pdbx_struct_conn_angle.ptnr3_auth_asym_id 
_pdbx_struct_conn_angle.ptnr3_auth_comp_id 
_pdbx_struct_conn_angle.ptnr3_auth_seq_id 
_pdbx_struct_conn_angle.ptnr3_PDB_ins_code 
_pdbx_struct_conn_angle.ptnr3_symmetry 
_pdbx_struct_conn_angle.value 
_pdbx_struct_conn_angle.value_esd 
1  O   ? C HOH .   ? A HOH 19  ? 1_555 CA ? B CA . ? A CA 402 ? 1_555 OE1 ? A GLU 110 ? A GLU 359 ? 1_555 51.8  ? 
2  O   ? C HOH .   ? A HOH 19  ? 1_555 CA ? B CA . ? A CA 402 ? 1_555 OE2 ? A GLU 110 ? A GLU 359 ? 1_555 88.0  ? 
3  OE1 ? A GLU 110 ? A GLU 359 ? 1_555 CA ? B CA . ? A CA 402 ? 1_555 OE2 ? A GLU 110 ? A GLU 359 ? 1_555 40.6  ? 
4  O   ? C HOH .   ? A HOH 19  ? 1_555 CA ? B CA . ? A CA 402 ? 1_555 OD1 ? A ASN 112 ? A ASN 361 ? 1_555 90.7  ? 
5  OE1 ? A GLU 110 ? A GLU 359 ? 1_555 CA ? B CA . ? A CA 402 ? 1_555 OD1 ? A ASN 112 ? A ASN 361 ? 1_555 71.8  ? 
6  OE2 ? A GLU 110 ? A GLU 359 ? 1_555 CA ? B CA . ? A CA 402 ? 1_555 OD1 ? A ASN 112 ? A ASN 361 ? 1_555 85.9  ? 
7  O   ? C HOH .   ? A HOH 19  ? 1_555 CA ? B CA . ? A CA 402 ? 1_555 OE1 ? A GLU 117 ? A GLU 366 ? 1_555 96.7  ? 
8  OE1 ? A GLU 110 ? A GLU 359 ? 1_555 CA ? B CA . ? A CA 402 ? 1_555 OE1 ? A GLU 117 ? A GLU 366 ? 1_555 141.8 ? 
9  OE2 ? A GLU 110 ? A GLU 359 ? 1_555 CA ? B CA . ? A CA 402 ? 1_555 OE1 ? A GLU 117 ? A GLU 366 ? 1_555 173.9 ? 
10 OD1 ? A ASN 112 ? A ASN 361 ? 1_555 CA ? B CA . ? A CA 402 ? 1_555 OE1 ? A GLU 117 ? A GLU 366 ? 1_555 90.2  ? 
11 O   ? C HOH .   ? A HOH 19  ? 1_555 CA ? B CA . ? A CA 402 ? 1_555 O   ? A ASP 129 ? A ASP 378 ? 1_555 88.6  ? 
12 OE1 ? A GLU 110 ? A GLU 359 ? 1_555 CA ? B CA . ? A CA 402 ? 1_555 O   ? A ASP 129 ? A ASP 378 ? 1_555 110.8 ? 
13 OE2 ? A GLU 110 ? A GLU 359 ? 1_555 CA ? B CA . ? A CA 402 ? 1_555 O   ? A ASP 129 ? A ASP 378 ? 1_555 98.2  ? 
14 OD1 ? A ASN 112 ? A ASN 361 ? 1_555 CA ? B CA . ? A CA 402 ? 1_555 O   ? A ASP 129 ? A ASP 378 ? 1_555 175.8 ? 
15 OE1 ? A GLU 117 ? A GLU 366 ? 1_555 CA ? B CA . ? A CA 402 ? 1_555 O   ? A ASP 129 ? A ASP 378 ? 1_555 85.7  ? 
16 O   ? C HOH .   ? A HOH 19  ? 1_555 CA ? B CA . ? A CA 402 ? 1_555 OD1 ? A ASP 129 ? A ASP 378 ? 1_555 168.5 ? 
17 OE1 ? A GLU 110 ? A GLU 359 ? 1_555 CA ? B CA . ? A CA 402 ? 1_555 OD1 ? A ASP 129 ? A ASP 378 ? 1_555 120.5 ? 
18 OE2 ? A GLU 110 ? A GLU 359 ? 1_555 CA ? B CA . ? A CA 402 ? 1_555 OD1 ? A ASP 129 ? A ASP 378 ? 1_555 82.1  ? 
19 OD1 ? A ASN 112 ? A ASN 361 ? 1_555 CA ? B CA . ? A CA 402 ? 1_555 OD1 ? A ASP 129 ? A ASP 378 ? 1_555 94.5  ? 
20 OE1 ? A GLU 117 ? A GLU 366 ? 1_555 CA ? B CA . ? A CA 402 ? 1_555 OD1 ? A ASP 129 ? A ASP 378 ? 1_555 93.6  ? 
21 O   ? A ASP 129 ? A ASP 378 ? 1_555 CA ? B CA . ? A CA 402 ? 1_555 OD1 ? A ASP 129 ? A ASP 378 ? 1_555 87.0  ? 
# 
loop_
_pdbx_modification_feature.ordinal 
_pdbx_modification_feature.label_comp_id 
_pdbx_modification_feature.label_asym_id 
_pdbx_modification_feature.label_seq_id 
_pdbx_modification_feature.label_alt_id 
_pdbx_modification_feature.modified_residue_label_comp_id 
_pdbx_modification_feature.modified_residue_label_asym_id 
_pdbx_modification_feature.modified_residue_label_seq_id 
_pdbx_modification_feature.modified_residue_label_alt_id 
_pdbx_modification_feature.auth_comp_id 
_pdbx_modification_feature.auth_asym_id 
_pdbx_modification_feature.auth_seq_id 
_pdbx_modification_feature.PDB_ins_code 
_pdbx_modification_feature.symmetry 
_pdbx_modification_feature.modified_residue_auth_comp_id 
_pdbx_modification_feature.modified_residue_auth_asym_id 
_pdbx_modification_feature.modified_residue_auth_seq_id 
_pdbx_modification_feature.modified_residue_PDB_ins_code 
_pdbx_modification_feature.modified_residue_symmetry 
_pdbx_modification_feature.comp_id_linking_atom 
_pdbx_modification_feature.modified_residue_id_linking_atom 
_pdbx_modification_feature.modified_residue_id 
_pdbx_modification_feature.ref_pcm_id 
_pdbx_modification_feature.ref_comp_id 
_pdbx_modification_feature.type 
_pdbx_modification_feature.category 
1 CYS A 16  ? CYS A 146 ? CYS A 265 ? 1_555 CYS A 395 ? 1_555 SG SG . . . None 'Disulfide bridge' 
2 CYS A 19  ? CYS A 30  ? CYS A 268 ? 1_555 CYS A 279 ? 1_555 SG SG . . . None 'Disulfide bridge' 
3 CYS A 47  ? CYS A 140 ? CYS A 296 ? 1_555 CYS A 389 ? 1_555 SG SG . . . None 'Disulfide bridge' 
4 CYS A 119 ? CYS A 132 ? CYS A 368 ? 1_555 CYS A 381 ? 1_555 SG SG . . . None 'Disulfide bridge' 
# 
_struct_mon_prot_cis.pdbx_id                1 
_struct_mon_prot_cis.label_comp_id          GLU 
_struct_mon_prot_cis.label_seq_id           110 
_struct_mon_prot_cis.label_asym_id          A 
_struct_mon_prot_cis.label_alt_id           . 
_struct_mon_prot_cis.pdbx_PDB_ins_code      ? 
_struct_mon_prot_cis.auth_comp_id           GLU 
_struct_mon_prot_cis.auth_seq_id            359 
_struct_mon_prot_cis.auth_asym_id           A 
_struct_mon_prot_cis.pdbx_label_comp_id_2   PRO 
_struct_mon_prot_cis.pdbx_label_seq_id_2    111 
_struct_mon_prot_cis.pdbx_label_asym_id_2   A 
_struct_mon_prot_cis.pdbx_PDB_ins_code_2    ? 
_struct_mon_prot_cis.pdbx_auth_comp_id_2    PRO 
_struct_mon_prot_cis.pdbx_auth_seq_id_2     360 
_struct_mon_prot_cis.pdbx_auth_asym_id_2    A 
_struct_mon_prot_cis.pdbx_PDB_model_num     1 
_struct_mon_prot_cis.pdbx_omega_angle       -7.84 
# 
loop_
_struct_sheet.id 
_struct_sheet.type 
_struct_sheet.number_strands 
_struct_sheet.details 
A ? 5 ? 
B ? 5 ? 
# 
loop_
_struct_sheet_order.sheet_id 
_struct_sheet_order.range_id_1 
_struct_sheet_order.range_id_2 
_struct_sheet_order.offset 
_struct_sheet_order.sense 
A 1 2 ? anti-parallel 
A 2 3 ? anti-parallel 
A 3 4 ? parallel      
A 4 5 ? anti-parallel 
B 1 2 ? anti-parallel 
B 2 3 ? parallel      
B 3 4 ? anti-parallel 
B 4 5 ? anti-parallel 
# 
loop_
_struct_sheet_range.sheet_id 
_struct_sheet_range.id 
_struct_sheet_range.beg_label_comp_id 
_struct_sheet_range.beg_label_asym_id 
_struct_sheet_range.beg_label_seq_id 
_struct_sheet_range.pdbx_beg_PDB_ins_code 
_struct_sheet_range.end_label_comp_id 
_struct_sheet_range.end_label_asym_id 
_struct_sheet_range.end_label_seq_id 
_struct_sheet_range.pdbx_end_PDB_ins_code 
_struct_sheet_range.beg_auth_comp_id 
_struct_sheet_range.beg_auth_asym_id 
_struct_sheet_range.beg_auth_seq_id 
_struct_sheet_range.end_auth_comp_id 
_struct_sheet_range.end_auth_asym_id 
_struct_sheet_range.end_auth_seq_id 
A 1 THR A 24  ? PHE A 26  ? THR A 273 PHE A 275 
A 2 ASN A 29  ? MET A 33  ? ASN A 278 MET A 282 
A 3 TYR A 137 ? PRO A 143 ? TYR A 386 PRO A 392 
A 4 SER A 77  ? SER A 82  ? SER A 326 SER A 331 
A 5 GLN A 91  ? TRP A 92  ? GLN A 340 TRP A 341 
B 1 GLN A 53  ? LEU A 54  ? GLN A 302 LEU A 303 
B 2 TYR A 137 ? PRO A 143 ? TYR A 386 PRO A 392 
B 3 SER A 77  ? SER A 82  ? SER A 326 SER A 331 
B 4 CYS A 119 ? SER A 123 ? CYS A 368 SER A 372 
B 5 GLY A 126 ? ASN A 130 ? GLY A 375 ASN A 379 
# 
loop_
_pdbx_struct_sheet_hbond.sheet_id 
_pdbx_struct_sheet_hbond.range_id_1 
_pdbx_struct_sheet_hbond.range_id_2 
_pdbx_struct_sheet_hbond.range_1_label_atom_id 
_pdbx_struct_sheet_hbond.range_1_label_comp_id 
_pdbx_struct_sheet_hbond.range_1_label_asym_id 
_pdbx_struct_sheet_hbond.range_1_label_seq_id 
_pdbx_struct_sheet_hbond.range_1_PDB_ins_code 
_pdbx_struct_sheet_hbond.range_1_auth_atom_id 
_pdbx_struct_sheet_hbond.range_1_auth_comp_id 
_pdbx_struct_sheet_hbond.range_1_auth_asym_id 
_pdbx_struct_sheet_hbond.range_1_auth_seq_id 
_pdbx_struct_sheet_hbond.range_2_label_atom_id 
_pdbx_struct_sheet_hbond.range_2_label_comp_id 
_pdbx_struct_sheet_hbond.range_2_label_asym_id 
_pdbx_struct_sheet_hbond.range_2_label_seq_id 
_pdbx_struct_sheet_hbond.range_2_PDB_ins_code 
_pdbx_struct_sheet_hbond.range_2_auth_atom_id 
_pdbx_struct_sheet_hbond.range_2_auth_comp_id 
_pdbx_struct_sheet_hbond.range_2_auth_asym_id 
_pdbx_struct_sheet_hbond.range_2_auth_seq_id 
A 1 2 N PHE A 26  ? N PHE A 275 O ASN A 29  ? O ASN A 278 
A 2 3 N CYS A 30  ? N CYS A 279 O LYS A 142 ? O LYS A 391 
A 3 4 O TYR A 137 ? O TYR A 386 N TRP A 78  ? N TRP A 327 
A 4 5 N SER A 82  ? N SER A 331 O GLN A 91  ? O GLN A 340 
B 1 2 N GLN A 53  ? N GLN A 302 O LYS A 141 ? O LYS A 390 
B 2 3 O TYR A 137 ? O TYR A 386 N TRP A 78  ? N TRP A 327 
B 3 4 N SER A 77  ? N SER A 326 O PHE A 122 ? O PHE A 371 
B 4 5 N SER A 123 ? N SER A 372 O GLY A 126 ? O GLY A 375 
# 
_struct_site.id                   AC1 
_struct_site.pdbx_evidence_code   Software 
_struct_site.pdbx_auth_asym_id    A 
_struct_site.pdbx_auth_comp_id    CA 
_struct_site.pdbx_auth_seq_id     402 
_struct_site.pdbx_auth_ins_code   ? 
_struct_site.pdbx_num_residues    5 
_struct_site.details              'BINDING SITE FOR RESIDUE CA A 402' 
# 
loop_
_struct_site_gen.id 
_struct_site_gen.site_id 
_struct_site_gen.pdbx_num_res 
_struct_site_gen.label_comp_id 
_struct_site_gen.label_asym_id 
_struct_site_gen.label_seq_id 
_struct_site_gen.pdbx_auth_ins_code 
_struct_site_gen.auth_comp_id 
_struct_site_gen.auth_asym_id 
_struct_site_gen.auth_seq_id 
_struct_site_gen.label_atom_id 
_struct_site_gen.label_alt_id 
_struct_site_gen.symmetry 
_struct_site_gen.details 
1 AC1 5 HOH C .   ? HOH A 19  . ? 1_555 ? 
2 AC1 5 GLU A 110 ? GLU A 359 . ? 1_555 ? 
3 AC1 5 ASN A 112 ? ASN A 361 . ? 1_555 ? 
4 AC1 5 GLU A 117 ? GLU A 366 . ? 1_555 ? 
5 AC1 5 ASP A 129 ? ASP A 378 . ? 1_555 ? 
# 
_pdbx_entry_details.entry_id                   1XPH 
_pdbx_entry_details.compound_details           ? 
_pdbx_entry_details.source_details             ? 
_pdbx_entry_details.nonpolymer_details         ? 
_pdbx_entry_details.sequence_details           ? 
_pdbx_entry_details.has_ligand_of_interest     ? 
_pdbx_entry_details.has_protein_modification   Y 
# 
_pdbx_validate_rmsd_bond.id                        1 
_pdbx_validate_rmsd_bond.PDB_model_num             1 
_pdbx_validate_rmsd_bond.auth_atom_id_1            CG 
_pdbx_validate_rmsd_bond.auth_asym_id_1            A 
_pdbx_validate_rmsd_bond.auth_comp_id_1            ASP 
_pdbx_validate_rmsd_bond.auth_seq_id_1             398 
_pdbx_validate_rmsd_bond.PDB_ins_code_1            ? 
_pdbx_validate_rmsd_bond.label_alt_id_1            ? 
_pdbx_validate_rmsd_bond.auth_atom_id_2            OD2 
_pdbx_validate_rmsd_bond.auth_asym_id_2            A 
_pdbx_validate_rmsd_bond.auth_comp_id_2            ASP 
_pdbx_validate_rmsd_bond.auth_seq_id_2             398 
_pdbx_validate_rmsd_bond.PDB_ins_code_2            ? 
_pdbx_validate_rmsd_bond.label_alt_id_2            ? 
_pdbx_validate_rmsd_bond.bond_value                1.101 
_pdbx_validate_rmsd_bond.bond_target_value         1.249 
_pdbx_validate_rmsd_bond.bond_deviation            -0.148 
_pdbx_validate_rmsd_bond.bond_standard_deviation   0.023 
_pdbx_validate_rmsd_bond.linker_flag               N 
# 
loop_
_pdbx_validate_rmsd_angle.id 
_pdbx_validate_rmsd_angle.PDB_model_num 
_pdbx_validate_rmsd_angle.auth_atom_id_1 
_pdbx_validate_rmsd_angle.auth_asym_id_1 
_pdbx_validate_rmsd_angle.auth_comp_id_1 
_pdbx_validate_rmsd_angle.auth_seq_id_1 
_pdbx_validate_rmsd_angle.PDB_ins_code_1 
_pdbx_validate_rmsd_angle.label_alt_id_1 
_pdbx_validate_rmsd_angle.auth_atom_id_2 
_pdbx_validate_rmsd_angle.auth_asym_id_2 
_pdbx_validate_rmsd_angle.auth_comp_id_2 
_pdbx_validate_rmsd_angle.auth_seq_id_2 
_pdbx_validate_rmsd_angle.PDB_ins_code_2 
_pdbx_validate_rmsd_angle.label_alt_id_2 
_pdbx_validate_rmsd_angle.auth_atom_id_3 
_pdbx_validate_rmsd_angle.auth_asym_id_3 
_pdbx_validate_rmsd_angle.auth_comp_id_3 
_pdbx_validate_rmsd_angle.auth_seq_id_3 
_pdbx_validate_rmsd_angle.PDB_ins_code_3 
_pdbx_validate_rmsd_angle.label_alt_id_3 
_pdbx_validate_rmsd_angle.angle_value 
_pdbx_validate_rmsd_angle.angle_target_value 
_pdbx_validate_rmsd_angle.angle_deviation 
_pdbx_validate_rmsd_angle.angle_standard_deviation 
_pdbx_validate_rmsd_angle.linker_flag 
1 1 CA  A MET 282 ? ? CB A MET 282 ? ? CG  A MET 282 ? ? 100.56 113.30 -12.74 1.70 N 
2 1 CG  A MET 282 ? ? SD A MET 282 ? B CE  A MET 282 ? B 121.95 100.20 21.75  1.60 N 
3 1 NE  A ARG 287 ? ? CZ A ARG 287 ? ? NH1 A ARG 287 ? ? 123.72 120.30 3.42   0.50 N 
4 1 NE  A ARG 287 ? ? CZ A ARG 287 ? ? NH2 A ARG 287 ? ? 117.03 120.30 -3.27  0.50 N 
5 1 CB  A ASP 398 ? ? CA A ASP 398 ? ? C   A ASP 398 ? ? 94.39  110.40 -16.01 2.00 N 
6 1 N   A ASP 398 ? ? CA A ASP 398 ? ? CB  A ASP 398 ? ? 124.63 110.60 14.03  1.80 N 
7 1 OD1 A ASP 398 ? ? CG A ASP 398 ? ? OD2 A ASP 398 ? ? 138.42 123.30 15.12  1.90 N 
8 1 CB  A ASP 398 ? ? CG A ASP 398 ? ? OD2 A ASP 398 ? ? 105.31 118.30 -12.99 0.90 N 
9 1 CA  A ASP 398 ? ? C  A ASP 398 ? ? O   A ASP 398 ? ? 92.68  120.10 -27.42 2.10 N 
# 
loop_
_pdbx_unobs_or_zero_occ_residues.id 
_pdbx_unobs_or_zero_occ_residues.PDB_model_num 
_pdbx_unobs_or_zero_occ_residues.polymer_flag 
_pdbx_unobs_or_zero_occ_residues.occupancy_flag 
_pdbx_unobs_or_zero_occ_residues.auth_asym_id 
_pdbx_unobs_or_zero_occ_residues.auth_comp_id 
_pdbx_unobs_or_zero_occ_residues.auth_seq_id 
_pdbx_unobs_or_zero_occ_residues.PDB_ins_code 
_pdbx_unobs_or_zero_occ_residues.label_asym_id 
_pdbx_unobs_or_zero_occ_residues.label_comp_id 
_pdbx_unobs_or_zero_occ_residues.label_seq_id 
1  1 Y 1 A ILE 250 ? A ILE 1   
2  1 Y 1 A TYR 251 ? A TYR 2   
3  1 Y 1 A GLN 252 ? A GLN 3   
4  1 Y 1 A GLU 253 ? A GLU 4   
5  1 Y 1 A LEU 254 ? A LEU 5   
6  1 Y 1 A THR 255 ? A THR 6   
7  1 Y 1 A ASP 256 ? A ASP 7   
8  1 Y 1 A LEU 257 ? A LEU 8   
9  1 Y 1 A LYS 258 ? A LYS 9   
10 1 Y 1 A THR 259 ? A THR 10  
11 1 Y 1 A GLU 399 ? A GLU 150 
# 
loop_
_chem_comp_atom.comp_id 
_chem_comp_atom.atom_id 
_chem_comp_atom.type_symbol 
_chem_comp_atom.pdbx_aromatic_flag 
_chem_comp_atom.pdbx_stereo_config 
_chem_comp_atom.pdbx_ordinal 
ALA N    N  N N 1   
ALA CA   C  N S 2   
ALA C    C  N N 3   
ALA O    O  N N 4   
ALA CB   C  N N 5   
ALA OXT  O  N N 6   
ALA H    H  N N 7   
ALA H2   H  N N 8   
ALA HA   H  N N 9   
ALA HB1  H  N N 10  
ALA HB2  H  N N 11  
ALA HB3  H  N N 12  
ALA HXT  H  N N 13  
ARG N    N  N N 14  
ARG CA   C  N S 15  
ARG C    C  N N 16  
ARG O    O  N N 17  
ARG CB   C  N N 18  
ARG CG   C  N N 19  
ARG CD   C  N N 20  
ARG NE   N  N N 21  
ARG CZ   C  N N 22  
ARG NH1  N  N N 23  
ARG NH2  N  N N 24  
ARG OXT  O  N N 25  
ARG H    H  N N 26  
ARG H2   H  N N 27  
ARG HA   H  N N 28  
ARG HB2  H  N N 29  
ARG HB3  H  N N 30  
ARG HG2  H  N N 31  
ARG HG3  H  N N 32  
ARG HD2  H  N N 33  
ARG HD3  H  N N 34  
ARG HE   H  N N 35  
ARG HH11 H  N N 36  
ARG HH12 H  N N 37  
ARG HH21 H  N N 38  
ARG HH22 H  N N 39  
ARG HXT  H  N N 40  
ASN N    N  N N 41  
ASN CA   C  N S 42  
ASN C    C  N N 43  
ASN O    O  N N 44  
ASN CB   C  N N 45  
ASN CG   C  N N 46  
ASN OD1  O  N N 47  
ASN ND2  N  N N 48  
ASN OXT  O  N N 49  
ASN H    H  N N 50  
ASN H2   H  N N 51  
ASN HA   H  N N 52  
ASN HB2  H  N N 53  
ASN HB3  H  N N 54  
ASN HD21 H  N N 55  
ASN HD22 H  N N 56  
ASN HXT  H  N N 57  
ASP N    N  N N 58  
ASP CA   C  N S 59  
ASP C    C  N N 60  
ASP O    O  N N 61  
ASP CB   C  N N 62  
ASP CG   C  N N 63  
ASP OD1  O  N N 64  
ASP OD2  O  N N 65  
ASP OXT  O  N N 66  
ASP H    H  N N 67  
ASP H2   H  N N 68  
ASP HA   H  N N 69  
ASP HB2  H  N N 70  
ASP HB3  H  N N 71  
ASP HD2  H  N N 72  
ASP HXT  H  N N 73  
CA  CA   CA N N 74  
CYS N    N  N N 75  
CYS CA   C  N R 76  
CYS C    C  N N 77  
CYS O    O  N N 78  
CYS CB   C  N N 79  
CYS SG   S  N N 80  
CYS OXT  O  N N 81  
CYS H    H  N N 82  
CYS H2   H  N N 83  
CYS HA   H  N N 84  
CYS HB2  H  N N 85  
CYS HB3  H  N N 86  
CYS HG   H  N N 87  
CYS HXT  H  N N 88  
GLN N    N  N N 89  
GLN CA   C  N S 90  
GLN C    C  N N 91  
GLN O    O  N N 92  
GLN CB   C  N N 93  
GLN CG   C  N N 94  
GLN CD   C  N N 95  
GLN OE1  O  N N 96  
GLN NE2  N  N N 97  
GLN OXT  O  N N 98  
GLN H    H  N N 99  
GLN H2   H  N N 100 
GLN HA   H  N N 101 
GLN HB2  H  N N 102 
GLN HB3  H  N N 103 
GLN HG2  H  N N 104 
GLN HG3  H  N N 105 
GLN HE21 H  N N 106 
GLN HE22 H  N N 107 
GLN HXT  H  N N 108 
GLU N    N  N N 109 
GLU CA   C  N S 110 
GLU C    C  N N 111 
GLU O    O  N N 112 
GLU CB   C  N N 113 
GLU CG   C  N N 114 
GLU CD   C  N N 115 
GLU OE1  O  N N 116 
GLU OE2  O  N N 117 
GLU OXT  O  N N 118 
GLU H    H  N N 119 
GLU H2   H  N N 120 
GLU HA   H  N N 121 
GLU HB2  H  N N 122 
GLU HB3  H  N N 123 
GLU HG2  H  N N 124 
GLU HG3  H  N N 125 
GLU HE2  H  N N 126 
GLU HXT  H  N N 127 
GLY N    N  N N 128 
GLY CA   C  N N 129 
GLY C    C  N N 130 
GLY O    O  N N 131 
GLY OXT  O  N N 132 
GLY H    H  N N 133 
GLY H2   H  N N 134 
GLY HA2  H  N N 135 
GLY HA3  H  N N 136 
GLY HXT  H  N N 137 
HIS N    N  N N 138 
HIS CA   C  N S 139 
HIS C    C  N N 140 
HIS O    O  N N 141 
HIS CB   C  N N 142 
HIS CG   C  Y N 143 
HIS ND1  N  Y N 144 
HIS CD2  C  Y N 145 
HIS CE1  C  Y N 146 
HIS NE2  N  Y N 147 
HIS OXT  O  N N 148 
HIS H    H  N N 149 
HIS H2   H  N N 150 
HIS HA   H  N N 151 
HIS HB2  H  N N 152 
HIS HB3  H  N N 153 
HIS HD1  H  N N 154 
HIS HD2  H  N N 155 
HIS HE1  H  N N 156 
HIS HE2  H  N N 157 
HIS HXT  H  N N 158 
HOH O    O  N N 159 
HOH H1   H  N N 160 
HOH H2   H  N N 161 
ILE N    N  N N 162 
ILE CA   C  N S 163 
ILE C    C  N N 164 
ILE O    O  N N 165 
ILE CB   C  N S 166 
ILE CG1  C  N N 167 
ILE CG2  C  N N 168 
ILE CD1  C  N N 169 
ILE OXT  O  N N 170 
ILE H    H  N N 171 
ILE H2   H  N N 172 
ILE HA   H  N N 173 
ILE HB   H  N N 174 
ILE HG12 H  N N 175 
ILE HG13 H  N N 176 
ILE HG21 H  N N 177 
ILE HG22 H  N N 178 
ILE HG23 H  N N 179 
ILE HD11 H  N N 180 
ILE HD12 H  N N 181 
ILE HD13 H  N N 182 
ILE HXT  H  N N 183 
LEU N    N  N N 184 
LEU CA   C  N S 185 
LEU C    C  N N 186 
LEU O    O  N N 187 
LEU CB   C  N N 188 
LEU CG   C  N N 189 
LEU CD1  C  N N 190 
LEU CD2  C  N N 191 
LEU OXT  O  N N 192 
LEU H    H  N N 193 
LEU H2   H  N N 194 
LEU HA   H  N N 195 
LEU HB2  H  N N 196 
LEU HB3  H  N N 197 
LEU HG   H  N N 198 
LEU HD11 H  N N 199 
LEU HD12 H  N N 200 
LEU HD13 H  N N 201 
LEU HD21 H  N N 202 
LEU HD22 H  N N 203 
LEU HD23 H  N N 204 
LEU HXT  H  N N 205 
LYS N    N  N N 206 
LYS CA   C  N S 207 
LYS C    C  N N 208 
LYS O    O  N N 209 
LYS CB   C  N N 210 
LYS CG   C  N N 211 
LYS CD   C  N N 212 
LYS CE   C  N N 213 
LYS NZ   N  N N 214 
LYS OXT  O  N N 215 
LYS H    H  N N 216 
LYS H2   H  N N 217 
LYS HA   H  N N 218 
LYS HB2  H  N N 219 
LYS HB3  H  N N 220 
LYS HG2  H  N N 221 
LYS HG3  H  N N 222 
LYS HD2  H  N N 223 
LYS HD3  H  N N 224 
LYS HE2  H  N N 225 
LYS HE3  H  N N 226 
LYS HZ1  H  N N 227 
LYS HZ2  H  N N 228 
LYS HZ3  H  N N 229 
LYS HXT  H  N N 230 
MET N    N  N N 231 
MET CA   C  N S 232 
MET C    C  N N 233 
MET O    O  N N 234 
MET CB   C  N N 235 
MET CG   C  N N 236 
MET SD   S  N N 237 
MET CE   C  N N 238 
MET OXT  O  N N 239 
MET H    H  N N 240 
MET H2   H  N N 241 
MET HA   H  N N 242 
MET HB2  H  N N 243 
MET HB3  H  N N 244 
MET HG2  H  N N 245 
MET HG3  H  N N 246 
MET HE1  H  N N 247 
MET HE2  H  N N 248 
MET HE3  H  N N 249 
MET HXT  H  N N 250 
PHE N    N  N N 251 
PHE CA   C  N S 252 
PHE C    C  N N 253 
PHE O    O  N N 254 
PHE CB   C  N N 255 
PHE CG   C  Y N 256 
PHE CD1  C  Y N 257 
PHE CD2  C  Y N 258 
PHE CE1  C  Y N 259 
PHE CE2  C  Y N 260 
PHE CZ   C  Y N 261 
PHE OXT  O  N N 262 
PHE H    H  N N 263 
PHE H2   H  N N 264 
PHE HA   H  N N 265 
PHE HB2  H  N N 266 
PHE HB3  H  N N 267 
PHE HD1  H  N N 268 
PHE HD2  H  N N 269 
PHE HE1  H  N N 270 
PHE HE2  H  N N 271 
PHE HZ   H  N N 272 
PHE HXT  H  N N 273 
PRO N    N  N N 274 
PRO CA   C  N S 275 
PRO C    C  N N 276 
PRO O    O  N N 277 
PRO CB   C  N N 278 
PRO CG   C  N N 279 
PRO CD   C  N N 280 
PRO OXT  O  N N 281 
PRO H    H  N N 282 
PRO HA   H  N N 283 
PRO HB2  H  N N 284 
PRO HB3  H  N N 285 
PRO HG2  H  N N 286 
PRO HG3  H  N N 287 
PRO HD2  H  N N 288 
PRO HD3  H  N N 289 
PRO HXT  H  N N 290 
SER N    N  N N 291 
SER CA   C  N S 292 
SER C    C  N N 293 
SER O    O  N N 294 
SER CB   C  N N 295 
SER OG   O  N N 296 
SER OXT  O  N N 297 
SER H    H  N N 298 
SER H2   H  N N 299 
SER HA   H  N N 300 
SER HB2  H  N N 301 
SER HB3  H  N N 302 
SER HG   H  N N 303 
SER HXT  H  N N 304 
THR N    N  N N 305 
THR CA   C  N S 306 
THR C    C  N N 307 
THR O    O  N N 308 
THR CB   C  N R 309 
THR OG1  O  N N 310 
THR CG2  C  N N 311 
THR OXT  O  N N 312 
THR H    H  N N 313 
THR H2   H  N N 314 
THR HA   H  N N 315 
THR HB   H  N N 316 
THR HG1  H  N N 317 
THR HG21 H  N N 318 
THR HG22 H  N N 319 
THR HG23 H  N N 320 
THR HXT  H  N N 321 
TRP N    N  N N 322 
TRP CA   C  N S 323 
TRP C    C  N N 324 
TRP O    O  N N 325 
TRP CB   C  N N 326 
TRP CG   C  Y N 327 
TRP CD1  C  Y N 328 
TRP CD2  C  Y N 329 
TRP NE1  N  Y N 330 
TRP CE2  C  Y N 331 
TRP CE3  C  Y N 332 
TRP CZ2  C  Y N 333 
TRP CZ3  C  Y N 334 
TRP CH2  C  Y N 335 
TRP OXT  O  N N 336 
TRP H    H  N N 337 
TRP H2   H  N N 338 
TRP HA   H  N N 339 
TRP HB2  H  N N 340 
TRP HB3  H  N N 341 
TRP HD1  H  N N 342 
TRP HE1  H  N N 343 
TRP HE3  H  N N 344 
TRP HZ2  H  N N 345 
TRP HZ3  H  N N 346 
TRP HH2  H  N N 347 
TRP HXT  H  N N 348 
TYR N    N  N N 349 
TYR CA   C  N S 350 
TYR C    C  N N 351 
TYR O    O  N N 352 
TYR CB   C  N N 353 
TYR CG   C  Y N 354 
TYR CD1  C  Y N 355 
TYR CD2  C  Y N 356 
TYR CE1  C  Y N 357 
TYR CE2  C  Y N 358 
TYR CZ   C  Y N 359 
TYR OH   O  N N 360 
TYR OXT  O  N N 361 
TYR H    H  N N 362 
TYR H2   H  N N 363 
TYR HA   H  N N 364 
TYR HB2  H  N N 365 
TYR HB3  H  N N 366 
TYR HD1  H  N N 367 
TYR HD2  H  N N 368 
TYR HE1  H  N N 369 
TYR HE2  H  N N 370 
TYR HH   H  N N 371 
TYR HXT  H  N N 372 
VAL N    N  N N 373 
VAL CA   C  N S 374 
VAL C    C  N N 375 
VAL O    O  N N 376 
VAL CB   C  N N 377 
VAL CG1  C  N N 378 
VAL CG2  C  N N 379 
VAL OXT  O  N N 380 
VAL H    H  N N 381 
VAL H2   H  N N 382 
VAL HA   H  N N 383 
VAL HB   H  N N 384 
VAL HG11 H  N N 385 
VAL HG12 H  N N 386 
VAL HG13 H  N N 387 
VAL HG21 H  N N 388 
VAL HG22 H  N N 389 
VAL HG23 H  N N 390 
VAL HXT  H  N N 391 
# 
loop_
_chem_comp_bond.comp_id 
_chem_comp_bond.atom_id_1 
_chem_comp_bond.atom_id_2 
_chem_comp_bond.value_order 
_chem_comp_bond.pdbx_aromatic_flag 
_chem_comp_bond.pdbx_stereo_config 
_chem_comp_bond.pdbx_ordinal 
ALA N   CA   sing N N 1   
ALA N   H    sing N N 2   
ALA N   H2   sing N N 3   
ALA CA  C    sing N N 4   
ALA CA  CB   sing N N 5   
ALA CA  HA   sing N N 6   
ALA C   O    doub N N 7   
ALA C   OXT  sing N N 8   
ALA CB  HB1  sing N N 9   
ALA CB  HB2  sing N N 10  
ALA CB  HB3  sing N N 11  
ALA OXT HXT  sing N N 12  
ARG N   CA   sing N N 13  
ARG N   H    sing N N 14  
ARG N   H2   sing N N 15  
ARG CA  C    sing N N 16  
ARG CA  CB   sing N N 17  
ARG CA  HA   sing N N 18  
ARG C   O    doub N N 19  
ARG C   OXT  sing N N 20  
ARG CB  CG   sing N N 21  
ARG CB  HB2  sing N N 22  
ARG CB  HB3  sing N N 23  
ARG CG  CD   sing N N 24  
ARG CG  HG2  sing N N 25  
ARG CG  HG3  sing N N 26  
ARG CD  NE   sing N N 27  
ARG CD  HD2  sing N N 28  
ARG CD  HD3  sing N N 29  
ARG NE  CZ   sing N N 30  
ARG NE  HE   sing N N 31  
ARG CZ  NH1  sing N N 32  
ARG CZ  NH2  doub N N 33  
ARG NH1 HH11 sing N N 34  
ARG NH1 HH12 sing N N 35  
ARG NH2 HH21 sing N N 36  
ARG NH2 HH22 sing N N 37  
ARG OXT HXT  sing N N 38  
ASN N   CA   sing N N 39  
ASN N   H    sing N N 40  
ASN N   H2   sing N N 41  
ASN CA  C    sing N N 42  
ASN CA  CB   sing N N 43  
ASN CA  HA   sing N N 44  
ASN C   O    doub N N 45  
ASN C   OXT  sing N N 46  
ASN CB  CG   sing N N 47  
ASN CB  HB2  sing N N 48  
ASN CB  HB3  sing N N 49  
ASN CG  OD1  doub N N 50  
ASN CG  ND2  sing N N 51  
ASN ND2 HD21 sing N N 52  
ASN ND2 HD22 sing N N 53  
ASN OXT HXT  sing N N 54  
ASP N   CA   sing N N 55  
ASP N   H    sing N N 56  
ASP N   H2   sing N N 57  
ASP CA  C    sing N N 58  
ASP CA  CB   sing N N 59  
ASP CA  HA   sing N N 60  
ASP C   O    doub N N 61  
ASP C   OXT  sing N N 62  
ASP CB  CG   sing N N 63  
ASP CB  HB2  sing N N 64  
ASP CB  HB3  sing N N 65  
ASP CG  OD1  doub N N 66  
ASP CG  OD2  sing N N 67  
ASP OD2 HD2  sing N N 68  
ASP OXT HXT  sing N N 69  
CYS N   CA   sing N N 70  
CYS N   H    sing N N 71  
CYS N   H2   sing N N 72  
CYS CA  C    sing N N 73  
CYS CA  CB   sing N N 74  
CYS CA  HA   sing N N 75  
CYS C   O    doub N N 76  
CYS C   OXT  sing N N 77  
CYS CB  SG   sing N N 78  
CYS CB  HB2  sing N N 79  
CYS CB  HB3  sing N N 80  
CYS SG  HG   sing N N 81  
CYS OXT HXT  sing N N 82  
GLN N   CA   sing N N 83  
GLN N   H    sing N N 84  
GLN N   H2   sing N N 85  
GLN CA  C    sing N N 86  
GLN CA  CB   sing N N 87  
GLN CA  HA   sing N N 88  
GLN C   O    doub N N 89  
GLN C   OXT  sing N N 90  
GLN CB  CG   sing N N 91  
GLN CB  HB2  sing N N 92  
GLN CB  HB3  sing N N 93  
GLN CG  CD   sing N N 94  
GLN CG  HG2  sing N N 95  
GLN CG  HG3  sing N N 96  
GLN CD  OE1  doub N N 97  
GLN CD  NE2  sing N N 98  
GLN NE2 HE21 sing N N 99  
GLN NE2 HE22 sing N N 100 
GLN OXT HXT  sing N N 101 
GLU N   CA   sing N N 102 
GLU N   H    sing N N 103 
GLU N   H2   sing N N 104 
GLU CA  C    sing N N 105 
GLU CA  CB   sing N N 106 
GLU CA  HA   sing N N 107 
GLU C   O    doub N N 108 
GLU C   OXT  sing N N 109 
GLU CB  CG   sing N N 110 
GLU CB  HB2  sing N N 111 
GLU CB  HB3  sing N N 112 
GLU CG  CD   sing N N 113 
GLU CG  HG2  sing N N 114 
GLU CG  HG3  sing N N 115 
GLU CD  OE1  doub N N 116 
GLU CD  OE2  sing N N 117 
GLU OE2 HE2  sing N N 118 
GLU OXT HXT  sing N N 119 
GLY N   CA   sing N N 120 
GLY N   H    sing N N 121 
GLY N   H2   sing N N 122 
GLY CA  C    sing N N 123 
GLY CA  HA2  sing N N 124 
GLY CA  HA3  sing N N 125 
GLY C   O    doub N N 126 
GLY C   OXT  sing N N 127 
GLY OXT HXT  sing N N 128 
HIS N   CA   sing N N 129 
HIS N   H    sing N N 130 
HIS N   H2   sing N N 131 
HIS CA  C    sing N N 132 
HIS CA  CB   sing N N 133 
HIS CA  HA   sing N N 134 
HIS C   O    doub N N 135 
HIS C   OXT  sing N N 136 
HIS CB  CG   sing N N 137 
HIS CB  HB2  sing N N 138 
HIS CB  HB3  sing N N 139 
HIS CG  ND1  sing Y N 140 
HIS CG  CD2  doub Y N 141 
HIS ND1 CE1  doub Y N 142 
HIS ND1 HD1  sing N N 143 
HIS CD2 NE2  sing Y N 144 
HIS CD2 HD2  sing N N 145 
HIS CE1 NE2  sing Y N 146 
HIS CE1 HE1  sing N N 147 
HIS NE2 HE2  sing N N 148 
HIS OXT HXT  sing N N 149 
HOH O   H1   sing N N 150 
HOH O   H2   sing N N 151 
ILE N   CA   sing N N 152 
ILE N   H    sing N N 153 
ILE N   H2   sing N N 154 
ILE CA  C    sing N N 155 
ILE CA  CB   sing N N 156 
ILE CA  HA   sing N N 157 
ILE C   O    doub N N 158 
ILE C   OXT  sing N N 159 
ILE CB  CG1  sing N N 160 
ILE CB  CG2  sing N N 161 
ILE CB  HB   sing N N 162 
ILE CG1 CD1  sing N N 163 
ILE CG1 HG12 sing N N 164 
ILE CG1 HG13 sing N N 165 
ILE CG2 HG21 sing N N 166 
ILE CG2 HG22 sing N N 167 
ILE CG2 HG23 sing N N 168 
ILE CD1 HD11 sing N N 169 
ILE CD1 HD12 sing N N 170 
ILE CD1 HD13 sing N N 171 
ILE OXT HXT  sing N N 172 
LEU N   CA   sing N N 173 
LEU N   H    sing N N 174 
LEU N   H2   sing N N 175 
LEU CA  C    sing N N 176 
LEU CA  CB   sing N N 177 
LEU CA  HA   sing N N 178 
LEU C   O    doub N N 179 
LEU C   OXT  sing N N 180 
LEU CB  CG   sing N N 181 
LEU CB  HB2  sing N N 182 
LEU CB  HB3  sing N N 183 
LEU CG  CD1  sing N N 184 
LEU CG  CD2  sing N N 185 
LEU CG  HG   sing N N 186 
LEU CD1 HD11 sing N N 187 
LEU CD1 HD12 sing N N 188 
LEU CD1 HD13 sing N N 189 
LEU CD2 HD21 sing N N 190 
LEU CD2 HD22 sing N N 191 
LEU CD2 HD23 sing N N 192 
LEU OXT HXT  sing N N 193 
LYS N   CA   sing N N 194 
LYS N   H    sing N N 195 
LYS N   H2   sing N N 196 
LYS CA  C    sing N N 197 
LYS CA  CB   sing N N 198 
LYS CA  HA   sing N N 199 
LYS C   O    doub N N 200 
LYS C   OXT  sing N N 201 
LYS CB  CG   sing N N 202 
LYS CB  HB2  sing N N 203 
LYS CB  HB3  sing N N 204 
LYS CG  CD   sing N N 205 
LYS CG  HG2  sing N N 206 
LYS CG  HG3  sing N N 207 
LYS CD  CE   sing N N 208 
LYS CD  HD2  sing N N 209 
LYS CD  HD3  sing N N 210 
LYS CE  NZ   sing N N 211 
LYS CE  HE2  sing N N 212 
LYS CE  HE3  sing N N 213 
LYS NZ  HZ1  sing N N 214 
LYS NZ  HZ2  sing N N 215 
LYS NZ  HZ3  sing N N 216 
LYS OXT HXT  sing N N 217 
MET N   CA   sing N N 218 
MET N   H    sing N N 219 
MET N   H2   sing N N 220 
MET CA  C    sing N N 221 
MET CA  CB   sing N N 222 
MET CA  HA   sing N N 223 
MET C   O    doub N N 224 
MET C   OXT  sing N N 225 
MET CB  CG   sing N N 226 
MET CB  HB2  sing N N 227 
MET CB  HB3  sing N N 228 
MET CG  SD   sing N N 229 
MET CG  HG2  sing N N 230 
MET CG  HG3  sing N N 231 
MET SD  CE   sing N N 232 
MET CE  HE1  sing N N 233 
MET CE  HE2  sing N N 234 
MET CE  HE3  sing N N 235 
MET OXT HXT  sing N N 236 
PHE N   CA   sing N N 237 
PHE N   H    sing N N 238 
PHE N   H2   sing N N 239 
PHE CA  C    sing N N 240 
PHE CA  CB   sing N N 241 
PHE CA  HA   sing N N 242 
PHE C   O    doub N N 243 
PHE C   OXT  sing N N 244 
PHE CB  CG   sing N N 245 
PHE CB  HB2  sing N N 246 
PHE CB  HB3  sing N N 247 
PHE CG  CD1  doub Y N 248 
PHE CG  CD2  sing Y N 249 
PHE CD1 CE1  sing Y N 250 
PHE CD1 HD1  sing N N 251 
PHE CD2 CE2  doub Y N 252 
PHE CD2 HD2  sing N N 253 
PHE CE1 CZ   doub Y N 254 
PHE CE1 HE1  sing N N 255 
PHE CE2 CZ   sing Y N 256 
PHE CE2 HE2  sing N N 257 
PHE CZ  HZ   sing N N 258 
PHE OXT HXT  sing N N 259 
PRO N   CA   sing N N 260 
PRO N   CD   sing N N 261 
PRO N   H    sing N N 262 
PRO CA  C    sing N N 263 
PRO CA  CB   sing N N 264 
PRO CA  HA   sing N N 265 
PRO C   O    doub N N 266 
PRO C   OXT  sing N N 267 
PRO CB  CG   sing N N 268 
PRO CB  HB2  sing N N 269 
PRO CB  HB3  sing N N 270 
PRO CG  CD   sing N N 271 
PRO CG  HG2  sing N N 272 
PRO CG  HG3  sing N N 273 
PRO CD  HD2  sing N N 274 
PRO CD  HD3  sing N N 275 
PRO OXT HXT  sing N N 276 
SER N   CA   sing N N 277 
SER N   H    sing N N 278 
SER N   H2   sing N N 279 
SER CA  C    sing N N 280 
SER CA  CB   sing N N 281 
SER CA  HA   sing N N 282 
SER C   O    doub N N 283 
SER C   OXT  sing N N 284 
SER CB  OG   sing N N 285 
SER CB  HB2  sing N N 286 
SER CB  HB3  sing N N 287 
SER OG  HG   sing N N 288 
SER OXT HXT  sing N N 289 
THR N   CA   sing N N 290 
THR N   H    sing N N 291 
THR N   H2   sing N N 292 
THR CA  C    sing N N 293 
THR CA  CB   sing N N 294 
THR CA  HA   sing N N 295 
THR C   O    doub N N 296 
THR C   OXT  sing N N 297 
THR CB  OG1  sing N N 298 
THR CB  CG2  sing N N 299 
THR CB  HB   sing N N 300 
THR OG1 HG1  sing N N 301 
THR CG2 HG21 sing N N 302 
THR CG2 HG22 sing N N 303 
THR CG2 HG23 sing N N 304 
THR OXT HXT  sing N N 305 
TRP N   CA   sing N N 306 
TRP N   H    sing N N 307 
TRP N   H2   sing N N 308 
TRP CA  C    sing N N 309 
TRP CA  CB   sing N N 310 
TRP CA  HA   sing N N 311 
TRP C   O    doub N N 312 
TRP C   OXT  sing N N 313 
TRP CB  CG   sing N N 314 
TRP CB  HB2  sing N N 315 
TRP CB  HB3  sing N N 316 
TRP CG  CD1  doub Y N 317 
TRP CG  CD2  sing Y N 318 
TRP CD1 NE1  sing Y N 319 
TRP CD1 HD1  sing N N 320 
TRP CD2 CE2  doub Y N 321 
TRP CD2 CE3  sing Y N 322 
TRP NE1 CE2  sing Y N 323 
TRP NE1 HE1  sing N N 324 
TRP CE2 CZ2  sing Y N 325 
TRP CE3 CZ3  doub Y N 326 
TRP CE3 HE3  sing N N 327 
TRP CZ2 CH2  doub Y N 328 
TRP CZ2 HZ2  sing N N 329 
TRP CZ3 CH2  sing Y N 330 
TRP CZ3 HZ3  sing N N 331 
TRP CH2 HH2  sing N N 332 
TRP OXT HXT  sing N N 333 
TYR N   CA   sing N N 334 
TYR N   H    sing N N 335 
TYR N   H2   sing N N 336 
TYR CA  C    sing N N 337 
TYR CA  CB   sing N N 338 
TYR CA  HA   sing N N 339 
TYR C   O    doub N N 340 
TYR C   OXT  sing N N 341 
TYR CB  CG   sing N N 342 
TYR CB  HB2  sing N N 343 
TYR CB  HB3  sing N N 344 
TYR CG  CD1  doub Y N 345 
TYR CG  CD2  sing Y N 346 
TYR CD1 CE1  sing Y N 347 
TYR CD1 HD1  sing N N 348 
TYR CD2 CE2  doub Y N 349 
TYR CD2 HD2  sing N N 350 
TYR CE1 CZ   doub Y N 351 
TYR CE1 HE1  sing N N 352 
TYR CE2 CZ   sing Y N 353 
TYR CE2 HE2  sing N N 354 
TYR CZ  OH   sing N N 355 
TYR OH  HH   sing N N 356 
TYR OXT HXT  sing N N 357 
VAL N   CA   sing N N 358 
VAL N   H    sing N N 359 
VAL N   H2   sing N N 360 
VAL CA  C    sing N N 361 
VAL CA  CB   sing N N 362 
VAL CA  HA   sing N N 363 
VAL C   O    doub N N 364 
VAL C   OXT  sing N N 365 
VAL CB  CG1  sing N N 366 
VAL CB  CG2  sing N N 367 
VAL CB  HB   sing N N 368 
VAL CG1 HG11 sing N N 369 
VAL CG1 HG12 sing N N 370 
VAL CG1 HG13 sing N N 371 
VAL CG2 HG21 sing N N 372 
VAL CG2 HG22 sing N N 373 
VAL CG2 HG23 sing N N 374 
VAL OXT HXT  sing N N 375 
# 
_pdbx_initial_refinement_model.id               1 
_pdbx_initial_refinement_model.entity_id_list   ? 
_pdbx_initial_refinement_model.type             'experimental model' 
_pdbx_initial_refinement_model.source_name      PDB 
_pdbx_initial_refinement_model.accession_code   1K9J 
_pdbx_initial_refinement_model.details          'PDB ENTRY 1K9J' 
# 
_atom_sites.entry_id                    1XPH 
_atom_sites.fract_transf_matrix[1][1]   0.01120346 
_atom_sites.fract_transf_matrix[1][2]   0.00776158 
_atom_sites.fract_transf_matrix[1][3]   0.02232318 
_atom_sites.fract_transf_matrix[2][1]   -0.00839555 
_atom_sites.fract_transf_matrix[2][2]   0.01610966 
_atom_sites.fract_transf_matrix[2][3]   -0.00138767 
_atom_sites.fract_transf_matrix[3][1]   -0.01246606 
_atom_sites.fract_transf_matrix[3][2]   -0.00578453 
_atom_sites.fract_transf_matrix[3][3]   0.00826764 
_atom_sites.fract_transf_vector[1]      0.333906 
_atom_sites.fract_transf_vector[2]      0.413656 
_atom_sites.fract_transf_vector[3]      0.148533 
# 
loop_
_atom_type.symbol 
C  
CA 
N  
O  
S  
# 
loop_
_atom_site.group_PDB 
_atom_site.id 
_atom_site.type_symbol 
_atom_site.label_atom_id 
_atom_site.label_alt_id 
_atom_site.label_comp_id 
_atom_site.label_asym_id 
_atom_site.label_entity_id 
_atom_site.label_seq_id 
_atom_site.pdbx_PDB_ins_code 
_atom_site.Cartn_x 
_atom_site.Cartn_y 
_atom_site.Cartn_z 
_atom_site.occupancy 
_atom_site.B_iso_or_equiv 
_atom_site.pdbx_formal_charge 
_atom_site.auth_seq_id 
_atom_site.auth_comp_id 
_atom_site.auth_asym_id 
_atom_site.auth_atom_id 
_atom_site.pdbx_PDB_model_num 
ATOM   1    N  N   . ALA A 1 11  ? -1.506  28.676  9.721   1.00 23.08 ? 260 ALA A N   1 
ATOM   2    C  CA  . ALA A 1 11  ? -0.259  28.122  10.335  1.00 21.76 ? 260 ALA A CA  1 
ATOM   3    C  C   . ALA A 1 11  ? -0.398  26.659  10.740  1.00 20.23 ? 260 ALA A C   1 
ATOM   4    O  O   . ALA A 1 11  ? 0.605   25.972  10.992  1.00 20.44 ? 260 ALA A O   1 
ATOM   5    C  CB  . ALA A 1 11  ? 0.119   28.928  11.553  1.00 22.46 ? 260 ALA A CB  1 
ATOM   6    N  N   . PHE A 1 12  ? -1.634  26.176  10.848  1.00 18.04 ? 261 PHE A N   1 
ATOM   7    C  CA  . PHE A 1 12  ? -1.818  24.857  11.435  1.00 16.29 ? 261 PHE A CA  1 
ATOM   8    C  C   . PHE A 1 12  ? -1.324  23.781  10.481  1.00 16.15 ? 261 PHE A C   1 
ATOM   9    O  O   . PHE A 1 12  ? -0.787  22.782  10.937  1.00 14.52 ? 261 PHE A O   1 
ATOM   10   C  CB  . PHE A 1 12  ? -3.260  24.617  11.925  1.00 15.40 ? 261 PHE A CB  1 
ATOM   11   C  CG  . PHE A 1 12  ? -4.291  24.536  10.835  1.00 15.17 ? 261 PHE A CG  1 
ATOM   12   C  CD1 . PHE A 1 12  ? -4.458  23.366  10.097  1.00 13.87 ? 261 PHE A CD1 1 
ATOM   13   C  CD2 . PHE A 1 12  ? -5.110  25.615  10.571  1.00 14.69 ? 261 PHE A CD2 1 
ATOM   14   C  CE1 . PHE A 1 12  ? -5.399  23.281  9.114   1.00 14.40 ? 261 PHE A CE1 1 
ATOM   15   C  CE2 . PHE A 1 12  ? -6.081  25.531  9.568   1.00 15.83 ? 261 PHE A CE2 1 
ATOM   16   C  CZ  . PHE A 1 12  ? -6.207  24.365  8.840   1.00 16.51 ? 261 PHE A CZ  1 
ATOM   17   N  N   . GLU A 1 13  ? -1.448  24.014  9.169   1.00 16.16 ? 262 GLU A N   1 
ATOM   18   C  CA  . GLU A 1 13  ? -1.023  23.031  8.187   1.00 17.11 ? 262 GLU A CA  1 
ATOM   19   C  C   . GLU A 1 13  ? 0.455   22.703  8.351   1.00 16.32 ? 262 GLU A C   1 
ATOM   20   O  O   . GLU A 1 13  ? 0.861   21.533  8.303   1.00 14.92 ? 262 GLU A O   1 
ATOM   21   C  CB  . GLU A 1 13  ? -1.295  23.558  6.764   1.00 18.40 ? 262 GLU A CB  1 
ATOM   22   C  CG  . GLU A 1 13  ? -0.729  22.688  5.658   1.00 23.66 ? 262 GLU A CG  1 
ATOM   23   C  CD  . GLU A 1 13  ? -1.137  21.247  5.813   1.00 27.27 ? 262 GLU A CD  1 
ATOM   24   O  OE1 . GLU A 1 13  ? -2.329  21.022  6.102   1.00 32.53 ? 262 GLU A OE1 1 
ATOM   25   O  OE2 . GLU A 1 13  ? -0.271  20.357  5.669   1.00 32.45 ? 262 GLU A OE2 1 
ATOM   26   N  N   . ARG A 1 14  ? 1.263   23.727  8.576   1.00 15.43 ? 263 ARG A N   1 
ATOM   27   C  CA  . ARG A 1 14  ? 2.708   23.544  8.651   1.00 15.40 ? 263 ARG A CA  1 
ATOM   28   C  C   . ARG A 1 14  ? 3.115   22.717  9.878   1.00 13.49 ? 263 ARG A C   1 
ATOM   29   O  O   . ARG A 1 14  ? 4.211   22.144  9.930   1.00 13.83 ? 263 ARG A O   1 
ATOM   30   C  CB  . ARG A 1 14  ? 3.411   24.911  8.670   1.00 16.59 ? 263 ARG A CB  1 
ATOM   31   C  CG  . ARG A 1 14  ? 3.145   25.797  7.453   1.00 22.47 ? 263 ARG A CG  1 
ATOM   32   C  CD  . ARG A 1 14  ? 4.179   25.641  6.346   1.00 29.28 ? 263 ARG A CD  1 
ATOM   33   N  NE  . ARG A 1 14  ? 3.919   26.526  5.214   1.00 34.44 ? 263 ARG A NE  1 
ATOM   34   C  CZ  . ARG A 1 14  ? 4.509   26.426  4.024   1.00 38.27 ? 263 ARG A CZ  1 
ATOM   35   N  NH1 . ARG A 1 14  ? 5.414   25.474  3.787   1.00 39.99 ? 263 ARG A NH1 1 
ATOM   36   N  NH2 . ARG A 1 14  ? 4.187   27.283  3.055   1.00 39.99 ? 263 ARG A NH2 1 
ATOM   37   N  N   . LEU A 1 15  ? 2.236   22.683  10.884  1.00 10.82 ? 264 LEU A N   1 
ATOM   38   C  CA  . LEU A 1 15  ? 2.461   21.910  12.104  1.00 9.78  ? 264 LEU A CA  1 
ATOM   39   C  C   . LEU A 1 15  ? 1.778   20.526  12.092  1.00 9.34  ? 264 LEU A C   1 
ATOM   40   O  O   . LEU A 1 15  ? 1.801   19.825  13.090  1.00 8.57  ? 264 LEU A O   1 
ATOM   41   C  CB  . LEU A 1 15  ? 2.017   22.732  13.319  1.00 10.29 ? 264 LEU A CB  1 
ATOM   42   C  CG  . LEU A 1 15  ? 2.949   23.901  13.620  1.00 10.55 ? 264 LEU A CG  1 
ATOM   43   C  CD1 . LEU A 1 15  ? 2.358   24.809  14.674  1.00 12.01 ? 264 LEU A CD1 1 
ATOM   44   C  CD2 . LEU A 1 15  ? 4.328   23.410  14.050  1.00 14.19 ? 264 LEU A CD2 1 
ATOM   45   N  N   . CYS A 1 16  ? 1.267   20.125  10.935  1.00 8.85  ? 265 CYS A N   1 
ATOM   46   C  CA  . CYS A 1 16  ? 0.542   18.868  10.767  1.00 9.87  ? 265 CYS A CA  1 
ATOM   47   C  C   . CYS A 1 16  ? 1.282   17.980  9.767   1.00 9.98  ? 265 CYS A C   1 
ATOM   48   O  O   . CYS A 1 16  ? 0.645   17.223  9.021   1.00 10.66 ? 265 CYS A O   1 
ATOM   49   C  CB  . CYS A 1 16  ? -0.892  19.141  10.311  1.00 10.73 ? 265 CYS A CB  1 
ATOM   50   S  SG  . CYS A 1 16  ? -1.935  19.886  11.581  1.00 10.92 ? 265 CYS A SG  1 
ATOM   51   N  N   . ARG A 1 17  ? 2.612   18.030  9.774   1.00 10.73 ? 266 ARG A N   1 
ATOM   52   C  CA  . ARG A 1 17  ? 3.438   17.251  8.837   1.00 11.77 ? 266 ARG A CA  1 
ATOM   53   C  C   . ARG A 1 17  ? 4.414   16.335  9.564   1.00 11.85 ? 266 ARG A C   1 
ATOM   54   O  O   . ARG A 1 17  ? 5.421   15.901  8.994   1.00 12.87 ? 266 ARG A O   1 
ATOM   55   C  CB  . ARG A 1 17  ? 4.200   18.181  7.902   1.00 12.80 ? 266 ARG A CB  1 
ATOM   56   C  CG  . ARG A 1 17  ? 3.343   19.141  7.142   1.00 16.46 ? 266 ARG A CG  1 
ATOM   57   C  CD  . ARG A 1 17  ? 4.149   19.952  6.153   1.00 22.91 ? 266 ARG A CD  1 
ATOM   58   N  NE  . ARG A 1 17  ? 3.331   20.873  5.385   1.00 29.09 ? 266 ARG A NE  1 
ATOM   59   C  CZ  . ARG A 1 17  ? 3.817   21.833  4.595   1.00 33.51 ? 266 ARG A CZ  1 
ATOM   60   N  NH1 . ARG A 1 17  ? 5.132   21.999  4.457   1.00 35.25 ? 266 ARG A NH1 1 
ATOM   61   N  NH2 . ARG A 1 17  ? 2.983   22.635  3.936   1.00 35.47 ? 266 ARG A NH2 1 
ATOM   62   N  N   . HIS A 1 18  ? 4.128   16.014  10.821  1.00 10.29 ? 267 HIS A N   1 
ATOM   63   C  CA  . HIS A 1 18  ? 5.069   15.241  11.634  1.00 9.78  ? 267 HIS A CA  1 
ATOM   64   C  C   . HIS A 1 18  ? 4.911   13.738  11.364  1.00 9.88  ? 267 HIS A C   1 
ATOM   65   O  O   . HIS A 1 18  ? 3.802   13.192  11.484  1.00 9.44  ? 267 HIS A O   1 
ATOM   66   C  CB  . HIS A 1 18  ? 4.913   15.503  13.140  1.00 9.55  ? 267 HIS A CB  1 
ATOM   67   C  CG  . HIS A 1 18  ? 5.002   16.945  13.541  1.00 9.52  ? 267 HIS A CG  1 
ATOM   68   N  ND1 . HIS A 1 18  ? 6.186   17.626  13.750  1.00 12.40 ? 267 HIS A ND1 1 
ATOM   69   C  CD2 . HIS A 1 18  ? 4.014   17.827  13.805  1.00 8.27  ? 267 HIS A CD2 1 
ATOM   70   C  CE1 . HIS A 1 18  ? 5.909   18.869  14.129  1.00 7.36  ? 267 HIS A CE1 1 
ATOM   71   N  NE2 . HIS A 1 18  ? 4.603   19.015  14.155  1.00 11.36 ? 267 HIS A NE2 1 
ATOM   72   N  N   . CYS A 1 19  ? 6.038   13.097  11.038  1.00 10.58 ? 268 CYS A N   1 
ATOM   73   C  CA  . CYS A 1 19  ? 6.111   11.654  10.810  1.00 11.48 ? 268 CYS A CA  1 
ATOM   74   C  C   . CYS A 1 19  ? 7.184   11.038  11.691  1.00 12.51 ? 268 CYS A C   1 
ATOM   75   O  O   . CYS A 1 19  ? 8.140   11.718  12.084  1.00 14.16 ? 268 CYS A O   1 
ATOM   76   C  CB  . CYS A 1 19  ? 6.451   11.335  9.362   1.00 11.85 ? 268 CYS A CB  1 
ATOM   77   S  SG  . CYS A 1 19  ? 5.167   11.826  8.191   1.00 13.27 ? 268 CYS A SG  1 
ATOM   78   N  N   . PRO A 1 20  ? 7.057   9.751   12.001  1.00 13.46 ? 269 PRO A N   1 
ATOM   79   C  CA  . PRO A 1 20  ? 8.139   9.067   12.725  1.00 14.44 ? 269 PRO A CA  1 
ATOM   80   C  C   . PRO A 1 20  ? 9.442   9.077   11.916  1.00 15.13 ? 269 PRO A C   1 
ATOM   81   O  O   . PRO A 1 20  ? 9.373   9.172   10.699  1.00 14.54 ? 269 PRO A O   1 
ATOM   82   C  CB  . PRO A 1 20  ? 7.601   7.647   12.888  1.00 15.04 ? 269 PRO A CB  1 
ATOM   83   C  CG  . PRO A 1 20  ? 6.137   7.729   12.670  1.00 15.07 ? 269 PRO A CG  1 
ATOM   84   C  CD  . PRO A 1 20  ? 5.917   8.854   11.714  1.00 13.71 ? 269 PRO A CD  1 
ATOM   85   N  N   . LYS A 1 21  ? 10.615  8.992   12.553  1.00 15.92 ? 270 LYS A N   1 
ATOM   86   C  CA  . LYS A 1 21  ? 11.874  8.866   11.799  1.00 16.35 ? 270 LYS A CA  1 
ATOM   87   C  C   . LYS A 1 21  ? 11.828  7.669   10.877  1.00 16.10 ? 270 LYS A C   1 
ATOM   88   O  O   . LYS A 1 21  ? 11.283  6.636   11.241  1.00 13.92 ? 270 LYS A O   1 
ATOM   89   C  CB  . LYS A 1 21  ? 13.080  8.667   12.740  1.00 17.07 ? 270 LYS A CB  1 
ATOM   90   C  CG  . LYS A 1 21  ? 13.672  9.928   13.277  1.00 18.21 ? 270 LYS A CG  1 
ATOM   91   C  CD  . LYS A 1 21  ? 14.811  9.650   14.245  1.00 18.27 ? 270 LYS A CD  1 
ATOM   92   C  CE  . LYS A 1 21  ? 15.078  10.867  15.116  1.00 20.53 ? 270 LYS A CE  1 
ATOM   93   N  NZ  . LYS A 1 21  ? 16.203  10.637  16.073  1.00 20.17 ? 270 LYS A NZ  1 
ATOM   94   N  N   . ASP A 1 22  ? 12.442  7.804   9.697   1.00 16.85 ? 271 ASP A N   1 
ATOM   95   C  CA  . ASP A 1 22  ? 12.517  6.736   8.697   1.00 17.87 ? 271 ASP A CA  1 
ATOM   96   C  C   . ASP A 1 22  ? 11.197  6.557   7.951   1.00 16.49 ? 271 ASP A C   1 
ATOM   97   O  O   . ASP A 1 22  ? 11.063  5.595   7.179   1.00 17.75 ? 271 ASP A O   1 
ATOM   98   C  CB  . ASP A 1 22  ? 13.027  5.393   9.272   1.00 18.51 ? 271 ASP A CB  1 
ATOM   99   C  CG  . ASP A 1 22  ? 14.392  5.516   9.925   1.00 22.11 ? 271 ASP A CG  1 
ATOM   100  O  OD1 . ASP A 1 22  ? 15.294  6.137   9.303   1.00 25.64 ? 271 ASP A OD1 1 
ATOM   101  O  OD2 . ASP A 1 22  ? 14.655  5.021   11.047  1.00 23.02 ? 271 ASP A OD2 1 
ATOM   102  N  N   . TRP A 1 23  ? 10.245  7.476   8.169   1.00 14.16 ? 272 TRP A N   1 
ATOM   103  C  CA  . TRP A 1 23  ? 8.996   7.483   7.412   1.00 12.46 ? 272 TRP A CA  1 
ATOM   104  C  C   . TRP A 1 23  ? 8.968   8.724   6.536   1.00 12.34 ? 272 TRP A C   1 
ATOM   105  O  O   . TRP A 1 23  ? 9.535   9.762   6.877   1.00 14.32 ? 272 TRP A O   1 
ATOM   106  C  CB  . TRP A 1 23  ? 7.757   7.503   8.320   1.00 10.88 ? 272 TRP A CB  1 
ATOM   107  C  CG  . TRP A 1 23  ? 7.524   6.302   9.177   1.00 10.68 ? 272 TRP A CG  1 
ATOM   108  C  CD1 . TRP A 1 23  ? 8.412   5.707   10.026  1.00 9.88  ? 272 TRP A CD1 1 
ATOM   109  C  CD2 . TRP A 1 23  ? 6.310   5.553   9.289   1.00 8.30  ? 272 TRP A CD2 1 
ATOM   110  N  NE1 . TRP A 1 23  ? 7.824   4.645   10.657  1.00 10.35 ? 272 TRP A NE1 1 
ATOM   111  C  CE2 . TRP A 1 23  ? 6.523   4.538   10.238  1.00 8.95  ? 272 TRP A CE2 1 
ATOM   112  C  CE3 . TRP A 1 23  ? 5.043   5.665   8.707   1.00 8.80  ? 272 TRP A CE3 1 
ATOM   113  C  CZ2 . TRP A 1 23  ? 5.528   3.628   10.600  1.00 8.88  ? 272 TRP A CZ2 1 
ATOM   114  C  CZ3 . TRP A 1 23  ? 4.073   4.750   9.037   1.00 8.18  ? 272 TRP A CZ3 1 
ATOM   115  C  CH2 . TRP A 1 23  ? 4.318   3.734   9.969   1.00 9.14  ? 272 TRP A CH2 1 
ATOM   116  N  N   . THR A 1 24  ? 8.285   8.622   5.406   1.00 10.50 ? 273 THR A N   1 
ATOM   117  C  CA  . THR A 1 24  ? 8.182   9.707   4.445   1.00 11.19 ? 273 THR A CA  1 
ATOM   118  C  C   . THR A 1 24  ? 6.822   10.389  4.481   1.00 10.58 ? 273 THR A C   1 
ATOM   119  O  O   . THR A 1 24  ? 5.789   9.733   4.482   1.00 10.90 ? 273 THR A O   1 
ATOM   120  C  CB  . THR A 1 24  ? 8.448   9.159   3.036   1.00 11.72 ? 273 THR A CB  1 
ATOM   121  O  OG1 . THR A 1 24  ? 9.776   8.614   2.985   1.00 14.77 ? 273 THR A OG1 1 
ATOM   122  C  CG2 . THR A 1 24  ? 8.425   10.251  1.980   1.00 13.37 ? 273 THR A CG2 1 
ATOM   123  N  N   . PHE A 1 25  ? 6.843   11.716  4.493   1.00 10.47 ? 274 PHE A N   1 
ATOM   124  C  CA  . PHE A 1 25  ? 5.638   12.528  4.452   1.00 10.57 ? 274 PHE A CA  1 
ATOM   125  C  C   . PHE A 1 25  ? 5.165   12.753  3.028   1.00 10.92 ? 274 PHE A C   1 
ATOM   126  O  O   . PHE A 1 25  ? 5.947   13.162  2.154   1.00 11.59 ? 274 PHE A O   1 
ATOM   127  C  CB  . PHE A 1 25  ? 5.876   13.907  5.095   1.00 10.66 ? 274 PHE A CB  1 
ATOM   128  C  CG  . PHE A 1 25  ? 4.683   14.820  5.009   1.00 9.75  ? 274 PHE A CG  1 
ATOM   129  C  CD1 . PHE A 1 25  ? 3.622   14.719  5.905   1.00 10.36 ? 274 PHE A CD1 1 
ATOM   130  C  CD2 . PHE A 1 25  ? 4.611   15.793  4.009   1.00 11.12 ? 274 PHE A CD2 1 
ATOM   131  C  CE1 . PHE A 1 25  ? 2.532   15.569  5.803   1.00 10.87 ? 274 PHE A CE1 1 
ATOM   132  C  CE2 . PHE A 1 25  ? 3.534   16.619  3.912   1.00 12.52 ? 274 PHE A CE2 1 
ATOM   133  C  CZ  . PHE A 1 25  ? 2.496   16.505  4.810   1.00 11.10 ? 274 PHE A CZ  1 
ATOM   134  N  N   . PHE A 1 26  ? 3.882   12.544  2.803   1.00 10.53 ? 275 PHE A N   1 
ATOM   135  C  CA  . PHE A 1 26  ? 3.264   12.935  1.537   1.00 10.73 ? 275 PHE A CA  1 
ATOM   136  C  C   . PHE A 1 26  ? 1.807   13.252  1.770   1.00 11.33 ? 275 PHE A C   1 
ATOM   137  O  O   . PHE A 1 26  ? 1.051   12.418  2.261   1.00 10.35 ? 275 PHE A O   1 
ATOM   138  C  CB  . PHE A 1 26  ? 3.411   11.828  0.489   1.00 11.13 ? 275 PHE A CB  1 
ATOM   139  C  CG  . PHE A 1 26  ? 2.828   12.186  -0.836  1.00 13.05 ? 275 PHE A CG  1 
ATOM   140  C  CD1 . PHE A 1 26  ? 3.530   13.001  -1.717  1.00 14.78 ? 275 PHE A CD1 1 
ATOM   141  C  CD2 . PHE A 1 26  ? 1.572   11.737  -1.203  1.00 13.16 ? 275 PHE A CD2 1 
ATOM   142  C  CE1 . PHE A 1 26  ? 2.988   13.335  -2.951  1.00 16.15 ? 275 PHE A CE1 1 
ATOM   143  C  CE2 . PHE A 1 26  ? 1.022   12.079  -2.416  1.00 14.53 ? 275 PHE A CE2 1 
ATOM   144  C  CZ  . PHE A 1 26  ? 1.741   12.869  -3.295  1.00 16.13 ? 275 PHE A CZ  1 
ATOM   145  N  N   . GLN A 1 27  ? 1.454   14.509  1.464   1.00 12.28 ? 276 GLN A N   1 
ATOM   146  C  CA  . GLN A 1 27  ? 0.070   14.980  1.429   1.00 13.16 ? 276 GLN A CA  1 
ATOM   147  C  C   . GLN A 1 27  ? -0.736  14.534  2.640   1.00 12.19 ? 276 GLN A C   1 
ATOM   148  O  O   . GLN A 1 27  ? -1.777  13.934  2.512   1.00 13.15 ? 276 GLN A O   1 
ATOM   149  C  CB  . GLN A 1 27  ? -0.607  14.546  0.125   1.00 13.90 ? 276 GLN A CB  1 
ATOM   150  C  CG  . GLN A 1 27  ? 0.026   15.165  -1.122  1.00 16.59 ? 276 GLN A CG  1 
ATOM   151  C  CD  . GLN A 1 27  ? -0.880  15.161  -2.338  1.00 22.47 ? 276 GLN A CD  1 
ATOM   152  O  OE1 . GLN A 1 27  ? -1.695  14.246  -2.527  1.00 24.41 ? 276 GLN A OE1 1 
ATOM   153  N  NE2 . GLN A 1 27  ? -0.742  16.185  -3.169  1.00 26.46 ? 276 GLN A NE2 1 
ATOM   154  N  N   . GLY A 1 28  ? -0.205  14.807  3.823   1.00 12.34 ? 277 GLY A N   1 
ATOM   155  C  CA  . GLY A 1 28  ? -0.935  14.614  5.067   1.00 12.07 ? 277 GLY A CA  1 
ATOM   156  C  C   . GLY A 1 28  ? -0.830  13.237  5.709   1.00 11.46 ? 277 GLY A C   1 
ATOM   157  O  O   . GLY A 1 28  ? -1.446  12.952  6.736   1.00 12.42 ? 277 GLY A O   1 
ATOM   158  N  N   . ASN A 1 29  ? -0.047  12.364  5.082   1.00 10.49 ? 278 ASN A N   1 
ATOM   159  C  CA  . ASN A 1 29  ? 0.181   11.015  5.595   1.00 10.09 ? 278 ASN A CA  1 
ATOM   160  C  C   . ASN A 1 29  ? 1.659   10.683  5.613   1.00 9.42  ? 278 ASN A C   1 
ATOM   161  O  O   . ASN A 1 29  ? 2.465   11.337  4.980   1.00 8.90  ? 278 ASN A O   1 
ATOM   162  C  CB  . ASN A 1 29  ? -0.576  9.978   4.770   1.00 9.99  ? 278 ASN A CB  1 
ATOM   163  C  CG  . ASN A 1 29  ? -2.064  10.134  4.892   1.00 10.55 ? 278 ASN A CG  1 
ATOM   164  O  OD1 . ASN A 1 29  ? -2.643  9.767   5.911   1.00 12.49 ? 278 ASN A OD1 1 
ATOM   165  N  ND2 . ASN A 1 29  ? -2.679  10.689  3.863   1.00 11.42 ? 278 ASN A ND2 1 
ATOM   166  N  N   . CYS A 1 30  ? 1.985   9.644   6.358   1.00 8.18  ? 279 CYS A N   1 
ATOM   167  C  CA  . CYS A 1 30  ? 3.347   9.183   6.568   1.00 8.40  ? 279 CYS A CA  1 
ATOM   168  C  C   . CYS A 1 30  ? 3.423   7.744   6.076   1.00 7.03  ? 279 CYS A C   1 
ATOM   169  O  O   . CYS A 1 30  ? 2.521   6.935   6.373   1.00 6.63  ? 279 CYS A O   1 
ATOM   170  C  CB  . CYS A 1 30  ? 3.695   9.192   8.050   1.00 7.64  ? 279 CYS A CB  1 
ATOM   171  S  SG  . CYS A 1 30  ? 3.510   10.793  8.819   1.00 11.46 ? 279 CYS A SG  1 
ATOM   172  N  N   . TYR A 1 31  ? 4.507   7.427   5.385   1.00 7.53  ? 280 TYR A N   1 
ATOM   173  C  CA  . TYR A 1 31  ? 4.663   6.143   4.719   1.00 7.04  ? 280 TYR A CA  1 
ATOM   174  C  C   . TYR A 1 31  ? 5.941   5.450   5.155   1.00 8.24  ? 280 TYR A C   1 
ATOM   175  O  O   . TYR A 1 31  ? 7.006   6.074   5.192   1.00 9.35  ? 280 TYR A O   1 
ATOM   176  C  CB  . TYR A 1 31  ? 4.660   6.322   3.203   1.00 7.01  ? 280 TYR A CB  1 
ATOM   177  C  CG  . TYR A 1 31  ? 3.365   6.879   2.679   1.00 6.90  ? 280 TYR A CG  1 
ATOM   178  C  CD1 . TYR A 1 31  ? 3.133   8.238   2.707   1.00 8.16  ? 280 TYR A CD1 1 
ATOM   179  C  CD2 . TYR A 1 31  ? 2.345   6.048   2.219   1.00 8.35  ? 280 TYR A CD2 1 
ATOM   180  C  CE1 . TYR A 1 31  ? 1.941   8.773   2.262   1.00 9.85  ? 280 TYR A CE1 1 
ATOM   181  C  CE2 . TYR A 1 31  ? 1.138   6.563   1.785   1.00 8.80  ? 280 TYR A CE2 1 
ATOM   182  C  CZ  . TYR A 1 31  ? 0.947   7.925   1.801   1.00 10.16 ? 280 TYR A CZ  1 
ATOM   183  O  OH  . TYR A 1 31  ? -0.222  8.459   1.334   1.00 9.48  ? 280 TYR A OH  1 
ATOM   184  N  N   . PHE A 1 32  ? 5.829   4.175   5.511   1.00 7.96  ? 281 PHE A N   1 
ATOM   185  C  CA  . PHE A 1 32  ? 6.952   3.351   5.920   1.00 8.83  ? 281 PHE A CA  1 
ATOM   186  C  C   . PHE A 1 32  ? 7.176   2.302   4.886   1.00 8.46  ? 281 PHE A C   1 
ATOM   187  O  O   . PHE A 1 32  ? 6.253   1.562   4.570   1.00 8.65  ? 281 PHE A O   1 
ATOM   188  C  CB  . PHE A 1 32  ? 6.628   2.644   7.234   1.00 9.35  ? 281 PHE A CB  1 
ATOM   189  C  CG  . PHE A 1 32  ? 7.704   1.707   7.707   1.00 10.79 ? 281 PHE A CG  1 
ATOM   190  C  CD1 . PHE A 1 32  ? 8.909   2.226   8.140   1.00 11.09 ? 281 PHE A CD1 1 
ATOM   191  C  CD2 . PHE A 1 32  ? 7.527   0.331   7.681   1.00 12.68 ? 281 PHE A CD2 1 
ATOM   192  C  CE1 . PHE A 1 32  ? 9.931   1.399   8.576   1.00 13.71 ? 281 PHE A CE1 1 
ATOM   193  C  CE2 . PHE A 1 32  ? 8.541   -0.497  8.109   1.00 12.92 ? 281 PHE A CE2 1 
ATOM   194  C  CZ  . PHE A 1 32  ? 9.733   0.035   8.558   1.00 12.62 ? 281 PHE A CZ  1 
ATOM   195  N  N   . MET A 1 33  ? 8.392   2.213   4.364   1.00 8.62  ? 282 MET A N   1 
ATOM   196  C  CA  . MET A 1 33  ? 8.764   1.156   3.422   1.00 8.35  ? 282 MET A CA  1 
ATOM   197  C  C   . MET A 1 33  ? 9.670   0.144   4.244   1.00 8.62  ? 282 MET A C   1 
ATOM   198  O  O   . MET A 1 33  ? 10.683  0.568   4.790   1.00 9.45  ? 282 MET A O   1 
ATOM   199  C  CB  . MET A 1 33  ? 9.690   1.693   2.325   1.00 10.58 ? 282 MET A CB  1 
ATOM   200  C  CG  . MET A 1 33  ? 8.573   2.238   1.223   1.00 11.65 ? 282 MET A CG  1 
ATOM   201  S  SD  A MET A 1 33  ? 9.134   3.097   -0.250  0.50 18.25 ? 282 MET A SD  1 
ATOM   202  S  SD  B MET A 1 33  ? 7.623   3.649   1.594   0.50 12.30 ? 282 MET A SD  1 
ATOM   203  C  CE  A MET A 1 33  ? 10.523  2.106   -0.776  0.50 18.38 ? 282 MET A CE  1 
ATOM   204  C  CE  B MET A 1 33  ? 6.068   3.536   2.346   0.50 17.57 ? 282 MET A CE  1 
ATOM   205  N  N   . SER A 1 34  ? 9.288   -1.116  4.333   1.00 7.48  ? 283 SER A N   1 
ATOM   206  C  CA  . SER A 1 34  ? 9.937   -2.032  5.234   1.00 6.82  ? 283 SER A CA  1 
ATOM   207  C  C   . SER A 1 34  ? 11.365  -2.335  4.779   1.00 6.88  ? 283 SER A C   1 
ATOM   208  O  O   . SER A 1 34  ? 11.709  -2.172  3.611   1.00 8.15  ? 283 SER A O   1 
ATOM   209  C  CB  . SER A 1 34  ? 9.154   -3.335  5.333   1.00 6.81  ? 283 SER A CB  1 
ATOM   210  O  OG  . SER A 1 34  ? 9.245   -4.098  4.120   1.00 6.35  ? 283 SER A OG  1 
ATOM   211  N  N   . ASN A 1 35  ? 12.152  -2.830  5.712   1.00 7.21  ? 284 ASN A N   1 
ATOM   212  C  CA  . ASN A 1 35  ? 13.533  -3.227  5.435   1.00 7.91  ? 284 ASN A CA  1 
ATOM   213  C  C   . ASN A 1 35  ? 13.686  -4.724  5.197   1.00 8.92  ? 284 ASN A C   1 
ATOM   214  O  O   . ASN A 1 35  ? 14.765  -5.184  4.841   1.00 8.94  ? 284 ASN A O   1 
ATOM   215  C  CB  . ASN A 1 35  ? 14.489  -2.726  6.554   1.00 9.19  ? 284 ASN A CB  1 
ATOM   216  C  CG  . ASN A 1 35  ? 14.246  -3.389  7.912   1.00 10.15 ? 284 ASN A CG  1 
ATOM   217  O  OD1 . ASN A 1 35  ? 14.037  -4.584  8.017   1.00 14.94 ? 284 ASN A OD1 1 
ATOM   218  N  ND2 . ASN A 1 35  ? 14.165  -2.565  8.948   1.00 19.89 ? 284 ASN A ND2 1 
ATOM   219  N  N   . SER A 1 36  ? 12.614  -5.480  5.413   1.00 7.88  ? 285 SER A N   1 
ATOM   220  C  CA  . SER A 1 36  ? 12.613  -6.926  5.263   1.00 8.90  ? 285 SER A CA  1 
ATOM   221  C  C   . SER A 1 36  ? 11.258  -7.383  4.690   1.00 7.38  ? 285 SER A C   1 
ATOM   222  O  O   . SER A 1 36  ? 10.377  -6.560  4.413   1.00 6.97  ? 285 SER A O   1 
ATOM   223  C  CB  . SER A 1 36  ? 12.871  -7.610  6.611   1.00 11.30 ? 285 SER A CB  1 
ATOM   224  O  OG  . SER A 1 36  ? 11.844  -7.322  7.514   1.00 14.45 ? 285 SER A OG  1 
ATOM   225  N  N   . GLN A 1 37  ? 11.121  -8.684  4.492   1.00 7.64  ? 286 GLN A N   1 
ATOM   226  C  CA  . GLN A 1 37  ? 10.000  -9.238  3.746   1.00 7.54  ? 286 GLN A CA  1 
ATOM   227  C  C   . GLN A 1 37  ? 9.135   -10.144 4.629   1.00 7.79  ? 286 GLN A C   1 
ATOM   228  O  O   . GLN A 1 37  ? 9.642   -10.854 5.502   1.00 10.72 ? 286 GLN A O   1 
ATOM   229  C  CB  . GLN A 1 37  ? 10.504  -10.016 2.538   1.00 7.55  ? 286 GLN A CB  1 
ATOM   230  C  CG  . GLN A 1 37  ? 11.354  -9.183  1.586   1.00 7.33  ? 286 GLN A CG  1 
ATOM   231  C  CD  . GLN A 1 37  ? 11.788  -9.962  0.366   1.00 11.68 ? 286 GLN A CD  1 
ATOM   232  O  OE1 . GLN A 1 37  ? 11.755  -9.455  -0.754  1.00 16.13 ? 286 GLN A OE1 1 
ATOM   233  N  NE2 . GLN A 1 37  ? 12.176  -11.208 0.575   1.00 15.00 ? 286 GLN A NE2 1 
ATOM   234  N  N   . ARG A 1 38  ? 7.826   -10.091 4.413   1.00 6.83  ? 287 ARG A N   1 
ATOM   235  C  CA  . ARG A 1 38  ? 6.831   -10.899 5.124   1.00 7.68  ? 287 ARG A CA  1 
ATOM   236  C  C   . ARG A 1 38  ? 5.736   -11.240 4.127   1.00 6.24  ? 287 ARG A C   1 
ATOM   237  O  O   . ARG A 1 38  ? 5.615   -10.617 3.074   1.00 5.74  ? 287 ARG A O   1 
ATOM   238  C  CB  . ARG A 1 38  ? 6.192   -10.117 6.278   1.00 8.96  ? 287 ARG A CB  1 
ATOM   239  C  CG  . ARG A 1 38  ? 7.060   -9.856  7.493   1.00 12.10 ? 287 ARG A CG  1 
ATOM   240  C  CD  . ARG A 1 38  ? 6.291   -8.931  8.421   1.00 16.41 ? 287 ARG A CD  1 
ATOM   241  N  NE  . ARG A 1 38  ? 6.869   -8.793  9.744   1.00 21.34 ? 287 ARG A NE  1 
ATOM   242  C  CZ  . ARG A 1 38  ? 6.201   -8.849  10.908  1.00 20.63 ? 287 ARG A CZ  1 
ATOM   243  N  NH1 . ARG A 1 38  ? 4.867   -9.089  11.002  1.00 18.34 ? 287 ARG A NH1 1 
ATOM   244  N  NH2 . ARG A 1 38  ? 6.908   -8.695  12.014  1.00 22.08 ? 287 ARG A NH2 1 
ATOM   245  N  N   . ASN A 1 39  ? 4.911   -12.210 4.468   1.00 5.65  ? 288 ASN A N   1 
ATOM   246  C  CA  . ASN A 1 39  ? 3.735   -12.513 3.653   1.00 5.93  ? 288 ASN A CA  1 
ATOM   247  C  C   . ASN A 1 39  ? 2.651   -11.449 3.835   1.00 5.74  ? 288 ASN A C   1 
ATOM   248  O  O   . ASN A 1 39  ? 2.807   -10.479 4.605   1.00 5.57  ? 288 ASN A O   1 
ATOM   249  C  CB  . ASN A 1 39  ? 3.238   -13.947 3.887   1.00 6.16  ? 288 ASN A CB  1 
ATOM   250  C  CG  . ASN A 1 39  ? 2.589   -14.142 5.215   1.00 6.28  ? 288 ASN A CG  1 
ATOM   251  O  OD1 . ASN A 1 39  ? 2.101   -13.219 5.853   1.00 7.28  ? 288 ASN A OD1 1 
ATOM   252  N  ND2 . ASN A 1 39  ? 2.538   -15.411 5.632   1.00 10.84 ? 288 ASN A ND2 1 
ATOM   253  N  N   . TRP A 1 40  ? 1.563   -11.563 3.087   1.00 5.36  ? 289 TRP A N   1 
ATOM   254  C  CA  . TRP A 1 40  ? 0.599   -10.468 3.053   1.00 5.51  ? 289 TRP A CA  1 
ATOM   255  C  C   . TRP A 1 40  ? -0.078  -10.235 4.405   1.00 5.15  ? 289 TRP A C   1 
ATOM   256  O  O   . TRP A 1 40  ? -0.117  -9.120  4.915   1.00 5.44  ? 289 TRP A O   1 
ATOM   257  C  CB  . TRP A 1 40  ? -0.420  -10.687 1.953   1.00 5.03  ? 289 TRP A CB  1 
ATOM   258  C  CG  . TRP A 1 40  ? -1.391  -9.544  1.819   1.00 4.76  ? 289 TRP A CG  1 
ATOM   259  C  CD1 . TRP A 1 40  ? -1.200  -8.397  1.096   1.00 4.63  ? 289 TRP A CD1 1 
ATOM   260  C  CD2 . TRP A 1 40  ? -2.701  -9.437  2.399   1.00 4.83  ? 289 TRP A CD2 1 
ATOM   261  N  NE1 . TRP A 1 40  ? -2.293  -7.573  1.201   1.00 5.00  ? 289 TRP A NE1 1 
ATOM   262  C  CE2 . TRP A 1 40  ? -3.232  -8.193  2.001   1.00 4.73  ? 289 TRP A CE2 1 
ATOM   263  C  CE3 . TRP A 1 40  ? -3.488  -10.279 3.202   1.00 6.83  ? 289 TRP A CE3 1 
ATOM   264  C  CZ2 . TRP A 1 40  ? -4.527  -7.778  2.364   1.00 5.77  ? 289 TRP A CZ2 1 
ATOM   265  C  CZ3 . TRP A 1 40  ? -4.762  -9.851  3.581   1.00 6.58  ? 289 TRP A CZ3 1 
ATOM   266  C  CH2 . TRP A 1 40  ? -5.261  -8.620  3.154   1.00 6.49  ? 289 TRP A CH2 1 
ATOM   267  N  N   . HIS A 1 41  ? -0.589  -11.292 5.004   1.00 6.65  ? 290 HIS A N   1 
ATOM   268  C  CA  . HIS A 1 41  ? -1.302  -11.145 6.264   1.00 7.07  ? 290 HIS A CA  1 
ATOM   269  C  C   . HIS A 1 41  ? -0.356  -10.657 7.368   1.00 6.93  ? 290 HIS A C   1 
ATOM   270  O  O   . HIS A 1 41  ? -0.731  -9.816  8.194   1.00 7.32  ? 290 HIS A O   1 
ATOM   271  C  CB  . HIS A 1 41  ? -1.932  -12.481 6.666   1.00 8.09  ? 290 HIS A CB  1 
ATOM   272  C  CG  . HIS A 1 41  ? -2.848  -12.401 7.849   1.00 11.92 ? 290 HIS A CG  1 
ATOM   273  N  ND1 . HIS A 1 41  ? -4.135  -11.909 7.775   1.00 19.50 ? 290 HIS A ND1 1 
ATOM   274  C  CD2 . HIS A 1 41  ? -2.676  -12.810 9.125   1.00 18.76 ? 290 HIS A CD2 1 
ATOM   275  C  CE1 . HIS A 1 41  ? -4.697  -11.978 8.969   1.00 17.35 ? 290 HIS A CE1 1 
ATOM   276  N  NE2 . HIS A 1 41  ? -3.840  -12.527 9.802   1.00 20.17 ? 290 HIS A NE2 1 
ATOM   277  N  N   . ASP A 1 42  ? 0.875   -11.155 7.376   1.00 6.70  ? 291 ASP A N   1 
ATOM   278  C  CA  . ASP A 1 42  ? 1.832   -10.707 8.387   1.00 6.92  ? 291 ASP A CA  1 
ATOM   279  C  C   . ASP A 1 42  ? 2.237   -9.262  8.155   1.00 6.92  ? 291 ASP A C   1 
ATOM   280  O  O   . ASP A 1 42  ? 2.637   -8.556  9.086   1.00 7.77  ? 291 ASP A O   1 
ATOM   281  C  CB  . ASP A 1 42  ? 3.062   -11.618 8.480   1.00 7.43  ? 291 ASP A CB  1 
ATOM   282  C  CG  . ASP A 1 42  ? 2.753   -12.921 9.131   1.00 9.04  ? 291 ASP A CG  1 
ATOM   283  O  OD1 . ASP A 1 42  ? 3.455   -13.930 8.859   1.00 12.04 ? 291 ASP A OD1 1 
ATOM   284  O  OD2 . ASP A 1 42  ? 1.806   -12.987 9.945   1.00 13.19 ? 291 ASP A OD2 1 
ATOM   285  N  N   . SER A 1 43  ? 2.132   -8.774  6.922   1.00 6.21  ? 292 SER A N   1 
ATOM   286  C  CA  . SER A 1 43  ? 2.365   -7.362  6.633   1.00 6.07  ? 292 SER A CA  1 
ATOM   287  C  C   . SER A 1 43  ? 1.189   -6.499  7.140   1.00 5.84  ? 292 SER A C   1 
ATOM   288  O  O   . SER A 1 43  ? 1.399   -5.408  7.686   1.00 6.44  ? 292 SER A O   1 
ATOM   289  C  CB  . SER A 1 43  ? 2.586   -7.160  5.132   1.00 6.07  ? 292 SER A CB  1 
ATOM   290  O  OG  . SER A 1 43  ? 3.775   -7.808  4.699   1.00 6.09  ? 292 SER A OG  1 
ATOM   291  N  N   . VAL A 1 44  ? -0.042  -6.996  6.986   1.00 6.10  ? 293 VAL A N   1 
ATOM   292  C  CA  . VAL A 1 44  ? -1.213  -6.318  7.570   1.00 6.51  ? 293 VAL A CA  1 
ATOM   293  C  C   . VAL A 1 44  ? -0.974  -6.116  9.080   1.00 7.64  ? 293 VAL A C   1 
ATOM   294  O  O   . VAL A 1 44  ? -1.144  -5.015  9.615   1.00 7.92  ? 293 VAL A O   1 
ATOM   295  C  CB  . VAL A 1 44  ? -2.512  -7.120  7.334   1.00 6.46  ? 293 VAL A CB  1 
ATOM   296  C  CG1 . VAL A 1 44  ? -3.669  -6.533  8.135   1.00 7.48  ? 293 VAL A CG1 1 
ATOM   297  C  CG2 . VAL A 1 44  ? -2.874  -7.158  5.837   1.00 7.12  ? 293 VAL A CG2 1 
ATOM   298  N  N   . THR A 1 45  ? -0.549  -7.181  9.748   1.00 8.55  ? 294 THR A N   1 
ATOM   299  C  CA  . THR A 1 45  ? -0.321  -7.125  11.188  1.00 9.54  ? 294 THR A CA  1 
ATOM   300  C  C   . THR A 1 45  ? 0.864   -6.240  11.555  1.00 9.01  ? 294 THR A C   1 
ATOM   301  O  O   . THR A 1 45  ? 0.808   -5.490  12.560  1.00 9.52  ? 294 THR A O   1 
ATOM   302  C  CB  . THR A 1 45  ? -0.125  -8.553  11.712  1.00 10.49 ? 294 THR A CB  1 
ATOM   303  O  OG1 . THR A 1 45  ? -1.335  -9.292  11.484  1.00 15.51 ? 294 THR A OG1 1 
ATOM   304  C  CG2 . THR A 1 45  ? 0.104   -8.546  13.225  1.00 14.09 ? 294 THR A CG2 1 
ATOM   305  N  N   . ALA A 1 46  ? 1.923   -6.268  10.746  1.00 7.98  ? 295 ALA A N   1 
ATOM   306  C  CA  . ALA A 1 46  ? 3.079   -5.429  11.020  1.00 8.18  ? 295 ALA A CA  1 
ATOM   307  C  C   . ALA A 1 46  ? 2.706   -3.961  11.053  1.00 8.50  ? 295 ALA A C   1 
ATOM   308  O  O   . ALA A 1 46  ? 3.220   -3.190  11.872  1.00 9.84  ? 295 ALA A O   1 
ATOM   309  C  CB  . ALA A 1 46  ? 4.152   -5.658  9.979   1.00 8.75  ? 295 ALA A CB  1 
ATOM   310  N  N   . CYS A 1 47  ? 1.839   -3.533  10.153  1.00 8.16  ? 296 CYS A N   1 
ATOM   311  C  CA  . CYS A 1 47  ? 1.450   -2.149  10.117  1.00 8.60  ? 296 CYS A CA  1 
ATOM   312  C  C   . CYS A 1 47  ? 0.555   -1.804  11.304  1.00 9.26  ? 296 CYS A C   1 
ATOM   313  O  O   . CYS A 1 47  ? 0.682   -0.713  11.891  1.00 8.89  ? 296 CYS A O   1 
ATOM   314  C  CB  . CYS A 1 47  ? 0.732   -1.836  8.808   1.00 7.61  ? 296 CYS A CB  1 
ATOM   315  S  SG  . CYS A 1 47  ? 1.785   -1.909  7.355   1.00 7.70  ? 296 CYS A SG  1 
ATOM   316  N  N   . GLN A 1 48  ? -0.330  -2.712  11.670  1.00 10.01 ? 297 GLN A N   1 
ATOM   317  C  CA  . GLN A 1 48  ? -1.181  -2.503  12.858  1.00 11.58 ? 297 GLN A CA  1 
ATOM   318  C  C   . GLN A 1 48  ? -0.336  -2.304  14.114  1.00 12.55 ? 297 GLN A C   1 
ATOM   319  O  O   . GLN A 1 48  ? -0.669  -1.473  14.968  1.00 12.58 ? 297 GLN A O   1 
ATOM   320  C  CB  . GLN A 1 48  ? -2.147  -3.675  13.043  1.00 11.77 ? 297 GLN A CB  1 
ATOM   321  C  CG  . GLN A 1 48  ? -3.231  -3.735  11.996  1.00 13.57 ? 297 GLN A CG  1 
ATOM   322  C  CD  . GLN A 1 48  ? -4.041  -5.012  12.011  1.00 16.69 ? 297 GLN A CD  1 
ATOM   323  O  OE1 . GLN A 1 48  ? -3.701  -5.972  12.694  1.00 19.64 ? 297 GLN A OE1 1 
ATOM   324  N  NE2 . GLN A 1 48  ? -5.100  -5.040  11.222  1.00 19.11 ? 297 GLN A NE2 1 
ATOM   325  N  N   . GLU A 1 49  ? 0.763   -3.030  14.207  1.00 13.29 ? 298 GLU A N   1 
ATOM   326  C  CA  . GLU A 1 49  ? 1.648   -2.959  15.376  1.00 14.39 ? 298 GLU A CA  1 
ATOM   327  C  C   . GLU A 1 49  ? 2.305   -1.590  15.560  1.00 14.78 ? 298 GLU A C   1 
ATOM   328  O  O   . GLU A 1 49  ? 2.694   -1.225  16.679  1.00 16.43 ? 298 GLU A O   1 
ATOM   329  C  CB  . GLU A 1 49  ? 2.712   -4.061  15.283  1.00 15.48 ? 298 GLU A CB  1 
ATOM   330  C  CG  . GLU A 1 49  ? 2.157   -5.440  15.593  1.00 17.59 ? 298 GLU A CG  1 
ATOM   331  C  CD  . GLU A 1 49  ? 3.081   -6.583  15.200  1.00 19.95 ? 298 GLU A CD  1 
ATOM   332  O  OE1 . GLU A 1 49  ? 4.202   -6.333  14.702  1.00 23.09 ? 298 GLU A OE1 1 
ATOM   333  O  OE2 . GLU A 1 49  ? 2.660   -7.744  15.401  1.00 23.49 ? 298 GLU A OE2 1 
ATOM   334  N  N   . VAL A 1 50  ? 2.438   -0.825  14.488  1.00 13.44 ? 299 VAL A N   1 
ATOM   335  C  CA  . VAL A 1 50  ? 2.966   0.539   14.552  1.00 13.27 ? 299 VAL A CA  1 
ATOM   336  C  C   . VAL A 1 50  ? 1.865   1.578   14.338  1.00 12.97 ? 299 VAL A C   1 
ATOM   337  O  O   . VAL A 1 50  ? 2.124   2.674   13.879  1.00 13.45 ? 299 VAL A O   1 
ATOM   338  C  CB  . VAL A 1 50  ? 4.150   0.718   13.576  1.00 12.95 ? 299 VAL A CB  1 
ATOM   339  C  CG1 . VAL A 1 50  ? 5.279   -0.199  13.981  1.00 14.09 ? 299 VAL A CG1 1 
ATOM   340  C  CG2 . VAL A 1 50  ? 3.743   0.461   12.123  1.00 12.28 ? 299 VAL A CG2 1 
ATOM   341  N  N   . ARG A 1 51  ? 0.640   1.230   14.709  1.00 12.73 ? 300 ARG A N   1 
ATOM   342  C  CA  . ARG A 1 51  ? -0.512  2.132   14.622  1.00 13.75 ? 300 ARG A CA  1 
ATOM   343  C  C   . ARG A 1 51  ? -0.709  2.727   13.219  1.00 12.31 ? 300 ARG A C   1 
ATOM   344  O  O   . ARG A 1 51  ? -0.999  3.911   13.020  1.00 12.43 ? 300 ARG A O   1 
ATOM   345  C  CB  . ARG A 1 51  ? -0.415  3.232   15.682  1.00 15.58 ? 300 ARG A CB  1 
ATOM   346  C  CG  . ARG A 1 51  ? -0.346  2.663   17.094  1.00 21.47 ? 300 ARG A CG  1 
ATOM   347  C  CD  . ARG A 1 51  ? -0.204  3.706   18.194  1.00 29.28 ? 300 ARG A CD  1 
ATOM   348  N  NE  . ARG A 1 51  ? -0.449  3.128   19.517  1.00 34.72 ? 300 ARG A NE  1 
ATOM   349  C  CZ  . ARG A 1 51  ? -1.654  2.843   20.020  1.00 39.73 ? 300 ARG A CZ  1 
ATOM   350  N  NH1 . ARG A 1 51  ? -2.767  3.069   19.321  1.00 41.88 ? 300 ARG A NH1 1 
ATOM   351  N  NH2 . ARG A 1 51  ? -1.749  2.322   21.241  1.00 41.76 ? 300 ARG A NH2 1 
ATOM   352  N  N   . ALA A 1 52  ? -0.567  1.849   12.234  1.00 10.33 ? 301 ALA A N   1 
ATOM   353  C  CA  . ALA A 1 52  ? -0.691  2.204   10.834  1.00 9.93  ? 301 ALA A CA  1 
ATOM   354  C  C   . ALA A 1 52  ? -1.510  1.130   10.125  1.00 8.74  ? 301 ALA A C   1 
ATOM   355  O  O   . ALA A 1 52  ? -2.038  0.218   10.748  1.00 9.88  ? 301 ALA A O   1 
ATOM   356  C  CB  . ALA A 1 52  ? 0.701   2.371   10.220  1.00 9.22  ? 301 ALA A CB  1 
ATOM   357  N  N   . GLN A 1 53  ? -1.591  1.236   8.801   1.00 8.20  ? 302 GLN A N   1 
ATOM   358  C  CA  . GLN A 1 53  ? -2.361  0.316   7.991   1.00 7.64  ? 302 GLN A CA  1 
ATOM   359  C  C   . GLN A 1 53  ? -1.587  0.010   6.717   1.00 6.58  ? 302 GLN A C   1 
ATOM   360  O  O   . GLN A 1 53  ? -1.009  0.900   6.087   1.00 7.21  ? 302 GLN A O   1 
ATOM   361  C  CB  . GLN A 1 53  ? -3.717  0.932   7.646   1.00 7.69  ? 302 GLN A CB  1 
ATOM   362  C  CG  . GLN A 1 53  ? -4.650  0.060   6.871   1.00 9.86  ? 302 GLN A CG  1 
ATOM   363  C  CD  . GLN A 1 53  ? -6.004  0.695   6.700   1.00 9.30  ? 302 GLN A CD  1 
ATOM   364  O  OE1 . GLN A 1 53  ? -6.136  1.682   5.996   1.00 11.68 ? 302 GLN A OE1 1 
ATOM   365  N  NE2 . GLN A 1 53  ? -7.010  0.084   7.287   1.00 12.87 ? 302 GLN A NE2 1 
ATOM   366  N  N   . LEU A 1 54  ? -1.599  -1.252  6.318   1.00 5.96  ? 303 LEU A N   1 
ATOM   367  C  CA  . LEU A 1 54  ? -0.992  -1.655  5.053   1.00 4.94  ? 303 LEU A CA  1 
ATOM   368  C  C   . LEU A 1 54  ? -1.662  -0.829  3.959   1.00 5.59  ? 303 LEU A C   1 
ATOM   369  O  O   . LEU A 1 54  ? -2.889  -0.743  3.898   1.00 6.39  ? 303 LEU A O   1 
ATOM   370  C  CB  . LEU A 1 54  ? -1.186  -3.166  4.873   1.00 5.06  ? 303 LEU A CB  1 
ATOM   371  C  CG  . LEU A 1 54  ? -0.436  -3.797  3.700   1.00 4.66  ? 303 LEU A CG  1 
ATOM   372  C  CD1 . LEU A 1 54  ? 1.057   -3.674  3.869   1.00 5.76  ? 303 LEU A CD1 1 
ATOM   373  C  CD2 . LEU A 1 54  ? -0.826  -5.210  3.484   1.00 6.28  ? 303 LEU A CD2 1 
ATOM   374  N  N   . VAL A 1 55  ? -0.842  -0.162  3.156   1.00 6.34  ? 304 VAL A N   1 
ATOM   375  C  CA  . VAL A 1 55  ? -1.284  1.047   2.483   1.00 6.39  ? 304 VAL A CA  1 
ATOM   376  C  C   . VAL A 1 55  ? -2.543  0.886   1.629   1.00 7.04  ? 304 VAL A C   1 
ATOM   377  O  O   . VAL A 1 55  ? -2.625  0.043   0.731   1.00 6.23  ? 304 VAL A O   1 
ATOM   378  C  CB  . VAL A 1 55  ? -0.133  1.688   1.655   1.00 6.41  ? 304 VAL A CB  1 
ATOM   379  C  CG1 . VAL A 1 55  ? 0.387   0.743   0.577   1.00 7.09  ? 304 VAL A CG1 1 
ATOM   380  C  CG2 . VAL A 1 55  ? -0.586  3.032   1.058   1.00 7.42  ? 304 VAL A CG2 1 
ATOM   381  N  N   . VAL A 1 56  ? -3.516  1.750   1.922   1.00 6.98  ? 305 VAL A N   1 
ATOM   382  C  CA  . VAL A 1 56  ? -4.726  1.911   1.134   1.00 7.64  ? 305 VAL A CA  1 
ATOM   383  C  C   . VAL A 1 56  ? -4.626  3.209   0.343   1.00 8.01  ? 305 VAL A C   1 
ATOM   384  O  O   . VAL A 1 56  ? -4.471  4.290   0.911   1.00 9.11  ? 305 VAL A O   1 
ATOM   385  C  CB  . VAL A 1 56  ? -5.955  1.905   2.045   1.00 7.67  ? 305 VAL A CB  1 
ATOM   386  C  CG1 . VAL A 1 56  ? -7.247  2.228   1.239   1.00 8.41  ? 305 VAL A CG1 1 
ATOM   387  C  CG2 . VAL A 1 56  ? -6.059  0.553   2.704   1.00 8.42  ? 305 VAL A CG2 1 
ATOM   388  N  N   . ILE A 1 57  ? -4.659  3.100   -0.973  1.00 7.92  ? 306 ILE A N   1 
ATOM   389  C  CA  . ILE A 1 57  ? -4.483  4.250   -1.854  1.00 8.63  ? 306 ILE A CA  1 
ATOM   390  C  C   . ILE A 1 57  ? -5.825  4.893   -2.116  1.00 9.35  ? 306 ILE A C   1 
ATOM   391  O  O   . ILE A 1 57  ? -6.780  4.221   -2.515  1.00 10.22 ? 306 ILE A O   1 
ATOM   392  C  CB  . ILE A 1 57  ? -3.839  3.826   -3.151  1.00 8.37  ? 306 ILE A CB  1 
ATOM   393  C  CG1 . ILE A 1 57  ? -2.507  3.119   -2.842  1.00 9.17  ? 306 ILE A CG1 1 
ATOM   394  C  CG2 . ILE A 1 57  ? -3.634  5.032   -4.066  1.00 11.25 ? 306 ILE A CG2 1 
ATOM   395  C  CD1 . ILE A 1 57  ? -1.877  2.436   -4.106  1.00 12.28 ? 306 ILE A CD1 1 
ATOM   396  N  N   . LYS A 1 58  ? -5.896  6.199   -1.884  1.00 10.03 ? 307 LYS A N   1 
ATOM   397  C  CA  . LYS A 1 58  ? -7.139  6.955   -2.029  1.00 10.48 ? 307 LYS A CA  1 
ATOM   398  C  C   . LYS A 1 58  ? -7.197  7.865   -3.227  1.00 10.89 ? 307 LYS A C   1 
ATOM   399  O  O   . LYS A 1 58  ? -8.289  8.190   -3.661  1.00 11.40 ? 307 LYS A O   1 
ATOM   400  C  CB  . LYS A 1 58  ? -7.408  7.769   -0.767  1.00 11.27 ? 307 LYS A CB  1 
ATOM   401  C  CG  . LYS A 1 58  ? -7.599  6.914   0.467   1.00 13.20 ? 307 LYS A CG  1 
ATOM   402  C  CD  . LYS A 1 58  ? -8.905  6.172   0.380   1.00 14.62 ? 307 LYS A CD  1 
ATOM   403  C  CE  . LYS A 1 58  ? -9.208  5.382   1.598   1.00 15.27 ? 307 LYS A CE  1 
ATOM   404  N  NZ  . LYS A 1 58  ? -10.350 4.471   1.357   1.00 16.15 ? 307 LYS A NZ  1 
ATOM   405  N  N   . THR A 1 59  ? -6.058  8.276   -3.759  1.00 10.41 ? 308 THR A N   1 
ATOM   406  C  CA  . THR A 1 59  ? -6.041  9.147   -4.941  1.00 11.01 ? 308 THR A CA  1 
ATOM   407  C  C   . THR A 1 59  ? -4.972  8.759   -5.940  1.00 11.21 ? 308 THR A C   1 
ATOM   408  O  O   . THR A 1 59  ? -3.991  8.109   -5.590  1.00 9.71  ? 308 THR A O   1 
ATOM   409  C  CB  . THR A 1 59  ? -5.774  10.626  -4.570  1.00 11.48 ? 308 THR A CB  1 
ATOM   410  O  OG1 . THR A 1 59  ? -4.451  10.735  -4.059  1.00 12.95 ? 308 THR A OG1 1 
ATOM   411  C  CG2 . THR A 1 59  ? -6.666  11.116  -3.447  1.00 12.94 ? 308 THR A CG2 1 
ATOM   412  N  N   . ALA A 1 60  ? -5.149  9.231   -7.168  1.00 11.07 ? 309 ALA A N   1 
ATOM   413  C  CA  . ALA A 1 60  ? -4.175  9.062   -8.238  1.00 11.03 ? 309 ALA A CA  1 
ATOM   414  C  C   . ALA A 1 60  ? -2.832  9.678   -7.887  1.00 11.34 ? 309 ALA A C   1 
ATOM   415  O  O   . ALA A 1 60  ? -1.788  9.113   -8.201  1.00 11.39 ? 309 ALA A O   1 
ATOM   416  C  CB  . ALA A 1 60  ? -4.704  9.661   -9.518  1.00 11.37 ? 309 ALA A CB  1 
ATOM   417  N  N   . GLU A 1 61  ? -2.849  10.834  -7.229  1.00 11.77 ? 310 GLU A N   1 
ATOM   418  C  CA  . GLU A 1 61  ? -1.624  11.513  -6.857  1.00 12.17 ? 310 GLU A CA  1 
ATOM   419  C  C   . GLU A 1 61  ? -0.817  10.660  -5.887  1.00 11.41 ? 310 GLU A C   1 
ATOM   420  O  O   . GLU A 1 61  ? 0.411   10.559  -5.991  1.00 11.39 ? 310 GLU A O   1 
ATOM   421  C  CB  . GLU A 1 61  ? -1.952  12.878  -6.231  1.00 13.33 ? 310 GLU A CB  1 
ATOM   422  C  CG  . GLU A 1 61  ? -0.740  13.750  -6.022  1.00 17.67 ? 310 GLU A CG  1 
ATOM   423  C  CD  . GLU A 1 61  ? -1.070  15.215  -5.783  1.00 23.31 ? 310 GLU A CD  1 
ATOM   424  O  OE1 . GLU A 1 61  ? -2.243  15.620  -5.951  1.00 25.30 ? 310 GLU A OE1 1 
ATOM   425  O  OE2 . GLU A 1 61  ? -0.134  15.958  -5.407  1.00 27.11 ? 310 GLU A OE2 1 
ATOM   426  N  N   . GLU A 1 62  ? -1.524  10.039  -4.955  1.00 10.70 ? 311 GLU A N   1 
ATOM   427  C  CA  . GLU A 1 62  ? -0.927  9.125   -3.992  1.00 10.05 ? 311 GLU A CA  1 
ATOM   428  C  C   . GLU A 1 62  ? -0.341  7.891   -4.685  1.00 9.89  ? 311 GLU A C   1 
ATOM   429  O  O   . GLU A 1 62  ? 0.790   7.475   -4.397  1.00 9.66  ? 311 GLU A O   1 
ATOM   430  C  CB  . GLU A 1 62  ? -1.948  8.737   -2.931  1.00 9.82  ? 311 GLU A CB  1 
ATOM   431  C  CG  . GLU A 1 62  ? -1.400  7.865   -1.833  1.00 10.85 ? 311 GLU A CG  1 
ATOM   432  C  CD  . GLU A 1 62  ? -2.446  7.498   -0.803  1.00 10.61 ? 311 GLU A CD  1 
ATOM   433  O  OE1 . GLU A 1 62  ? -2.041  7.027   0.285   1.00 10.94 ? 311 GLU A OE1 1 
ATOM   434  O  OE2 . GLU A 1 62  ? -3.644  7.662   -1.093  1.00 10.43 ? 311 GLU A OE2 1 
ATOM   435  N  N   . GLN A 1 63  ? -1.104  7.315   -5.610  1.00 8.61  ? 312 GLN A N   1 
ATOM   436  C  CA  . GLN A 1 63  ? -0.607  6.188   -6.404  1.00 9.39  ? 312 GLN A CA  1 
ATOM   437  C  C   . GLN A 1 63  ? 0.668   6.566   -7.134  1.00 9.95  ? 312 GLN A C   1 
ATOM   438  O  O   . GLN A 1 63  ? 1.643   5.817   -7.122  1.00 10.02 ? 312 GLN A O   1 
ATOM   439  C  CB  . GLN A 1 63  ? -1.687  5.693   -7.379  1.00 9.58  ? 312 GLN A CB  1 
ATOM   440  C  CG  . GLN A 1 63  ? -1.211  4.920   -8.605  1.00 9.66  ? 312 GLN A CG  1 
ATOM   441  C  CD  . GLN A 1 63  ? -0.418  3.649   -8.293  1.00 8.96  ? 312 GLN A CD  1 
ATOM   442  O  OE1 . GLN A 1 63  ? -0.542  3.076   -7.215  1.00 8.99  ? 312 GLN A OE1 1 
ATOM   443  N  NE2 . GLN A 1 63  ? 0.371   3.194   -9.260  1.00 10.42 ? 312 GLN A NE2 1 
ATOM   444  N  N   . ASN A 1 64  ? 0.688   7.737   -7.751  1.00 11.71 ? 313 ASN A N   1 
ATOM   445  C  CA  . ASN A 1 64  ? 1.862   8.148   -8.503  1.00 12.57 ? 313 ASN A CA  1 
ATOM   446  C  C   . ASN A 1 64  ? 3.102   8.283   -7.605  1.00 12.41 ? 313 ASN A C   1 
ATOM   447  O  O   . ASN A 1 64  ? 4.188   7.840   -7.975  1.00 12.55 ? 313 ASN A O   1 
ATOM   448  C  CB  . ASN A 1 64  ? 1.579   9.451   -9.272  1.00 13.43 ? 313 ASN A CB  1 
ATOM   449  C  CG  . ASN A 1 64  ? 0.508   9.292   -10.351 1.00 17.91 ? 313 ASN A CG  1 
ATOM   450  O  OD1 . ASN A 1 64  ? 0.262   8.186   -10.882 1.00 22.83 ? 313 ASN A OD1 1 
ATOM   451  N  ND2 . ASN A 1 64  ? -0.158  10.397  -10.669 1.00 21.16 ? 313 ASN A ND2 1 
ATOM   452  N  N   . PHE A 1 65  ? 2.919   8.848   -6.419  1.00 11.80 ? 314 PHE A N   1 
ATOM   453  C  CA  . PHE A 1 65  ? 3.982   9.018   -5.434  1.00 12.33 ? 314 PHE A CA  1 
ATOM   454  C  C   . PHE A 1 65  ? 4.560   7.670   -5.024  1.00 12.34 ? 314 PHE A C   1 
ATOM   455  O  O   . PHE A 1 65  ? 5.764   7.471   -5.060  1.00 13.34 ? 314 PHE A O   1 
ATOM   456  C  CB  . PHE A 1 65  ? 3.423   9.779   -4.214  1.00 13.14 ? 314 PHE A CB  1 
ATOM   457  C  CG  . PHE A 1 65  ? 4.180   9.541   -2.916  1.00 14.50 ? 314 PHE A CG  1 
ATOM   458  C  CD1 . PHE A 1 65  ? 3.689   8.672   -1.942  1.00 15.96 ? 314 PHE A CD1 1 
ATOM   459  C  CD2 . PHE A 1 65  ? 5.362   10.186  -2.683  1.00 18.04 ? 314 PHE A CD2 1 
ATOM   460  C  CE1 . PHE A 1 65  ? 4.397   8.448   -0.775  1.00 16.54 ? 314 PHE A CE1 1 
ATOM   461  C  CE2 . PHE A 1 65  ? 6.068   9.970   -1.521  1.00 16.77 ? 314 PHE A CE2 1 
ATOM   462  C  CZ  . PHE A 1 65  ? 5.593   9.106   -0.572  1.00 16.23 ? 314 PHE A CZ  1 
ATOM   463  N  N   . LEU A 1 66  ? 3.687   6.743   -4.650  1.00 11.62 ? 315 LEU A N   1 
ATOM   464  C  CA  . LEU A 1 66  ? 4.104   5.415   -4.212  1.00 12.76 ? 315 LEU A CA  1 
ATOM   465  C  C   . LEU A 1 66  ? 4.744   4.631   -5.324  1.00 12.99 ? 315 LEU A C   1 
ATOM   466  O  O   . LEU A 1 66  ? 5.771   3.991   -5.118  1.00 14.29 ? 315 LEU A O   1 
ATOM   467  C  CB  . LEU A 1 66  ? 2.905   4.629   -3.683  1.00 12.48 ? 315 LEU A CB  1 
ATOM   468  C  CG  . LEU A 1 66  ? 2.339   5.153   -2.357  1.00 12.96 ? 315 LEU A CG  1 
ATOM   469  C  CD1 . LEU A 1 66  ? 0.946   4.590   -2.018  1.00 14.90 ? 315 LEU A CD1 1 
ATOM   470  C  CD2 . LEU A 1 66  ? 3.310   4.840   -1.235  1.00 15.15 ? 315 LEU A CD2 1 
ATOM   471  N  N   . GLN A 1 67  ? 4.116   4.629   -6.494  1.00 13.61 ? 316 GLN A N   1 
ATOM   472  C  CA  . GLN A 1 67  ? 4.630   3.827   -7.587  1.00 14.05 ? 316 GLN A CA  1 
ATOM   473  C  C   . GLN A 1 67  ? 6.016   4.280   -7.986  1.00 15.28 ? 316 GLN A C   1 
ATOM   474  O  O   . GLN A 1 67  ? 6.850   3.440   -8.325  1.00 14.46 ? 316 GLN A O   1 
ATOM   475  C  CB  . GLN A 1 67  ? 3.708   3.877   -8.793  1.00 13.74 ? 316 GLN A CB  1 
ATOM   476  C  CG  . GLN A 1 67  ? 3.992   2.763   -9.788  1.00 13.10 ? 316 GLN A CG  1 
ATOM   477  C  CD  . GLN A 1 67  ? 3.552   1.401   -9.270  1.00 12.72 ? 316 GLN A CD  1 
ATOM   478  O  OE1 . GLN A 1 67  ? 2.380   1.217   -8.965  1.00 13.00 ? 316 GLN A OE1 1 
ATOM   479  N  NE2 . GLN A 1 67  ? 4.493   0.465   -9.120  1.00 10.95 ? 316 GLN A NE2 1 
ATOM   480  N  N   . LEU A 1 68  ? 6.270   5.583   -7.937  1.00 16.37 ? 317 LEU A N   1 
ATOM   481  C  CA  . LEU A 1 68  ? 7.573   6.117   -8.285  1.00 19.41 ? 317 LEU A CA  1 
ATOM   482  C  C   . LEU A 1 68  ? 8.664   5.588   -7.363  1.00 20.57 ? 317 LEU A C   1 
ATOM   483  O  O   . LEU A 1 68  ? 9.745   5.254   -7.825  1.00 22.18 ? 317 LEU A O   1 
ATOM   484  C  CB  . LEU A 1 68  ? 7.548   7.644   -8.230  1.00 19.98 ? 317 LEU A CB  1 
ATOM   485  C  CG  . LEU A 1 68  ? 8.719   8.375   -8.879  1.00 23.02 ? 317 LEU A CG  1 
ATOM   486  C  CD1 . LEU A 1 68  ? 9.076   7.786   -10.239 1.00 24.69 ? 317 LEU A CD1 1 
ATOM   487  C  CD2 . LEU A 1 68  ? 8.372   9.865   -9.020  1.00 25.13 ? 317 LEU A CD2 1 
ATOM   488  N  N   . GLN A 1 69  ? 8.381   5.494   -6.067  1.00 21.05 ? 318 GLN A N   1 
ATOM   489  C  CA  . GLN A 1 69  ? 9.333   4.891   -5.125  1.00 22.33 ? 318 GLN A CA  1 
ATOM   490  C  C   . GLN A 1 69  ? 9.607   3.413   -5.497  1.00 22.13 ? 318 GLN A C   1 
ATOM   491  O  O   . GLN A 1 69  ? 10.739  2.939   -5.426  1.00 23.32 ? 318 GLN A O   1 
ATOM   492  C  CB  . GLN A 1 69  ? 8.849   4.998   -3.670  1.00 23.11 ? 318 GLN A CB  1 
ATOM   493  C  CG  . GLN A 1 69  ? 8.079   6.279   -3.253  1.00 26.70 ? 318 GLN A CG  1 
ATOM   494  C  CD  . GLN A 1 69  ? 8.812   7.600   -3.535  1.00 30.98 ? 318 GLN A CD  1 
ATOM   495  O  OE1 . GLN A 1 69  ? 9.805   7.912   -2.871  1.00 35.05 ? 318 GLN A OE1 1 
ATOM   496  N  NE2 . GLN A 1 69  ? 8.299   8.391   -4.491  1.00 32.42 ? 318 GLN A NE2 1 
ATOM   497  N  N   . THR A 1 70  ? 8.582   2.693   -5.921  1.00 21.31 ? 319 THR A N   1 
ATOM   498  C  CA  . THR A 1 70  ? 8.725   1.286   -6.315  1.00 20.28 ? 319 THR A CA  1 
ATOM   499  C  C   . THR A 1 70  ? 9.529   1.126   -7.602  1.00 19.78 ? 319 THR A C   1 
ATOM   500  O  O   . THR A 1 70  ? 10.372  0.237   -7.715  1.00 17.38 ? 319 THR A O   1 
ATOM   501  C  CB  . THR A 1 70  ? 7.320   0.641   -6.504  1.00 20.17 ? 319 THR A CB  1 
ATOM   502  O  OG1 . THR A 1 70  ? 6.738   0.358   -5.225  1.00 20.34 ? 319 THR A OG1 1 
ATOM   503  C  CG2 . THR A 1 70  ? 7.411   -0.740  -7.213  1.00 20.00 ? 319 THR A CG2 1 
ATOM   504  N  N   . SER A 1 71  ? 9.242   1.962   -8.592  1.00 19.11 ? 320 SER A N   1 
ATOM   505  C  CA  . SER A 1 71  ? 9.786   1.750   -9.927  1.00 20.44 ? 320 SER A CA  1 
ATOM   506  C  C   . SER A 1 71  ? 11.312  1.955   -9.912  1.00 22.69 ? 320 SER A C   1 
ATOM   507  O  O   . SER A 1 71  ? 12.044  1.306   -10.651 1.00 25.15 ? 320 SER A O   1 
ATOM   508  C  CB  . SER A 1 71  ? 9.071   2.647   -10.948 1.00 20.26 ? 320 SER A CB  1 
ATOM   509  O  OG  . SER A 1 71  ? 9.208   4.017   -10.625 1.00 19.12 ? 320 SER A OG  1 
ATOM   510  N  N   . ARG A 1 72  ? 11.770  2.822   -9.021  1.00 24.82 ? 321 ARG A N   1 
ATOM   511  C  CA  . ARG A 1 72  ? 13.197  3.061   -8.823  1.00 26.47 ? 321 ARG A CA  1 
ATOM   512  C  C   . ARG A 1 72  ? 13.896  1.876   -8.129  1.00 26.06 ? 321 ARG A C   1 
ATOM   513  O  O   . ARG A 1 72  ? 15.076  1.620   -8.354  1.00 26.65 ? 321 ARG A O   1 
ATOM   514  C  CB  . ARG A 1 72  ? 13.394  4.309   -7.958  1.00 27.37 ? 321 ARG A CB  1 
ATOM   515  C  CG  . ARG A 1 72  ? 12.865  5.636   -8.526  1.00 31.47 ? 321 ARG A CG  1 
ATOM   516  C  CD  . ARG A 1 72  ? 12.959  6.755   -7.489  1.00 35.07 ? 321 ARG A CD  1 
ATOM   517  N  NE  . ARG A 1 72  ? 12.206  7.969   -7.794  1.00 38.53 ? 321 ARG A NE  1 
ATOM   518  C  CZ  . ARG A 1 72  ? 12.073  8.993   -6.945  1.00 41.06 ? 321 ARG A CZ  1 
ATOM   519  N  NH1 . ARG A 1 72  ? 12.629  8.946   -5.734  1.00 42.10 ? 321 ARG A NH1 1 
ATOM   520  N  NH2 . ARG A 1 72  ? 11.375  10.070  -7.293  1.00 41.78 ? 321 ARG A NH2 1 
ATOM   521  N  N   . SER A 1 73  ? 13.162  1.150   -7.288  1.00 25.32 ? 322 SER A N   1 
ATOM   522  C  CA  . SER A 1 73  ? 13.771  0.193   -6.352  1.00 23.64 ? 322 SER A CA  1 
ATOM   523  C  C   . SER A 1 73  ? 13.931  -1.255  -6.838  1.00 22.50 ? 322 SER A C   1 
ATOM   524  O  O   . SER A 1 73  ? 14.772  -1.985  -6.303  1.00 21.17 ? 322 SER A O   1 
ATOM   525  C  CB  . SER A 1 73  ? 12.997  0.225   -5.036  1.00 24.11 ? 322 SER A CB  1 
ATOM   526  O  OG  . SER A 1 73  ? 11.734  -0.410  -5.162  1.00 22.73 ? 322 SER A OG  1 
ATOM   527  N  N   . ASN A 1 74  ? 13.145  -1.695  -7.821  1.00 21.09 ? 323 ASN A N   1 
ATOM   528  C  CA  . ASN A 1 74  ? 13.087  -3.112  -8.215  1.00 20.41 ? 323 ASN A CA  1 
ATOM   529  C  C   . ASN A 1 74  ? 12.645  -4.076  -7.080  1.00 17.18 ? 323 ASN A C   1 
ATOM   530  O  O   . ASN A 1 74  ? 12.914  -5.269  -7.093  1.00 18.21 ? 323 ASN A O   1 
ATOM   531  C  CB  . ASN A 1 74  ? 14.401  -3.583  -8.843  1.00 21.13 ? 323 ASN A CB  1 
ATOM   532  C  CG  . ASN A 1 74  ? 14.705  -2.870  -10.160 1.00 25.14 ? 323 ASN A CG  1 
ATOM   533  O  OD1 . ASN A 1 74  ? 13.802  -2.595  -10.955 1.00 29.29 ? 323 ASN A OD1 1 
ATOM   534  N  ND2 . ASN A 1 74  ? 15.976  -2.556  -10.385 1.00 28.01 ? 323 ASN A ND2 1 
ATOM   535  N  N   . ARG A 1 75  ? 11.938  -3.513  -6.116  1.00 14.09 ? 324 ARG A N   1 
ATOM   536  C  CA  . ARG A 1 75  ? 11.397  -4.258  -4.986  1.00 11.14 ? 324 ARG A CA  1 
ATOM   537  C  C   . ARG A 1 75  ? 9.927   -4.523  -5.246  1.00 9.57  ? 324 ARG A C   1 
ATOM   538  O  O   . ARG A 1 75  ? 9.237   -3.702  -5.883  1.00 11.53 ? 324 ARG A O   1 
ATOM   539  C  CB  . ARG A 1 75  ? 11.515  -3.417  -3.720  1.00 10.15 ? 324 ARG A CB  1 
ATOM   540  C  CG  . ARG A 1 75  ? 12.954  -3.148  -3.296  1.00 9.31  ? 324 ARG A CG  1 
ATOM   541  C  CD  . ARG A 1 75  ? 13.034  -2.337  -2.014  1.00 11.31 ? 324 ARG A CD  1 
ATOM   542  N  NE  . ARG A 1 75  ? 14.427  -2.248  -1.583  1.00 10.99 ? 324 ARG A NE  1 
ATOM   543  C  CZ  . ARG A 1 75  ? 14.850  -2.381  -0.349  1.00 11.12 ? 324 ARG A CZ  1 
ATOM   544  N  NH1 . ARG A 1 75  ? 14.021  -2.542  0.665   1.00 12.38 ? 324 ARG A NH1 1 
ATOM   545  N  NH2 . ARG A 1 75  ? 16.167  -2.336  -0.128  1.00 11.19 ? 324 ARG A NH2 1 
ATOM   546  N  N   . PHE A 1 76  ? 9.462   -5.659  -4.754  1.00 7.78  ? 325 PHE A N   1 
ATOM   547  C  CA  . PHE A 1 76  ? 8.045   -5.996  -4.706  1.00 7.23  ? 325 PHE A CA  1 
ATOM   548  C  C   . PHE A 1 76  ? 7.525   -5.682  -3.310  1.00 6.37  ? 325 PHE A C   1 
ATOM   549  O  O   . PHE A 1 76  ? 8.097   -6.168  -2.323  1.00 7.06  ? 325 PHE A O   1 
ATOM   550  C  CB  . PHE A 1 76  ? 7.808   -7.494  -4.962  1.00 7.48  ? 325 PHE A CB  1 
ATOM   551  C  CG  . PHE A 1 76  ? 8.233   -8.009  -6.312  1.00 10.06 ? 325 PHE A CG  1 
ATOM   552  C  CD1 . PHE A 1 76  ? 9.557   -8.368  -6.555  1.00 11.59 ? 325 PHE A CD1 1 
ATOM   553  C  CD2 . PHE A 1 76  ? 7.278   -8.257  -7.292  1.00 10.67 ? 325 PHE A CD2 1 
ATOM   554  C  CE1 . PHE A 1 76  ? 9.956   -8.894  -7.823  1.00 10.80 ? 325 PHE A CE1 1 
ATOM   555  C  CE2 . PHE A 1 76  ? 7.657   -8.785  -8.537  1.00 12.35 ? 325 PHE A CE2 1 
ATOM   556  C  CZ  . PHE A 1 76  ? 9.000   -9.096  -8.789  1.00 12.99 ? 325 PHE A CZ  1 
ATOM   557  N  N   . SER A 1 77  ? 6.434   -4.926  -3.214  1.00 5.89  ? 326 SER A N   1 
ATOM   558  C  CA  . SER A 1 77  ? 5.892   -4.498  -1.900  1.00 5.35  ? 326 SER A CA  1 
ATOM   559  C  C   . SER A 1 77  ? 4.387   -4.737  -1.789  1.00 4.76  ? 326 SER A C   1 
ATOM   560  O  O   . SER A 1 77  ? 3.634   -4.315  -2.664  1.00 5.77  ? 326 SER A O   1 
ATOM   561  C  CB  . SER A 1 77  ? 6.154   -3.022  -1.633  1.00 5.72  ? 326 SER A CB  1 
ATOM   562  O  OG  . SER A 1 77  ? 7.531   -2.721  -1.662  1.00 8.37  ? 326 SER A OG  1 
ATOM   563  N  N   . TRP A 1 78  ? 3.936   -5.363  -0.725  1.00 5.32  ? 327 TRP A N   1 
ATOM   564  C  CA  . TRP A 1 78  ? 2.512   -5.526  -0.474  1.00 4.96  ? 327 TRP A CA  1 
ATOM   565  C  C   . TRP A 1 78  ? 1.816   -4.201  -0.210  1.00 5.52  ? 327 TRP A C   1 
ATOM   566  O  O   . TRP A 1 78  ? 2.374   -3.313  0.417   1.00 5.60  ? 327 TRP A O   1 
ATOM   567  C  CB  . TRP A 1 78  ? 2.299   -6.408  0.748   1.00 5.67  ? 327 TRP A CB  1 
ATOM   568  C  CG  . TRP A 1 78  ? 2.672   -7.848  0.613   1.00 5.41  ? 327 TRP A CG  1 
ATOM   569  C  CD1 . TRP A 1 78  ? 3.486   -8.562  1.446   1.00 5.89  ? 327 TRP A CD1 1 
ATOM   570  C  CD2 . TRP A 1 78  ? 2.194   -8.788  -0.370  1.00 5.46  ? 327 TRP A CD2 1 
ATOM   571  N  NE1 . TRP A 1 78  ? 3.556   -9.868  1.043   1.00 6.33  ? 327 TRP A NE1 1 
ATOM   572  C  CE2 . TRP A 1 78  ? 2.756   -10.041 -0.065  1.00 5.86  ? 327 TRP A CE2 1 
ATOM   573  C  CE3 . TRP A 1 78  ? 1.341   -8.704  -1.469  1.00 5.06  ? 327 TRP A CE3 1 
ATOM   574  C  CZ2 . TRP A 1 78  ? 2.498   -11.195 -0.832  1.00 5.66  ? 327 TRP A CZ2 1 
ATOM   575  C  CZ3 . TRP A 1 78  ? 1.119   -9.824  -2.223  1.00 5.43  ? 327 TRP A CZ3 1 
ATOM   576  C  CH2 . TRP A 1 78  ? 1.678   -11.049 -1.905  1.00 5.52  ? 327 TRP A CH2 1 
ATOM   577  N  N   . MET A 1 79  ? 0.577   -4.099  -0.689  1.00 5.10  ? 328 MET A N   1 
ATOM   578  C  CA  . MET A 1 79  ? -0.324  -3.015  -0.349  1.00 5.41  ? 328 MET A CA  1 
ATOM   579  C  C   . MET A 1 79  ? -1.556  -3.622  0.274   1.00 4.59  ? 328 MET A C   1 
ATOM   580  O  O   . MET A 1 79  ? -1.761  -4.822  0.223   1.00 5.13  ? 328 MET A O   1 
ATOM   581  C  CB  . MET A 1 79  ? -0.733  -2.175  -1.558  1.00 6.20  ? 328 MET A CB  1 
ATOM   582  C  CG  . MET A 1 79  ? -1.701  -2.854  -2.510  1.00 7.00  ? 328 MET A CG  1 
ATOM   583  S  SD  . MET A 1 79  ? -1.970  -1.945  -4.085  1.00 7.72  ? 328 MET A SD  1 
ATOM   584  C  CE  . MET A 1 79  ? -0.416  -2.381  -4.785  1.00 6.14  ? 328 MET A CE  1 
ATOM   585  N  N   . GLY A 1 80  ? -2.379  -2.757  0.843   1.00 5.03  ? 329 GLY A N   1 
ATOM   586  C  CA  . GLY A 1 80  ? -3.595  -3.175  1.545   1.00 5.04  ? 329 GLY A CA  1 
ATOM   587  C  C   . GLY A 1 80  ? -4.786  -3.468  0.659   1.00 5.60  ? 329 GLY A C   1 
ATOM   588  O  O   . GLY A 1 80  ? -5.857  -2.892  0.868   1.00 6.02  ? 329 GLY A O   1 
ATOM   589  N  N   . LEU A 1 81  ? -4.619  -4.380  -0.287  1.00 5.10  ? 330 LEU A N   1 
ATOM   590  C  CA  . LEU A 1 81  ? -5.635  -4.685  -1.309  1.00 4.86  ? 330 LEU A CA  1 
ATOM   591  C  C   . LEU A 1 81  ? -5.615  -6.179  -1.557  1.00 5.40  ? 330 LEU A C   1 
ATOM   592  O  O   . LEU A 1 81  ? -4.554  -6.785  -1.748  1.00 5.08  ? 330 LEU A O   1 
ATOM   593  C  CB  . LEU A 1 81  ? -5.304  -3.970  -2.614  1.00 5.28  ? 330 LEU A CB  1 
ATOM   594  C  CG  . LEU A 1 81  ? -6.210  -4.190  -3.817  1.00 5.46  ? 330 LEU A CG  1 
ATOM   595  C  CD1 . LEU A 1 81  ? -7.631  -3.724  -3.528  1.00 5.78  ? 330 LEU A CD1 1 
ATOM   596  C  CD2 . LEU A 1 81  ? -5.663  -3.441  -5.030  1.00 6.29  ? 330 LEU A CD2 1 
ATOM   597  N  N   . SER A 1 82  ? -6.799  -6.791  -1.537  1.00 5.42  ? 331 SER A N   1 
ATOM   598  C  CA  . SER A 1 82  ? -6.972  -8.218  -1.778  1.00 6.29  ? 331 SER A CA  1 
ATOM   599  C  C   . SER A 1 82  ? -8.329  -8.466  -2.398  1.00 6.38  ? 331 SER A C   1 
ATOM   600  O  O   . SER A 1 82  ? -9.181  -7.568  -2.405  1.00 6.44  ? 331 SER A O   1 
ATOM   601  C  CB  . SER A 1 82  ? -6.817  -9.020  -0.480  1.00 6.73  ? 331 SER A CB  1 
ATOM   602  O  OG  . SER A 1 82  ? -8.049  -9.073  0.213   1.00 8.58  ? 331 SER A OG  1 
ATOM   603  N  N   . ASP A 1 83  ? -8.529  -9.668  -2.887  1.00 6.62  ? 332 ASP A N   1 
ATOM   604  C  CA  . ASP A 1 83  ? -9.890  -10.076 -3.315  1.00 6.72  ? 332 ASP A CA  1 
ATOM   605  C  C   . ASP A 1 83  ? -10.465 -11.123 -2.349  1.00 7.27  ? 332 ASP A C   1 
ATOM   606  O  O   . ASP A 1 83  ? -11.329 -11.930 -2.739  1.00 8.03  ? 332 ASP A O   1 
ATOM   607  C  CB  . ASP A 1 83  ? -9.929  -10.518 -4.779  1.00 7.47  ? 332 ASP A CB  1 
ATOM   608  C  CG  . ASP A 1 83  ? -9.287  -11.839 -5.010  1.00 8.48  ? 332 ASP A CG  1 
ATOM   609  O  OD1 . ASP A 1 83  ? -8.631  -12.381 -4.090  1.00 8.12  ? 332 ASP A OD1 1 
ATOM   610  O  OD2 . ASP A 1 83  ? -9.387  -12.422 -6.114  1.00 11.60 ? 332 ASP A OD2 1 
ATOM   611  N  N   . LEU A 1 84  ? -10.014 -11.090 -1.095  1.00 7.97  ? 333 LEU A N   1 
ATOM   612  C  CA  . LEU A 1 84  ? -10.379 -12.073 -0.063  1.00 9.26  ? 333 LEU A CA  1 
ATOM   613  C  C   . LEU A 1 84  ? -11.736 -11.728 0.559   1.00 10.80 ? 333 LEU A C   1 
ATOM   614  O  O   . LEU A 1 84  ? -11.821 -11.131 1.613   1.00 12.27 ? 333 LEU A O   1 
ATOM   615  C  CB  . LEU A 1 84  ? -9.307  -12.108 1.020   1.00 9.00  ? 333 LEU A CB  1 
ATOM   616  C  CG  . LEU A 1 84  ? -7.957  -12.617 0.507   1.00 8.08  ? 333 LEU A CG  1 
ATOM   617  C  CD1 . LEU A 1 84  ? -6.880  -12.278 1.495   1.00 8.37  ? 333 LEU A CD1 1 
ATOM   618  C  CD2 . LEU A 1 84  ? -7.998  -14.106 0.264   1.00 9.13  ? 333 LEU A CD2 1 
ATOM   619  N  N   . ASN A 1 85  ? -12.775 -12.097 -0.166  1.00 13.26 ? 334 ASN A N   1 
ATOM   620  C  CA  . ASN A 1 85  ? -14.162 -11.914 0.288   1.00 15.89 ? 334 ASN A CA  1 
ATOM   621  C  C   . ASN A 1 85  ? -15.022 -12.886 -0.487  1.00 18.19 ? 334 ASN A C   1 
ATOM   622  O  O   . ASN A 1 85  ? -14.567 -13.537 -1.422  1.00 18.21 ? 334 ASN A O   1 
ATOM   623  C  CB  . ASN A 1 85  ? -14.632 -10.469 0.104   1.00 15.68 ? 334 ASN A CB  1 
ATOM   624  C  CG  . ASN A 1 85  ? -14.366 -9.945  -1.283  1.00 15.37 ? 334 ASN A CG  1 
ATOM   625  O  OD1 . ASN A 1 85  ? -14.868 -10.464 -2.266  1.00 15.48 ? 334 ASN A OD1 1 
ATOM   626  N  ND2 . ASN A 1 85  ? -13.519 -8.931  -1.367  1.00 14.74 ? 334 ASN A ND2 1 
ATOM   627  N  N   . GLN A 1 86  ? -16.301 -12.969 -0.115  1.00 22.17 ? 335 GLN A N   1 
ATOM   628  C  CA  . GLN A 1 86  ? -17.192 -13.964 -0.717  1.00 24.64 ? 335 GLN A CA  1 
ATOM   629  C  C   . GLN A 1 86  ? -17.338 -13.759 -2.232  1.00 25.52 ? 335 GLN A C   1 
ATOM   630  O  O   . GLN A 1 86  ? -17.260 -14.706 -3.019  1.00 25.97 ? 335 GLN A O   1 
ATOM   631  C  CB  . GLN A 1 86  ? -18.585 -13.917 -0.064  1.00 25.93 ? 335 GLN A CB  1 
ATOM   632  C  CG  . GLN A 1 86  ? -18.603 -13.985 1.462   1.00 28.94 ? 335 GLN A CG  1 
ATOM   633  C  CD  . GLN A 1 86  ? -18.511 -15.405 2.010   1.00 33.00 ? 335 GLN A CD  1 
ATOM   634  O  OE1 . GLN A 1 86  ? -17.852 -16.269 1.426   1.00 35.87 ? 335 GLN A OE1 1 
ATOM   635  N  NE2 . GLN A 1 86  ? -19.168 -15.645 3.139   1.00 33.98 ? 335 GLN A NE2 1 
ATOM   636  N  N   . GLU A 1 87  ? -17.522 -12.508 -2.635  1.00 25.90 ? 336 GLU A N   1 
ATOM   637  C  CA  . GLU A 1 87  ? -17.755 -12.184 -4.046  1.00 25.92 ? 336 GLU A CA  1 
ATOM   638  C  C   . GLU A 1 87  ? -16.504 -12.309 -4.920  1.00 24.10 ? 336 GLU A C   1 
ATOM   639  O  O   . GLU A 1 87  ? -16.593 -12.435 -6.139  1.00 24.83 ? 336 GLU A O   1 
ATOM   640  C  CB  . GLU A 1 87  ? -18.348 -10.778 -4.166  1.00 27.08 ? 336 GLU A CB  1 
ATOM   641  C  CG  . GLU A 1 87  ? -19.066 -10.524 -5.486  1.00 30.59 ? 336 GLU A CG  1 
ATOM   642  C  CD  . GLU A 1 87  ? -19.588 -9.101  -5.642  1.00 33.82 ? 336 GLU A CD  1 
ATOM   643  O  OE1 . GLU A 1 87  ? -19.627 -8.341  -4.641  1.00 37.00 ? 336 GLU A OE1 1 
ATOM   644  O  OE2 . GLU A 1 87  ? -19.945 -8.742  -6.790  1.00 36.66 ? 336 GLU A OE2 1 
ATOM   645  N  N   . GLY A 1 88  ? -15.328 -12.282 -4.298  1.00 21.32 ? 337 GLY A N   1 
ATOM   646  C  CA  . GLY A 1 88  ? -14.097 -12.289 -5.046  1.00 19.32 ? 337 GLY A CA  1 
ATOM   647  C  C   . GLY A 1 88  ? -13.812 -10.963 -5.739  1.00 16.87 ? 337 GLY A C   1 
ATOM   648  O  O   . GLY A 1 88  ? -13.250 -10.947 -6.831  1.00 17.38 ? 337 GLY A O   1 
ATOM   649  N  N   . THR A 1 89  ? -14.179 -9.855  -5.101  1.00 14.44 ? 338 THR A N   1 
ATOM   650  C  CA  . THR A 1 89  ? -13.943 -8.544  -5.701  1.00 13.17 ? 338 THR A CA  1 
ATOM   651  C  C   . THR A 1 89  ? -12.744 -7.887  -5.036  1.00 10.48 ? 338 THR A C   1 
ATOM   652  O  O   . THR A 1 89  ? -12.463 -8.122  -3.852  1.00 9.50  ? 338 THR A O   1 
ATOM   653  C  CB  . THR A 1 89  ? -15.178 -7.644  -5.584  1.00 13.61 ? 338 THR A CB  1 
ATOM   654  O  OG1 . THR A 1 89  ? -15.485 -7.423  -4.219  1.00 15.73 ? 338 THR A OG1 1 
ATOM   655  C  CG2 . THR A 1 89  ? -16.421 -8.330  -6.152  1.00 14.79 ? 338 THR A CG2 1 
ATOM   656  N  N   . TRP A 1 90  ? -12.042 -7.052  -5.791  1.00 8.15  ? 339 TRP A N   1 
ATOM   657  C  CA  . TRP A 1 90  ? -10.884 -6.334  -5.262  1.00 7.75  ? 339 TRP A CA  1 
ATOM   658  C  C   . TRP A 1 90  ? -11.344 -5.283  -4.278  1.00 7.56  ? 339 TRP A C   1 
ATOM   659  O  O   . TRP A 1 90  ? -12.169 -4.421  -4.612  1.00 7.87  ? 339 TRP A O   1 
ATOM   660  C  CB  . TRP A 1 90  ? -10.013 -5.732  -6.375  1.00 7.46  ? 339 TRP A CB  1 
ATOM   661  C  CG  . TRP A 1 90  ? -9.305  -6.828  -7.128  1.00 7.61  ? 339 TRP A CG  1 
ATOM   662  C  CD1 . TRP A 1 90  ? -9.647  -7.359  -8.339  1.00 9.02  ? 339 TRP A CD1 1 
ATOM   663  C  CD2 . TRP A 1 90  ? -8.197  -7.596  -6.653  1.00 7.51  ? 339 TRP A CD2 1 
ATOM   664  N  NE1 . TRP A 1 90  ? -8.803  -8.402  -8.648  1.00 9.59  ? 339 TRP A NE1 1 
ATOM   665  C  CE2 . TRP A 1 90  ? -7.902  -8.567  -7.628  1.00 7.44  ? 339 TRP A CE2 1 
ATOM   666  C  CE3 . TRP A 1 90  ? -7.385  -7.526  -5.517  1.00 6.70  ? 339 TRP A CE3 1 
ATOM   667  C  CZ2 . TRP A 1 90  ? -6.869  -9.466  -7.476  1.00 9.97  ? 339 TRP A CZ2 1 
ATOM   668  C  CZ3 . TRP A 1 90  ? -6.369  -8.440  -5.369  1.00 8.24  ? 339 TRP A CZ3 1 
ATOM   669  C  CH2 . TRP A 1 90  ? -6.121  -9.385  -6.334  1.00 8.73  ? 339 TRP A CH2 1 
ATOM   670  N  N   . GLN A 1 91  ? -10.859 -5.373  -3.045  1.00 7.26  ? 340 GLN A N   1 
ATOM   671  C  CA  . GLN A 1 91  ? -11.295 -4.539  -1.937  1.00 8.71  ? 340 GLN A CA  1 
ATOM   672  C  C   . GLN A 1 91  ? -10.094 -4.151  -1.083  1.00 7.29  ? 340 GLN A C   1 
ATOM   673  O  O   . GLN A 1 91  ? -9.260  -4.995  -0.720  1.00 7.29  ? 340 GLN A O   1 
ATOM   674  C  CB  . GLN A 1 91  ? -12.284 -5.338  -1.076  1.00 10.10 ? 340 GLN A CB  1 
ATOM   675  C  CG  . GLN A 1 91  ? -12.942 -4.567  0.030   1.00 16.16 ? 340 GLN A CG  1 
ATOM   676  C  CD  . GLN A 1 91  ? -14.078 -5.352  0.679   1.00 22.48 ? 340 GLN A CD  1 
ATOM   677  O  OE1 . GLN A 1 91  ? -13.878 -6.018  1.691   1.00 30.22 ? 340 GLN A OE1 1 
ATOM   678  N  NE2 . GLN A 1 91  ? -15.261 -5.280  0.086   1.00 27.63 ? 340 GLN A NE2 1 
ATOM   679  N  N   . TRP A 1 92  ? -10.009 -2.875  -0.743  1.00 7.36  ? 341 TRP A N   1 
ATOM   680  C  CA  . TRP A 1 92  ? -8.981  -2.403  0.181   1.00 6.99  ? 341 TRP A CA  1 
ATOM   681  C  C   . TRP A 1 92  ? -9.242  -2.925  1.587   1.00 8.19  ? 341 TRP A C   1 
ATOM   682  O  O   . TRP A 1 92  ? -10.380 -3.274  1.933   1.00 8.19  ? 341 TRP A O   1 
ATOM   683  C  CB  . TRP A 1 92  ? -8.893  -0.869  0.173   1.00 7.57  ? 341 TRP A CB  1 
ATOM   684  C  CG  . TRP A 1 92  ? -8.551  -0.299  -1.177  1.00 7.34  ? 341 TRP A CG  1 
ATOM   685  C  CD1 . TRP A 1 92  ? -9.429  0.181   -2.117  1.00 7.94  ? 341 TRP A CD1 1 
ATOM   686  C  CD2 . TRP A 1 92  ? -7.251  -0.168  -1.767  1.00 5.77  ? 341 TRP A CD2 1 
ATOM   687  N  NE1 . TRP A 1 92  ? -8.753  0.589   -3.240  1.00 8.23  ? 341 TRP A NE1 1 
ATOM   688  C  CE2 . TRP A 1 92  ? -7.414  0.385   -3.054  1.00 6.44  ? 341 TRP A CE2 1 
ATOM   689  C  CE3 . TRP A 1 92  ? -5.962  -0.478  -1.348  1.00 5.50  ? 341 TRP A CE3 1 
ATOM   690  C  CZ2 . TRP A 1 92  ? -6.344  0.626   -3.902  1.00 6.99  ? 341 TRP A CZ2 1 
ATOM   691  C  CZ3 . TRP A 1 92  ? -4.901  -0.212  -2.191  1.00 5.32  ? 341 TRP A CZ3 1 
ATOM   692  C  CH2 . TRP A 1 92  ? -5.096  0.327   -3.441  1.00 6.81  ? 341 TRP A CH2 1 
ATOM   693  N  N   . VAL A 1 93  ? -8.211  -2.985  2.414   1.00 8.38  ? 342 VAL A N   1 
ATOM   694  C  CA  . VAL A 1 93  ? -8.363  -3.519  3.777   1.00 9.06  ? 342 VAL A CA  1 
ATOM   695  C  C   . VAL A 1 93  ? -9.214  -2.669  4.706   1.00 10.11 ? 342 VAL A C   1 
ATOM   696  O  O   . VAL A 1 93  ? -9.554  -3.117  5.795   1.00 12.02 ? 342 VAL A O   1 
ATOM   697  C  CB  . VAL A 1 93  ? -7.010  -3.824  4.467   1.00 9.00  ? 342 VAL A CB  1 
ATOM   698  C  CG1 . VAL A 1 93  ? -6.268  -4.950  3.717   1.00 9.83  ? 342 VAL A CG1 1 
ATOM   699  C  CG2 . VAL A 1 93  ? -6.153  -2.597  4.576   1.00 8.86  ? 342 VAL A CG2 1 
ATOM   700  N  N   . ASP A 1 94  ? -9.539  -1.456  4.288   1.00 10.72 ? 343 ASP A N   1 
ATOM   701  C  CA  . ASP A 1 94  ? -10.488 -0.625  5.029   1.00 11.87 ? 343 ASP A CA  1 
ATOM   702  C  C   . ASP A 1 94  ? -11.936 -0.842  4.586   1.00 13.01 ? 343 ASP A C   1 
ATOM   703  O  O   . ASP A 1 94  ? -12.839 -0.165  5.103   1.00 14.63 ? 343 ASP A O   1 
ATOM   704  C  CB  . ASP A 1 94  ? -10.093 0.847   4.958   1.00 12.17 ? 343 ASP A CB  1 
ATOM   705  C  CG  . ASP A 1 94  ? -10.307 1.459   3.591   1.00 12.51 ? 343 ASP A CG  1 
ATOM   706  O  OD1 . ASP A 1 94  ? -10.623 0.732   2.621   1.00 12.12 ? 343 ASP A OD1 1 
ATOM   707  O  OD2 . ASP A 1 94  ? -10.179 2.678   3.405   1.00 13.33 ? 343 ASP A OD2 1 
ATOM   708  N  N   . GLY A 1 95  ? -12.157 -1.792  3.681   1.00 13.01 ? 344 GLY A N   1 
ATOM   709  C  CA  . GLY A 1 95  ? -13.480 -2.175  3.221   1.00 13.20 ? 344 GLY A CA  1 
ATOM   710  C  C   . GLY A 1 95  ? -13.944 -1.529  1.929   1.00 13.94 ? 344 GLY A C   1 
ATOM   711  O  O   . GLY A 1 95  ? -14.914 -1.995  1.313   1.00 15.38 ? 344 GLY A O   1 
ATOM   712  N  N   . SER A 1 96  ? -13.253 -0.486  1.494   1.00 12.84 ? 345 SER A N   1 
ATOM   713  C  CA  . SER A 1 96  ? -13.625 0.223   0.275   1.00 13.05 ? 345 SER A CA  1 
ATOM   714  C  C   . SER A 1 96  ? -13.323 -0.623  -0.968  1.00 11.97 ? 345 SER A C   1 
ATOM   715  O  O   . SER A 1 96  ? -12.273 -1.275  -1.040  1.00 11.16 ? 345 SER A O   1 
ATOM   716  C  CB  . SER A 1 96  ? -12.923 1.581   0.184   1.00 13.07 ? 345 SER A CB  1 
ATOM   717  O  OG  . SER A 1 96  ? -11.520 1.445   0.096   1.00 15.91 ? 345 SER A OG  1 
ATOM   718  N  N   . PRO A 1 97  ? -14.203 -0.620  -1.966  1.00 11.31 ? 346 PRO A N   1 
ATOM   719  C  CA  . PRO A 1 97  ? -13.964 -1.359  -3.202  1.00 10.66 ? 346 PRO A CA  1 
ATOM   720  C  C   . PRO A 1 97  ? -12.890 -0.690  -4.045  1.00 10.07 ? 346 PRO A C   1 
ATOM   721  O  O   . PRO A 1 97  ? -12.667 0.522   -3.935  1.00 11.05 ? 346 PRO A O   1 
ATOM   722  C  CB  . PRO A 1 97  ? -15.320 -1.291  -3.914  1.00 10.75 ? 346 PRO A CB  1 
ATOM   723  C  CG  . PRO A 1 97  ? -15.901 -0.023  -3.439  1.00 13.64 ? 346 PRO A CG  1 
ATOM   724  C  CD  . PRO A 1 97  ? -15.473 0.128   -2.025  1.00 12.09 ? 346 PRO A CD  1 
ATOM   725  N  N   . LEU A 1 98  ? -12.200 -1.475  -4.860  1.00 9.92  ? 347 LEU A N   1 
ATOM   726  C  CA  . LEU A 1 98  ? -11.327 -0.913  -5.870  1.00 9.65  ? 347 LEU A CA  1 
ATOM   727  C  C   . LEU A 1 98  ? -12.182 -0.235  -6.941  1.00 10.99 ? 347 LEU A C   1 
ATOM   728  O  O   . LEU A 1 98  ? -13.033 -0.884  -7.554  1.00 12.97 ? 347 LEU A O   1 
ATOM   729  C  CB  . LEU A 1 98  ? -10.460 -2.014  -6.483  1.00 9.58  ? 347 LEU A CB  1 
ATOM   730  C  CG  . LEU A 1 98  ? -9.405  -1.537  -7.474  1.00 8.53  ? 347 LEU A CG  1 
ATOM   731  C  CD1 . LEU A 1 98  ? -8.364  -0.679  -6.822  1.00 9.28  ? 347 LEU A CD1 1 
ATOM   732  C  CD2 . LEU A 1 98  ? -8.737  -2.734  -8.159  1.00 9.87  ? 347 LEU A CD2 1 
ATOM   733  N  N   . SER A 1 99  ? -11.919 1.039   -7.179  1.00 11.88 ? 348 SER A N   1 
ATOM   734  C  CA  . SER A 1 99  ? -12.764 1.843   -8.065  1.00 12.27 ? 348 SER A CA  1 
ATOM   735  C  C   . SER A 1 99  ? -12.321 1.701   -9.524  1.00 12.13 ? 348 SER A C   1 
ATOM   736  O  O   . SER A 1 99  ? -11.175 1.356   -9.808  1.00 11.31 ? 348 SER A O   1 
ATOM   737  C  CB  . SER A 1 99  ? -12.784 3.303   -7.602  1.00 14.30 ? 348 SER A CB  1 
ATOM   738  O  OG  . SER A 1 99  ? -11.605 3.927   -7.955  1.00 18.53 ? 348 SER A OG  1 
ATOM   739  N  N   . PRO A 1 100 ? -13.248 1.924   -10.456 1.00 11.82 ? 349 PRO A N   1 
ATOM   740  C  CA  . PRO A 1 100 ? -12.940 1.850   -11.884 1.00 11.64 ? 349 PRO A CA  1 
ATOM   741  C  C   . PRO A 1 100 ? -11.679 2.592   -12.314 1.00 11.04 ? 349 PRO A C   1 
ATOM   742  O  O   . PRO A 1 100 ? -10.926 2.055   -13.124 1.00 10.56 ? 349 PRO A O   1 
ATOM   743  C  CB  . PRO A 1 100 ? -14.188 2.485   -12.509 1.00 11.90 ? 349 PRO A CB  1 
ATOM   744  C  CG  . PRO A 1 100 ? -15.235 2.055   -11.628 1.00 12.92 ? 349 PRO A CG  1 
ATOM   745  C  CD  . PRO A 1 100 ? -14.693 2.145   -10.229 1.00 12.57 ? 349 PRO A CD  1 
ATOM   746  N  N   . SER A 1 101 ? -11.448 3.791   -11.809 1.00 10.27 ? 350 SER A N   1 
ATOM   747  C  CA  . SER A 1 101 ? -10.311 4.596   -12.278 1.00 10.52 ? 350 SER A CA  1 
ATOM   748  C  C   . SER A 1 101 ? -8.948  4.095   -11.799 1.00 11.71 ? 350 SER A C   1 
ATOM   749  O  O   . SER A 1 101 ? -7.912  4.627   -12.207 1.00 13.03 ? 350 SER A O   1 
ATOM   750  C  CB  . SER A 1 101 ? -10.471 6.060   -11.855 1.00 10.97 ? 350 SER A CB  1 
ATOM   751  O  OG  . SER A 1 101 ? -10.465 6.171   -10.461 1.00 11.21 ? 350 SER A OG  1 
ATOM   752  N  N   . PHE A 1 102 ? -8.946  3.109   -10.923 1.00 11.22 ? 351 PHE A N   1 
ATOM   753  C  CA  . PHE A 1 102 ? -7.695  2.554   -10.413 1.00 11.97 ? 351 PHE A CA  1 
ATOM   754  C  C   . PHE A 1 102 ? -7.300  1.279   -11.172 1.00 12.57 ? 351 PHE A C   1 
ATOM   755  O  O   . PHE A 1 102 ? -6.194  0.756   -10.995 1.00 12.27 ? 351 PHE A O   1 
ATOM   756  C  CB  . PHE A 1 102 ? -7.843  2.284   -8.911  1.00 11.56 ? 351 PHE A CB  1 
ATOM   757  C  CG  . PHE A 1 102 ? -7.598  3.491   -8.028  1.00 14.88 ? 351 PHE A CG  1 
ATOM   758  C  CD1 . PHE A 1 102 ? -6.826  3.369   -6.884  1.00 20.17 ? 351 PHE A CD1 1 
ATOM   759  C  CD2 . PHE A 1 102 ? -8.146  4.723   -8.313  1.00 18.11 ? 351 PHE A CD2 1 
ATOM   760  C  CE1 . PHE A 1 102 ? -6.616  4.451   -6.057  1.00 20.75 ? 351 PHE A CE1 1 
ATOM   761  C  CE2 . PHE A 1 102 ? -7.925  5.815   -7.477  1.00 20.69 ? 351 PHE A CE2 1 
ATOM   762  C  CZ  . PHE A 1 102 ? -7.155  5.677   -6.360  1.00 20.68 ? 351 PHE A CZ  1 
ATOM   763  N  N   . GLN A 1 103 ? -8.176  0.780   -12.028 1.00 12.79 ? 352 GLN A N   1 
ATOM   764  C  CA  . GLN A 1 103 ? -7.873  -0.433  -12.797 1.00 13.45 ? 352 GLN A CA  1 
ATOM   765  C  C   . GLN A 1 103 ? -6.710  -0.231  -13.763 1.00 13.68 ? 352 GLN A C   1 
ATOM   766  O  O   . GLN A 1 103 ? -6.031  -1.196  -14.107 1.00 14.50 ? 352 GLN A O   1 
ATOM   767  C  CB  . GLN A 1 103 ? -9.110  -0.948  -13.542 1.00 14.55 ? 352 GLN A CB  1 
ATOM   768  C  CG  . GLN A 1 103 ? -10.313 -1.202  -12.641 1.00 16.81 ? 352 GLN A CG  1 
ATOM   769  C  CD  . GLN A 1 103 ? -10.199 -2.419  -11.723 1.00 19.90 ? 352 GLN A CD  1 
ATOM   770  O  OE1 . GLN A 1 103 ? -9.288  -3.237  -11.854 1.00 17.23 ? 352 GLN A OE1 1 
ATOM   771  N  NE2 . GLN A 1 103 ? -11.147 -2.550  -10.801 1.00 24.25 ? 352 GLN A NE2 1 
ATOM   772  N  N   . ARG A 1 104 ? -6.415  1.023   -14.125 1.00 13.38 ? 353 ARG A N   1 
ATOM   773  C  CA  . ARG A 1 104 ? -5.294  1.351   -14.986 1.00 13.97 ? 353 ARG A CA  1 
ATOM   774  C  C   . ARG A 1 104 ? -3.943  1.080   -14.346 1.00 11.65 ? 353 ARG A C   1 
ATOM   775  O  O   . ARG A 1 104 ? -2.919  1.119   -15.030 1.00 13.71 ? 353 ARG A O   1 
ATOM   776  C  CB  . ARG A 1 104 ? -5.358  2.821   -15.408 1.00 14.99 ? 353 ARG A CB  1 
ATOM   777  C  CG  . ARG A 1 104 ? -5.140  3.805   -14.268 1.00 19.86 ? 353 ARG A CG  1 
ATOM   778  C  CD  . ARG A 1 104 ? -5.717  5.187   -14.553 1.00 28.22 ? 353 ARG A CD  1 
ATOM   779  N  NE  . ARG A 1 104 ? -5.081  5.779   -15.726 1.00 34.11 ? 353 ARG A NE  1 
ATOM   780  C  CZ  . ARG A 1 104 ? -3.883  6.359   -15.731 1.00 38.78 ? 353 ARG A CZ  1 
ATOM   781  N  NH1 . ARG A 1 104 ? -3.169  6.446   -14.615 1.00 40.97 ? 353 ARG A NH1 1 
ATOM   782  N  NH2 . ARG A 1 104 ? -3.395  6.861   -16.862 1.00 40.62 ? 353 ARG A NH2 1 
ATOM   783  N  N   . TYR A 1 105 ? -3.919  0.824   -13.037 1.00 9.95  ? 354 TYR A N   1 
ATOM   784  C  CA  . TYR A 1 105 ? -2.648  0.674   -12.340 1.00 8.61  ? 354 TYR A CA  1 
ATOM   785  C  C   . TYR A 1 105 ? -2.099  -0.745  -12.364 1.00 7.85  ? 354 TYR A C   1 
ATOM   786  O  O   . TYR A 1 105 ? -0.901  -0.915  -12.160 1.00 8.10  ? 354 TYR A O   1 
ATOM   787  C  CB  . TYR A 1 105 ? -2.713  1.221   -10.909 1.00 8.29  ? 354 TYR A CB  1 
ATOM   788  C  CG  . TYR A 1 105 ? -3.069  2.683   -10.914 1.00 10.64 ? 354 TYR A CG  1 
ATOM   789  C  CD1 . TYR A 1 105 ? -4.133  3.152   -10.159 1.00 10.27 ? 354 TYR A CD1 1 
ATOM   790  C  CD2 . TYR A 1 105 ? -2.379  3.591   -11.709 1.00 10.92 ? 354 TYR A CD2 1 
ATOM   791  C  CE1 . TYR A 1 105 ? -4.498  4.501   -10.186 1.00 11.61 ? 354 TYR A CE1 1 
ATOM   792  C  CE2 . TYR A 1 105 ? -2.730  4.948   -11.733 1.00 12.08 ? 354 TYR A CE2 1 
ATOM   793  C  CZ  . TYR A 1 105 ? -3.794  5.373   -10.978 1.00 12.21 ? 354 TYR A CZ  1 
ATOM   794  O  OH  . TYR A 1 105 ? -4.203  6.705   -10.965 1.00 16.10 ? 354 TYR A OH  1 
ATOM   795  N  N   . TRP A 1 106 ? -2.930  -1.742  -12.632 1.00 7.29  ? 355 TRP A N   1 
ATOM   796  C  CA  . TRP A 1 106 ? -2.425  -3.103  -12.815 1.00 6.82  ? 355 TRP A CA  1 
ATOM   797  C  C   . TRP A 1 106 ? -1.409  -3.136  -13.957 1.00 7.21  ? 355 TRP A C   1 
ATOM   798  O  O   . TRP A 1 106 ? -1.604  -2.521  -15.008 1.00 8.35  ? 355 TRP A O   1 
ATOM   799  C  CB  . TRP A 1 106 ? -3.540  -4.071  -13.154 1.00 7.08  ? 355 TRP A CB  1 
ATOM   800  C  CG  . TRP A 1 106 ? -4.617  -4.247  -12.112 1.00 5.97  ? 355 TRP A CG  1 
ATOM   801  C  CD1 . TRP A 1 106 ? -5.914  -3.821  -12.201 1.00 7.76  ? 355 TRP A CD1 1 
ATOM   802  C  CD2 . TRP A 1 106 ? -4.518  -4.938  -10.865 1.00 6.21  ? 355 TRP A CD2 1 
ATOM   803  N  NE1 . TRP A 1 106 ? -6.609  -4.182  -11.076 1.00 8.01  ? 355 TRP A NE1 1 
ATOM   804  C  CE2 . TRP A 1 106 ? -5.787  -4.884  -10.250 1.00 7.49  ? 355 TRP A CE2 1 
ATOM   805  C  CE3 . TRP A 1 106 ? -3.501  -5.617  -10.222 1.00 6.01  ? 355 TRP A CE3 1 
ATOM   806  C  CZ2 . TRP A 1 106 ? -6.048  -5.470  -9.028  1.00 8.23  ? 355 TRP A CZ2 1 
ATOM   807  C  CZ3 . TRP A 1 106 ? -3.752  -6.184  -8.983  1.00 6.38  ? 355 TRP A CZ3 1 
ATOM   808  C  CH2 . TRP A 1 106 ? -5.019  -6.113  -8.405  1.00 7.52  ? 355 TRP A CH2 1 
ATOM   809  N  N   . ASN A 1 107 ? -0.310  -3.849  -13.763 1.00 6.05  ? 356 ASN A N   1 
ATOM   810  C  CA  . ASN A 1 107 ? 0.646   -4.106  -14.816 1.00 7.00  ? 356 ASN A CA  1 
ATOM   811  C  C   . ASN A 1 107 ? -0.016  -4.925  -15.913 1.00 6.31  ? 356 ASN A C   1 
ATOM   812  O  O   . ASN A 1 107 ? -0.941  -5.697  -15.673 1.00 6.83  ? 356 ASN A O   1 
ATOM   813  C  CB  . ASN A 1 107 ? 1.812   -4.899  -14.249 1.00 6.20  ? 356 ASN A CB  1 
ATOM   814  C  CG  . ASN A 1 107 ? 2.781   -4.053  -13.462 1.00 6.88  ? 356 ASN A CG  1 
ATOM   815  O  OD1 . ASN A 1 107 ? 3.046   -2.901  -13.799 1.00 8.31  ? 356 ASN A OD1 1 
ATOM   816  N  ND2 . ASN A 1 107 ? 3.341   -4.626  -12.395 1.00 7.33  ? 356 ASN A ND2 1 
ATOM   817  N  N   . SER A 1 108 ? 0.499   -4.795  -17.127 1.00 7.62  ? 357 SER A N   1 
ATOM   818  C  CA  . SER A 1 108 ? 0.071   -5.638  -18.230 1.00 8.09  ? 357 SER A CA  1 
ATOM   819  C  C   . SER A 1 108 ? 0.231   -7.093  -17.811 1.00 8.02  ? 357 SER A C   1 
ATOM   820  O  O   . SER A 1 108 ? 1.285   -7.477  -17.279 1.00 8.32  ? 357 SER A O   1 
ATOM   821  C  CB  . SER A 1 108 ? 0.932   -5.376  -19.446 1.00 8.66  ? 357 SER A CB  1 
ATOM   822  O  OG  . SER A 1 108 ? 0.716   -6.359  -20.416 1.00 13.56 ? 357 SER A OG  1 
ATOM   823  N  N   . GLY A 1 109 ? -0.805  -7.899  -18.023 1.00 8.29  ? 358 GLY A N   1 
ATOM   824  C  CA  . GLY A 1 109 ? -0.851  -9.263  -17.555 1.00 8.66  ? 358 GLY A CA  1 
ATOM   825  C  C   . GLY A 1 109 ? -1.509  -9.486  -16.198 1.00 8.22  ? 358 GLY A C   1 
ATOM   826  O  O   . GLY A 1 109 ? -1.666  -10.617 -15.776 1.00 10.63 ? 358 GLY A O   1 
ATOM   827  N  N   . GLU A 1 110 ? -1.908  -8.412  -15.535 1.00 7.42  ? 359 GLU A N   1 
ATOM   828  C  CA  . GLU A 1 110 ? -2.491  -8.451  -14.189 1.00 7.30  ? 359 GLU A CA  1 
ATOM   829  C  C   . GLU A 1 110 ? -3.853  -7.736  -14.208 1.00 7.36  ? 359 GLU A C   1 
ATOM   830  O  O   . GLU A 1 110 ? -4.070  -6.858  -15.037 1.00 8.14  ? 359 GLU A O   1 
ATOM   831  C  CB  . GLU A 1 110 ? -1.543  -7.768  -13.197 1.00 7.46  ? 359 GLU A CB  1 
ATOM   832  C  CG  . GLU A 1 110 ? -0.110  -8.255  -13.248 1.00 6.97  ? 359 GLU A CG  1 
ATOM   833  C  CD  . GLU A 1 110 ? 0.120   -9.600  -12.580 1.00 7.59  ? 359 GLU A CD  1 
ATOM   834  O  OE1 . GLU A 1 110 ? 1.131   -10.252 -12.980 1.00 7.63  ? 359 GLU A OE1 1 
ATOM   835  O  OE2 . GLU A 1 110 ? -0.634  -9.994  -11.635 1.00 6.11  ? 359 GLU A OE2 1 
ATOM   836  N  N   . PRO A 1 111 ? -4.754  -8.067  -13.281 1.00 7.75  ? 360 PRO A N   1 
ATOM   837  C  CA  . PRO A 1 111 ? -4.611  -9.178  -12.339 1.00 8.50  ? 360 PRO A CA  1 
ATOM   838  C  C   . PRO A 1 111 ? -4.901  -10.509 -13.041 1.00 8.93  ? 360 PRO A C   1 
ATOM   839  O  O   . PRO A 1 111 ? -5.747  -10.571 -13.942 1.00 9.75  ? 360 PRO A O   1 
ATOM   840  C  CB  . PRO A 1 111 ? -5.674  -8.867  -11.295 1.00 8.39  ? 360 PRO A CB  1 
ATOM   841  C  CG  . PRO A 1 111 ? -6.776  -8.151  -12.076 1.00 8.78  ? 360 PRO A CG  1 
ATOM   842  C  CD  . PRO A 1 111 ? -6.051  -7.371  -13.143 1.00 7.85  ? 360 PRO A CD  1 
ATOM   843  N  N   . ASN A 1 112 ? -4.173  -11.554 -12.661 1.00 9.48  ? 361 ASN A N   1 
ATOM   844  C  CA  . ASN A 1 112 ? -4.427  -12.884 -13.208 1.00 10.84 ? 361 ASN A CA  1 
ATOM   845  C  C   . ASN A 1 112 ? -5.804  -13.405 -12.783 1.00 11.34 ? 361 ASN A C   1 
ATOM   846  O  O   . ASN A 1 112 ? -6.443  -14.153 -13.525 1.00 12.28 ? 361 ASN A O   1 
ATOM   847  C  CB  . ASN A 1 112 ? -3.318  -13.826 -12.783 1.00 10.51 ? 361 ASN A CB  1 
ATOM   848  C  CG  . ASN A 1 112 ? -1.941  -13.372 -13.286 1.00 11.06 ? 361 ASN A CG  1 
ATOM   849  O  OD1 . ASN A 1 112 ? -1.242  -12.597 -12.631 1.00 8.01  ? 361 ASN A OD1 1 
ATOM   850  N  ND2 . ASN A 1 112 ? -1.548  -13.851 -14.468 1.00 13.27 ? 361 ASN A ND2 1 
ATOM   851  N  N   . ASN A 1 113 ? -6.271  -13.017 -11.600 1.00 11.59 ? 362 ASN A N   1 
ATOM   852  C  CA  . ASN A 1 113 ? -7.573  -13.453 -11.076 1.00 12.93 ? 362 ASN A CA  1 
ATOM   853  C  C   . ASN A 1 113 ? -7.706  -14.965 -11.120 1.00 13.62 ? 362 ASN A C   1 
ATOM   854  O  O   . ASN A 1 113 ? -8.761  -15.497 -11.464 1.00 15.08 ? 362 ASN A O   1 
ATOM   855  C  CB  . ASN A 1 113 ? -8.740  -12.806 -11.861 1.00 13.10 ? 362 ASN A CB  1 
ATOM   856  C  CG  . ASN A 1 113 ? -8.929  -11.333 -11.589 1.00 12.97 ? 362 ASN A CG  1 
ATOM   857  O  OD1 . ASN A 1 113 ? -9.441  -10.610 -12.452 1.00 17.19 ? 362 ASN A OD1 1 
ATOM   858  N  ND2 . ASN A 1 113 ? -8.568  -10.877 -10.407 1.00 11.85 ? 362 ASN A ND2 1 
ATOM   859  N  N   . SER A 1 114 ? -6.626  -15.661 -10.800 1.00 13.40 ? 363 SER A N   1 
ATOM   860  C  CA  . SER A 1 114 ? -6.573  -17.116 -10.810 1.00 14.44 ? 363 SER A CA  1 
ATOM   861  C  C   . SER A 1 114 ? -5.392  -17.608 -9.975  1.00 13.08 ? 363 SER A C   1 
ATOM   862  O  O   . SER A 1 114 ? -4.536  -16.818 -9.583  1.00 13.00 ? 363 SER A O   1 
ATOM   863  C  CB  . SER A 1 114 ? -6.426  -17.615 -12.245 1.00 15.28 ? 363 SER A CB  1 
ATOM   864  O  OG  . SER A 1 114 ? -5.171  -17.278 -12.791 1.00 18.39 ? 363 SER A OG  1 
ATOM   865  N  N   . GLY A 1 115 ? -5.349  -18.911 -9.690  1.00 12.16 ? 364 GLY A N   1 
ATOM   866  C  CA  . GLY A 1 115 ? -4.255  -19.516 -8.937  1.00 10.83 ? 364 GLY A CA  1 
ATOM   867  C  C   . GLY A 1 115 ? -4.097  -19.009 -7.506  1.00 9.79  ? 364 GLY A C   1 
ATOM   868  O  O   . GLY A 1 115 ? -3.013  -19.087 -6.924  1.00 10.76 ? 364 GLY A O   1 
ATOM   869  N  N   . ASN A 1 116 ? -5.188  -18.519 -6.932  1.00 8.99  ? 365 ASN A N   1 
ATOM   870  C  CA  . ASN A 1 116 ? -5.181  -17.924 -5.602  1.00 8.10  ? 365 ASN A CA  1 
ATOM   871  C  C   . ASN A 1 116 ? -4.182  -16.765 -5.491  1.00 7.68  ? 365 ASN A C   1 
ATOM   872  O  O   . ASN A 1 116 ? -3.534  -16.568 -4.472  1.00 6.96  ? 365 ASN A O   1 
ATOM   873  C  CB  . ASN A 1 116 ? -4.974  -18.986 -4.506  1.00 8.79  ? 365 ASN A CB  1 
ATOM   874  C  CG  . ASN A 1 116 ? -5.918  -20.146 -4.643  1.00 10.49 ? 365 ASN A CG  1 
ATOM   875  O  OD1 . ASN A 1 116 ? -7.118  -19.960 -4.677  1.00 14.15 ? 365 ASN A OD1 1 
ATOM   876  N  ND2 . ASN A 1 116 ? -5.376  -21.320 -4.779  1.00 12.21 ? 365 ASN A ND2 1 
ATOM   877  N  N   . GLU A 1 117 ? -4.093  -15.967 -6.545  1.00 6.96  ? 366 GLU A N   1 
ATOM   878  C  CA  . GLU A 1 117 ? -3.308  -14.726 -6.496  1.00 7.28  ? 366 GLU A CA  1 
ATOM   879  C  C   . GLU A 1 117 ? -4.196  -13.637 -5.914  1.00 7.03  ? 366 GLU A C   1 
ATOM   880  O  O   . GLU A 1 117 ? -4.671  -12.763 -6.609  1.00 7.92  ? 366 GLU A O   1 
ATOM   881  C  CB  . GLU A 1 117 ? -2.736  -14.385 -7.867  1.00 7.40  ? 366 GLU A CB  1 
ATOM   882  C  CG  . GLU A 1 117 ? -1.691  -15.390 -8.336  1.00 8.07  ? 366 GLU A CG  1 
ATOM   883  C  CD  . GLU A 1 117 ? -1.029  -14.990 -9.619  1.00 11.45 ? 366 GLU A CD  1 
ATOM   884  O  OE1 . GLU A 1 117 ? -1.070  -13.809 -10.017 1.00 9.63  ? 366 GLU A OE1 1 
ATOM   885  O  OE2 . GLU A 1 117 ? -0.429  -15.873 -10.264 1.00 15.79 ? 366 GLU A OE2 1 
ATOM   886  N  N   . ASP A 1 118 ? -4.427  -13.712 -4.606  1.00 6.12  ? 367 ASP A N   1 
ATOM   887  C  CA  . ASP A 1 118 ? -5.458  -12.923 -3.947  1.00 6.01  ? 367 ASP A CA  1 
ATOM   888  C  C   . ASP A 1 118 ? -5.030  -11.619 -3.338  1.00 5.62  ? 367 ASP A C   1 
ATOM   889  O  O   . ASP A 1 118 ? -5.856  -10.871 -2.850  1.00 5.45  ? 367 ASP A O   1 
ATOM   890  C  CB  . ASP A 1 118 ? -6.156  -13.767 -2.876  1.00 6.38  ? 367 ASP A CB  1 
ATOM   891  C  CG  . ASP A 1 118 ? -6.886  -14.933 -3.443  1.00 6.66  ? 367 ASP A CG  1 
ATOM   892  O  OD1 . ASP A 1 118 ? -7.820  -14.721 -4.271  1.00 8.73  ? 367 ASP A OD1 1 
ATOM   893  O  OD2 . ASP A 1 118 ? -6.573  -16.111 -3.168  1.00 9.13  ? 367 ASP A OD2 1 
ATOM   894  N  N   . CYS A 1 119 ? -3.736  -11.345 -3.381  1.00 5.23  ? 368 CYS A N   1 
ATOM   895  C  CA  . CYS A 1 119 ? -3.143  -10.188 -2.741  1.00 4.90  ? 368 CYS A CA  1 
ATOM   896  C  C   . CYS A 1 119 ? -2.396  -9.310  -3.727  1.00 4.97  ? 368 CYS A C   1 
ATOM   897  O  O   . CYS A 1 119 ? -1.750  -9.817  -4.641  1.00 6.01  ? 368 CYS A O   1 
ATOM   898  C  CB  . CYS A 1 119 ? -2.232  -10.670 -1.621  1.00 5.48  ? 368 CYS A CB  1 
ATOM   899  S  SG  . CYS A 1 119 ? -3.124  -11.482 -0.234  1.00 6.31  ? 368 CYS A SG  1 
ATOM   900  N  N   . ALA A 1 120 ? -2.481  -7.991  -3.539  1.00 5.16  ? 369 ALA A N   1 
ATOM   901  C  CA  . ALA A 1 120 ? -1.871  -7.057  -4.478  1.00 5.46  ? 369 ALA A CA  1 
ATOM   902  C  C   . ALA A 1 120 ? -0.515  -6.509  -4.018  1.00 5.59  ? 369 ALA A C   1 
ATOM   903  O  O   . ALA A 1 120 ? -0.328  -6.223  -2.833  1.00 5.37  ? 369 ALA A O   1 
ATOM   904  C  CB  . ALA A 1 120 ? -2.785  -5.898  -4.769  1.00 6.45  ? 369 ALA A CB  1 
ATOM   905  N  N   . GLU A 1 121 ? 0.425   -6.426  -4.964  1.00 5.47  ? 370 GLU A N   1 
ATOM   906  C  CA  . GLU A 1 121 ? 1.766   -5.902  -4.724  1.00 6.09  ? 370 GLU A CA  1 
ATOM   907  C  C   . GLU A 1 121 ? 2.150   -4.844  -5.750  1.00 5.36  ? 370 GLU A C   1 
ATOM   908  O  O   . GLU A 1 121 ? 1.707   -4.882  -6.908  1.00 5.47  ? 370 GLU A O   1 
ATOM   909  C  CB  . GLU A 1 121 ? 2.784   -7.046  -4.775  1.00 6.22  ? 370 GLU A CB  1 
ATOM   910  C  CG  . GLU A 1 121 ? 2.873   -7.695  -6.169  1.00 7.51  ? 370 GLU A CG  1 
ATOM   911  C  CD  . GLU A 1 121 ? 3.661   -8.993  -6.313  1.00 8.34  ? 370 GLU A CD  1 
ATOM   912  O  OE1 . GLU A 1 121 ? 3.943   -9.413  -7.491  1.00 9.97  ? 370 GLU A OE1 1 
ATOM   913  O  OE2 . GLU A 1 121 ? 4.000   -9.641  -5.311  1.00 8.62  ? 370 GLU A OE2 1 
ATOM   914  N  N   . PHE A 1 122 ? 2.945   -3.870  -5.325  1.00 5.72  ? 371 PHE A N   1 
ATOM   915  C  CA  . PHE A 1 122 ? 3.604   -2.945  -6.223  1.00 6.60  ? 371 PHE A CA  1 
ATOM   916  C  C   . PHE A 1 122 ? 4.785   -3.651  -6.864  1.00 6.14  ? 371 PHE A C   1 
ATOM   917  O  O   . PHE A 1 122 ? 5.554   -4.308  -6.189  1.00 6.95  ? 371 PHE A O   1 
ATOM   918  C  CB  . PHE A 1 122 ? 4.184   -1.744  -5.478  1.00 6.88  ? 371 PHE A CB  1 
ATOM   919  C  CG  . PHE A 1 122 ? 3.170   -0.853  -4.824  1.00 7.84  ? 371 PHE A CG  1 
ATOM   920  C  CD1 . PHE A 1 122 ? 2.957   -0.929  -3.468  1.00 8.65  ? 371 PHE A CD1 1 
ATOM   921  C  CD2 . PHE A 1 122 ? 2.512   0.130   -5.525  1.00 8.00  ? 371 PHE A CD2 1 
ATOM   922  C  CE1 . PHE A 1 122 ? 2.055   -0.072  -2.853  1.00 10.66 ? 371 PHE A CE1 1 
ATOM   923  C  CE2 . PHE A 1 122 ? 1.608   0.960   -4.912  1.00 9.96  ? 371 PHE A CE2 1 
ATOM   924  C  CZ  . PHE A 1 122 ? 1.381   0.863   -3.582  1.00 10.33 ? 371 PHE A CZ  1 
ATOM   925  N  N   . SER A 1 123 ? 4.945   -3.492  -8.173  1.00 5.96  ? 372 SER A N   1 
ATOM   926  C  CA  . SER A 1 123 ? 6.077   -4.050  -8.894  1.00 7.39  ? 372 SER A CA  1 
ATOM   927  C  C   . SER A 1 123 ? 6.294   -3.217  -10.152 1.00 7.59  ? 372 SER A C   1 
ATOM   928  O  O   . SER A 1 123 ? 5.420   -3.088  -10.992 1.00 7.60  ? 372 SER A O   1 
ATOM   929  C  CB  . SER A 1 123 ? 5.779   -5.481  -9.290  1.00 8.29  ? 372 SER A CB  1 
ATOM   930  O  OG  . SER A 1 123 ? 6.865   -6.007  -10.073 1.00 10.94 ? 372 SER A OG  1 
ATOM   931  N  N   . GLY A 1 124 ? 7.483   -2.651  -10.302 1.00 7.79  ? 373 GLY A N   1 
ATOM   932  C  CA  . GLY A 1 124 ? 7.795   -1.830  -11.461 1.00 8.76  ? 373 GLY A CA  1 
ATOM   933  C  C   . GLY A 1 124 ? 6.928   -0.608  -11.522 1.00 9.46  ? 373 GLY A C   1 
ATOM   934  O  O   . GLY A 1 124 ? 6.889   0.123   -10.562 1.00 10.38 ? 373 GLY A O   1 
ATOM   935  N  N   . SER A 1 125 ? 6.262   -0.397  -12.664 1.00 9.70  ? 374 SER A N   1 
ATOM   936  C  CA  . SER A 1 125 ? 5.411   0.775   -12.880 1.00 11.15 ? 374 SER A CA  1 
ATOM   937  C  C   . SER A 1 125 ? 3.939   0.584   -12.512 1.00 9.43  ? 374 SER A C   1 
ATOM   938  O  O   . SER A 1 125 ? 3.140   1.486   -12.719 1.00 11.38 ? 374 SER A O   1 
ATOM   939  C  CB  . SER A 1 125 ? 5.491   1.216   -14.342 1.00 11.89 ? 374 SER A CB  1 
ATOM   940  O  OG  . SER A 1 125 ? 6.835   1.438   -14.715 1.00 18.93 ? 374 SER A OG  1 
ATOM   941  N  N   . GLY A 1 126 ? 3.586   -0.569  -11.954 1.00 8.51  ? 375 GLY A N   1 
ATOM   942  C  CA  . GLY A 1 126 ? 2.200   -0.861  -11.621 1.00 7.45  ? 375 GLY A CA  1 
ATOM   943  C  C   . GLY A 1 126 ? 2.035   -1.915  -10.547 1.00 7.01  ? 375 GLY A C   1 
ATOM   944  O  O   . GLY A 1 126 ? 2.902   -2.091  -9.699  1.00 6.98  ? 375 GLY A O   1 
ATOM   945  N  N   . TRP A 1 127 ? 0.905   -2.623  -10.591 1.00 5.93  ? 376 TRP A N   1 
ATOM   946  C  CA  . TRP A 1 127 ? 0.532   -3.601  -9.579  1.00 5.32  ? 376 TRP A CA  1 
ATOM   947  C  C   . TRP A 1 127 ? 0.390   -4.984  -10.163 1.00 4.77  ? 376 TRP A C   1 
ATOM   948  O  O   . TRP A 1 127 ? -0.042  -5.155  -11.302 1.00 5.52  ? 376 TRP A O   1 
ATOM   949  C  CB  . TRP A 1 127 ? -0.821  -3.268  -8.939  1.00 5.73  ? 376 TRP A CB  1 
ATOM   950  C  CG  . TRP A 1 127 ? -1.069  -1.874  -8.428  1.00 5.67  ? 376 TRP A CG  1 
ATOM   951  C  CD1 . TRP A 1 127 ? -0.182  -0.887  -8.165  1.00 6.46  ? 376 TRP A CD1 1 
ATOM   952  C  CD2 . TRP A 1 127 ? -2.355  -1.373  -8.108  1.00 6.40  ? 376 TRP A CD2 1 
ATOM   953  N  NE1 . TRP A 1 127 ? -0.847  0.229   -7.694  1.00 7.30  ? 376 TRP A NE1 1 
ATOM   954  C  CE2 . TRP A 1 127 ? -2.189  -0.052  -7.652  1.00 6.36  ? 376 TRP A CE2 1 
ATOM   955  C  CE3 . TRP A 1 127 ? -3.648  -1.911  -8.166  1.00 7.48  ? 376 TRP A CE3 1 
ATOM   956  C  CZ2 . TRP A 1 127 ? -3.263  0.743   -7.258  1.00 7.38  ? 376 TRP A CZ2 1 
ATOM   957  C  CZ3 . TRP A 1 127 ? -4.712  -1.116  -7.770  1.00 7.81  ? 376 TRP A CZ3 1 
ATOM   958  C  CH2 . TRP A 1 127 ? -4.512  0.186   -7.330  1.00 8.71  ? 376 TRP A CH2 1 
ATOM   959  N  N   . ASN A 1 128 ? 0.723   -5.980  -9.366  1.00 5.12  ? 377 ASN A N   1 
ATOM   960  C  CA  . ASN A 1 128 ? 0.402   -7.368  -9.685  1.00 5.31  ? 377 ASN A CA  1 
ATOM   961  C  C   . ASN A 1 128 ? -0.530  -7.940  -8.642  1.00 5.21  ? 377 ASN A C   1 
ATOM   962  O  O   . ASN A 1 128 ? -0.523  -7.494  -7.493  1.00 5.57  ? 377 ASN A O   1 
ATOM   963  C  CB  . ASN A 1 128 ? 1.624   -8.295  -9.674  1.00 5.61  ? 377 ASN A CB  1 
ATOM   964  C  CG  . ASN A 1 128 ? 2.752   -7.849  -10.572 1.00 6.11  ? 377 ASN A CG  1 
ATOM   965  O  OD1 . ASN A 1 128 ? 2.553   -7.275  -11.622 1.00 6.18  ? 377 ASN A OD1 1 
ATOM   966  N  ND2 . ASN A 1 128 ? 3.978   -8.205  -10.167 1.00 8.93  ? 377 ASN A ND2 1 
ATOM   967  N  N   . ASP A 1 129 ? -1.327  -8.946  -8.993  1.00 5.70  ? 378 ASP A N   1 
ATOM   968  C  CA  . ASP A 1 129 ? -1.847  -9.857  -7.984  1.00 5.68  ? 378 ASP A CA  1 
ATOM   969  C  C   . ASP A 1 129 ? -0.897  -11.020 -7.823  1.00 6.67  ? 378 ASP A C   1 
ATOM   970  O  O   . ASP A 1 129 ? -0.245  -11.420 -8.788  1.00 7.07  ? 378 ASP A O   1 
ATOM   971  C  CB  . ASP A 1 129 ? -3.319  -10.285 -8.224  1.00 5.58  ? 378 ASP A CB  1 
ATOM   972  C  CG  . ASP A 1 129 ? -3.540  -11.129 -9.452  1.00 6.41  ? 378 ASP A CG  1 
ATOM   973  O  OD1 . ASP A 1 129 ? -2.635  -11.320 -10.318 1.00 6.26  ? 378 ASP A OD1 1 
ATOM   974  O  OD2 . ASP A 1 129 ? -4.695  -11.605 -9.620  1.00 7.13  ? 378 ASP A OD2 1 
ATOM   975  N  N   . ASN A 1 130 ? -0.742  -11.519 -6.611  1.00 5.91  ? 379 ASN A N   1 
ATOM   976  C  CA  . ASN A 1 130 ? 0.188   -12.606 -6.319  1.00 5.64  ? 379 ASN A CA  1 
ATOM   977  C  C   . ASN A 1 130 ? -0.373  -13.446 -5.177  1.00 5.94  ? 379 ASN A C   1 
ATOM   978  O  O   . ASN A 1 130 ? -1.291  -13.041 -4.446  1.00 5.58  ? 379 ASN A O   1 
ATOM   979  C  CB  . ASN A 1 130 ? 1.573   -12.032 -5.974  1.00 6.67  ? 379 ASN A CB  1 
ATOM   980  C  CG  . ASN A 1 130 ? 2.706   -13.025 -6.165  1.00 7.24  ? 379 ASN A CG  1 
ATOM   981  O  OD1 . ASN A 1 130 ? 2.488   -14.189 -6.537  1.00 8.24  ? 379 ASN A OD1 1 
ATOM   982  N  ND2 . ASN A 1 130 ? 3.920   -12.573 -5.897  1.00 8.30  ? 379 ASN A ND2 1 
ATOM   983  N  N   . ARG A 1 131 ? 0.156   -14.640 -5.052  1.00 5.74  ? 380 ARG A N   1 
ATOM   984  C  CA  . ARG A 1 131 ? -0.161  -15.496 -3.924  1.00 6.23  ? 380 ARG A CA  1 
ATOM   985  C  C   . ARG A 1 131 ? 0.200   -14.835 -2.611  1.00 6.23  ? 380 ARG A C   1 
ATOM   986  O  O   . ARG A 1 131 ? 1.261   -14.226 -2.466  1.00 6.31  ? 380 ARG A O   1 
ATOM   987  C  CB  . ARG A 1 131 ? 0.589   -16.815 -4.026  1.00 6.77  ? 380 ARG A CB  1 
ATOM   988  C  CG  . ARG A 1 131 ? 0.029   -17.760 -5.046  1.00 10.26 ? 380 ARG A CG  1 
ATOM   989  C  CD  . ARG A 1 131 ? 0.773   -19.069 -5.180  1.00 12.37 ? 380 ARG A CD  1 
ATOM   990  N  NE  . ARG A 1 131 ? 1.232   -19.640 -3.904  1.00 15.37 ? 380 ARG A NE  1 
ATOM   991  C  CZ  . ARG A 1 131 ? 1.796   -20.840 -3.815  1.00 17.83 ? 380 ARG A CZ  1 
ATOM   992  N  NH1 . ARG A 1 131 ? 1.915   -21.604 -4.896  1.00 18.63 ? 380 ARG A NH1 1 
ATOM   993  N  NH2 . ARG A 1 131 ? 2.201   -21.304 -2.650  1.00 19.55 ? 380 ARG A NH2 1 
ATOM   994  N  N   . CYS A 1 132 ? -0.673  -14.967 -1.627  1.00 6.10  ? 381 CYS A N   1 
ATOM   995  C  CA  . CYS A 1 132 ? -0.541  -14.207 -0.386  1.00 6.10  ? 381 CYS A CA  1 
ATOM   996  C  C   . CYS A 1 132 ? 0.537   -14.731 0.557   1.00 6.09  ? 381 CYS A C   1 
ATOM   997  O  O   . CYS A 1 132 ? 0.876   -14.081 1.529   1.00 6.87  ? 381 CYS A O   1 
ATOM   998  C  CB  . CYS A 1 132 ? -1.894  -14.201 0.323   1.00 6.24  ? 381 CYS A CB  1 
ATOM   999  S  SG  . CYS A 1 132 ? -3.240  -13.471 -0.663  1.00 7.76  ? 381 CYS A SG  1 
ATOM   1000 N  N   . ASP A 1 133 ? 1.059   -15.915 0.256   1.00 6.12  ? 382 ASP A N   1 
ATOM   1001 C  CA  . ASP A 1 133 ? 2.140   -16.505 1.059   1.00 6.51  ? 382 ASP A CA  1 
ATOM   1002 C  C   . ASP A 1 133 ? 3.535   -16.048 0.665   1.00 7.28  ? 382 ASP A C   1 
ATOM   1003 O  O   . ASP A 1 133 ? 4.503   -16.367 1.355   1.00 7.12  ? 382 ASP A O   1 
ATOM   1004 C  CB  . ASP A 1 133 ? 2.081   -18.052 1.025   1.00 7.52  ? 382 ASP A CB  1 
ATOM   1005 C  CG  . ASP A 1 133 ? 2.307   -18.602 -0.311  1.00 10.95 ? 382 ASP A CG  1 
ATOM   1006 O  OD1 . ASP A 1 133 ? 1.559   -18.262 -1.226  1.00 14.01 ? 382 ASP A OD1 1 
ATOM   1007 O  OD2 . ASP A 1 133 ? 3.195   -19.435 -0.532  1.00 19.10 ? 382 ASP A OD2 1 
ATOM   1008 N  N   . VAL A 1 134 ? 3.641   -15.294 -0.418  1.00 6.10  ? 383 VAL A N   1 
ATOM   1009 C  CA  . VAL A 1 134 ? 4.930   -14.806 -0.884  1.00 6.58  ? 383 VAL A CA  1 
ATOM   1010 C  C   . VAL A 1 134 ? 5.488   -13.755 0.088   1.00 6.31  ? 383 VAL A C   1 
ATOM   1011 O  O   . VAL A 1 134 ? 4.737   -12.918 0.602   1.00 6.71  ? 383 VAL A O   1 
ATOM   1012 C  CB  . VAL A 1 134 ? 4.751   -14.212 -2.285  1.00 6.78  ? 383 VAL A CB  1 
ATOM   1013 C  CG1 . VAL A 1 134 ? 6.004   -13.453 -2.756  1.00 8.00  ? 383 VAL A CG1 1 
ATOM   1014 C  CG2 . VAL A 1 134 ? 4.424   -15.327 -3.263  1.00 7.42  ? 383 VAL A CG2 1 
ATOM   1015 N  N   . ASP A 1 135 ? 6.799   -13.809 0.316   1.00 6.42  ? 384 ASP A N   1 
ATOM   1016 C  CA  . ASP A 1 135 ? 7.479   -12.808 1.120   1.00 7.12  ? 384 ASP A CA  1 
ATOM   1017 C  C   . ASP A 1 135 ? 7.862   -11.600 0.271   1.00 7.86  ? 384 ASP A C   1 
ATOM   1018 O  O   . ASP A 1 135 ? 8.688   -11.707 -0.630  1.00 8.64  ? 384 ASP A O   1 
ATOM   1019 C  CB  . ASP A 1 135 ? 8.738   -13.396 1.765   1.00 7.91  ? 384 ASP A CB  1 
ATOM   1020 C  CG  . ASP A 1 135 ? 8.418   -14.428 2.798   1.00 10.49 ? 384 ASP A CG  1 
ATOM   1021 O  OD1 . ASP A 1 135 ? 7.447   -14.275 3.555   1.00 12.33 ? 384 ASP A OD1 1 
ATOM   1022 O  OD2 . ASP A 1 135 ? 9.103   -15.467 2.932   1.00 18.02 ? 384 ASP A OD2 1 
ATOM   1023 N  N   . ASN A 1 136 ? 7.232   -10.461 0.551   1.00 6.19  ? 385 ASN A N   1 
ATOM   1024 C  CA  . ASN A 1 136 ? 7.505   -9.182  -0.116  1.00 5.78  ? 385 ASN A CA  1 
ATOM   1025 C  C   . ASN A 1 136 ? 7.846   -8.140  0.952   1.00 4.79  ? 385 ASN A C   1 
ATOM   1026 O  O   . ASN A 1 136 ? 7.526   -8.329  2.134   1.00 5.38  ? 385 ASN A O   1 
ATOM   1027 C  CB  . ASN A 1 136 ? 6.282   -8.690  -0.893  1.00 5.56  ? 385 ASN A CB  1 
ATOM   1028 C  CG  . ASN A 1 136 ? 6.074   -9.397  -2.216  1.00 5.67  ? 385 ASN A CG  1 
ATOM   1029 O  OD1 . ASN A 1 136 ? 7.003   -9.885  -2.846  1.00 7.01  ? 385 ASN A OD1 1 
ATOM   1030 N  ND2 . ASN A 1 136 ? 4.818   -9.418  -2.666  1.00 6.87  ? 385 ASN A ND2 1 
ATOM   1031 N  N   . TYR A 1 137 ? 8.435   -7.033  0.541   1.00 4.98  ? 386 TYR A N   1 
ATOM   1032 C  CA  . TYR A 1 137 ? 8.455   -5.866  1.386   1.00 5.12  ? 386 TYR A CA  1 
ATOM   1033 C  C   . TYR A 1 137 ? 7.019   -5.380  1.579   1.00 5.14  ? 386 TYR A C   1 
ATOM   1034 O  O   . TYR A 1 137 ? 6.091   -5.905  0.961   1.00 4.98  ? 386 TYR A O   1 
ATOM   1035 C  CB  . TYR A 1 137 ? 9.324   -4.788  0.773   1.00 5.31  ? 386 TYR A CB  1 
ATOM   1036 C  CG  . TYR A 1 137 ? 10.767  -5.213  0.563   1.00 5.71  ? 386 TYR A CG  1 
ATOM   1037 C  CD1 . TYR A 1 137 ? 11.223  -5.623  -0.679  1.00 5.68  ? 386 TYR A CD1 1 
ATOM   1038 C  CD2 . TYR A 1 137 ? 11.682  -5.164  1.588   1.00 5.14  ? 386 TYR A CD2 1 
ATOM   1039 C  CE1 . TYR A 1 137 ? 12.528  -5.974  -0.868  1.00 6.68  ? 386 TYR A CE1 1 
ATOM   1040 C  CE2 . TYR A 1 137 ? 12.995  -5.533  1.394   1.00 6.11  ? 386 TYR A CE2 1 
ATOM   1041 C  CZ  . TYR A 1 137 ? 13.407  -5.945  0.172   1.00 7.14  ? 386 TYR A CZ  1 
ATOM   1042 O  OH  . TYR A 1 137 ? 14.757  -6.265  -0.029  1.00 7.93  ? 386 TYR A OH  1 
ATOM   1043 N  N   . TRP A 1 138 ? 6.808   -4.418  2.465   1.00 5.89  ? 387 TRP A N   1 
ATOM   1044 C  CA  . TRP A 1 138 ? 5.473   -3.879  2.680   1.00 6.41  ? 387 TRP A CA  1 
ATOM   1045 C  C   . TRP A 1 138 ? 5.540   -2.412  2.954   1.00 6.67  ? 387 TRP A C   1 
ATOM   1046 O  O   . TRP A 1 138 ? 6.592   -1.862  3.273   1.00 7.20  ? 387 TRP A O   1 
ATOM   1047 C  CB  . TRP A 1 138 ? 4.753   -4.628  3.790   1.00 7.12  ? 387 TRP A CB  1 
ATOM   1048 C  CG  . TRP A 1 138 ? 5.262   -4.363  5.139   1.00 8.30  ? 387 TRP A CG  1 
ATOM   1049 C  CD1 . TRP A 1 138 ? 4.837   -3.374  5.991   1.00 8.80  ? 387 TRP A CD1 1 
ATOM   1050 C  CD2 . TRP A 1 138 ? 6.253   -5.116  5.852   1.00 7.59  ? 387 TRP A CD2 1 
ATOM   1051 N  NE1 . TRP A 1 138 ? 5.540   -3.447  7.163   1.00 8.52  ? 387 TRP A NE1 1 
ATOM   1052 C  CE2 . TRP A 1 138 ? 6.414   -4.506  7.113   1.00 8.49  ? 387 TRP A CE2 1 
ATOM   1053 C  CE3 . TRP A 1 138 ? 7.061   -6.223  5.538   1.00 8.53  ? 387 TRP A CE3 1 
ATOM   1054 C  CZ2 . TRP A 1 138 ? 7.337   -4.966  8.056   1.00 9.23  ? 387 TRP A CZ2 1 
ATOM   1055 C  CZ3 . TRP A 1 138 ? 7.954   -6.668  6.472   1.00 9.33  ? 387 TRP A CZ3 1 
ATOM   1056 C  CH2 . TRP A 1 138 ? 8.075   -6.064  7.723   1.00 10.47 ? 387 TRP A CH2 1 
ATOM   1057 N  N   . ILE A 1 139 ? 4.418   -1.751  2.738   1.00 6.33  ? 388 ILE A N   1 
ATOM   1058 C  CA  . ILE A 1 139 ? 4.319   -0.306  2.939   1.00 6.72  ? 388 ILE A CA  1 
ATOM   1059 C  C   . ILE A 1 139 ? 3.171   0.004   3.876   1.00 6.32  ? 388 ILE A C   1 
ATOM   1060 O  O   . ILE A 1 139 ? 2.033   -0.399  3.626   1.00 6.50  ? 388 ILE A O   1 
ATOM   1061 C  CB  . ILE A 1 139 ? 4.123   0.417   1.600   1.00 6.94  ? 388 ILE A CB  1 
ATOM   1062 C  CG1 . ILE A 1 139 ? 5.332   0.127   0.714   1.00 7.77  ? 388 ILE A CG1 1 
ATOM   1063 C  CG2 . ILE A 1 139 ? 3.863   1.887   1.831   1.00 7.28  ? 388 ILE A CG2 1 
ATOM   1064 C  CD1 . ILE A 1 139 ? 5.176   0.627   -0.750  1.00 11.15 ? 388 ILE A CD1 1 
ATOM   1065 N  N   . CYS A 1 140 ? 3.481   0.707   4.963   1.00 6.75  ? 389 CYS A N   1 
ATOM   1066 C  CA  . CYS A 1 140 ? 2.440   1.168   5.894   1.00 7.47  ? 389 CYS A CA  1 
ATOM   1067 C  C   . CYS A 1 140 ? 2.138   2.642   5.685   1.00 7.12  ? 389 CYS A C   1 
ATOM   1068 O  O   . CYS A 1 140 ? 3.004   3.397   5.276   1.00 6.72  ? 389 CYS A O   1 
ATOM   1069 C  CB  . CYS A 1 140 ? 2.850   0.990   7.351   1.00 8.32  ? 389 CYS A CB  1 
ATOM   1070 S  SG  . CYS A 1 140 ? 3.384   -0.630  7.838   1.00 10.19 ? 389 CYS A SG  1 
ATOM   1071 N  N   . LYS A 1 141 ? 0.918   3.039   6.015   1.00 6.65  ? 390 LYS A N   1 
ATOM   1072 C  CA  . LYS A 1 141 ? 0.468   4.413   5.933   1.00 6.83  ? 390 LYS A CA  1 
ATOM   1073 C  C   . LYS A 1 141 ? -0.227  4.791   7.252   1.00 7.71  ? 390 LYS A C   1 
ATOM   1074 O  O   . LYS A 1 141 ? -1.021  4.046   7.784   1.00 7.93  ? 390 LYS A O   1 
ATOM   1075 C  CB  . LYS A 1 141 ? -0.525  4.529   4.773   1.00 6.90  ? 390 LYS A CB  1 
ATOM   1076 C  CG  . LYS A 1 141 ? -1.235  5.862   4.649   1.00 7.12  ? 390 LYS A CG  1 
ATOM   1077 C  CD  . LYS A 1 141 ? -2.225  5.837   3.489   1.00 8.52  ? 390 LYS A CD  1 
ATOM   1078 C  CE  . LYS A 1 141 ? -3.013  7.088   3.358   1.00 10.06 ? 390 LYS A CE  1 
ATOM   1079 N  NZ  . LYS A 1 141 ? -4.018  6.927   2.244   1.00 11.74 ? 390 LYS A NZ  1 
ATOM   1080 N  N   . LYS A 1 142 ? 0.064   5.988   7.742   1.00 8.40  ? 391 LYS A N   1 
ATOM   1081 C  CA  . LYS A 1 142 ? -0.647  6.549   8.894   1.00 9.25  ? 391 LYS A CA  1 
ATOM   1082 C  C   . LYS A 1 142 ? -0.729  8.049   8.735   1.00 8.81  ? 391 LYS A C   1 
ATOM   1083 O  O   . LYS A 1 142 ? 0.078   8.640   8.053   1.00 8.90  ? 391 LYS A O   1 
ATOM   1084 C  CB  . LYS A 1 142 ? 0.004   6.170   10.221  1.00 12.15 ? 391 LYS A CB  1 
ATOM   1085 C  CG  . LYS A 1 142 ? 1.328   6.801   10.471  1.00 14.31 ? 391 LYS A CG  1 
ATOM   1086 C  CD  . LYS A 1 142 ? 1.775   6.724   11.939  1.00 20.30 ? 391 LYS A CD  1 
ATOM   1087 C  CE  . LYS A 1 142 ? 2.100   5.326   12.403  1.00 23.43 ? 391 LYS A CE  1 
ATOM   1088 N  NZ  . LYS A 1 142 ? 3.234   5.262   13.422  1.00 25.25 ? 391 LYS A NZ  1 
ATOM   1089 N  N   . PRO A 1 143 ? -1.728  8.691   9.352   1.00 8.61  ? 392 PRO A N   1 
ATOM   1090 C  CA  . PRO A 1 143 ? -1.794  10.163  9.275   1.00 9.22  ? 392 PRO A CA  1 
ATOM   1091 C  C   . PRO A 1 143 ? -0.584  10.871  9.880   1.00 8.81  ? 392 PRO A C   1 
ATOM   1092 O  O   . PRO A 1 143 ? -0.026  10.414  10.869  1.00 9.45  ? 392 PRO A O   1 
ATOM   1093 C  CB  . PRO A 1 143 ? -3.059  10.493  10.086  1.00 9.00  ? 392 PRO A CB  1 
ATOM   1094 C  CG  . PRO A 1 143 ? -3.846  9.230   10.028  1.00 9.90  ? 392 PRO A CG  1 
ATOM   1095 C  CD  . PRO A 1 143 ? -2.863  8.123   10.108  1.00 9.65  ? 392 PRO A CD  1 
ATOM   1096 N  N   . ALA A 1 144 ? -0.198  11.976  9.269   1.00 10.33 ? 393 ALA A N   1 
ATOM   1097 C  CA  . ALA A 1 144 ? 0.791   12.852  9.877   1.00 10.52 ? 393 ALA A CA  1 
ATOM   1098 C  C   . ALA A 1 144 ? 0.197   13.519  11.119  1.00 11.35 ? 393 ALA A C   1 
ATOM   1099 O  O   . ALA A 1 144 ? -1.022  13.721  11.224  1.00 14.28 ? 393 ALA A O   1 
ATOM   1100 C  CB  . ALA A 1 144 ? 1.249   13.869  8.886   1.00 11.49 ? 393 ALA A CB  1 
ATOM   1101 N  N   . ALA A 1 145 ? 1.049   13.813  12.087  1.00 9.73  ? 394 ALA A N   1 
ATOM   1102 C  CA  . ALA A 1 145 ? 0.576   14.327  13.386  1.00 9.67  ? 394 ALA A CA  1 
ATOM   1103 C  C   . ALA A 1 145 ? 0.665   15.843  13.454  1.00 9.42  ? 394 ALA A C   1 
ATOM   1104 O  O   . ALA A 1 145 ? 1.585   16.451  12.898  1.00 9.98  ? 394 ALA A O   1 
ATOM   1105 C  CB  . ALA A 1 145 ? 1.339   13.696  14.492  1.00 9.64  ? 394 ALA A CB  1 
ATOM   1106 N  N   . CYS A 1 146 ? -0.307  16.424  14.141  1.00 9.04  ? 395 CYS A N   1 
ATOM   1107 C  CA  . CYS A 1 146 ? -0.409  17.854  14.399  1.00 9.16  ? 395 CYS A CA  1 
ATOM   1108 C  C   . CYS A 1 146 ? -0.001  18.162  15.830  1.00 9.03  ? 395 CYS A C   1 
ATOM   1109 O  O   . CYS A 1 146 ? -0.653  17.673  16.759  1.00 9.22  ? 395 CYS A O   1 
ATOM   1110 C  CB  . CYS A 1 146 ? -1.854  18.319  14.230  1.00 9.64  ? 395 CYS A CB  1 
ATOM   1111 S  SG  . CYS A 1 146 ? -2.554  18.211  12.588  1.00 10.92 ? 395 CYS A SG  1 
ATOM   1112 N  N   . PHE A 1 147 ? 1.016   18.990  16.021  1.00 8.55  ? 396 PHE A N   1 
ATOM   1113 C  CA  . PHE A 1 147 ? 1.408   19.467  17.343  1.00 10.06 ? 396 PHE A CA  1 
ATOM   1114 C  C   . PHE A 1 147 ? 2.411   20.599  17.157  1.00 11.19 ? 396 PHE A C   1 
ATOM   1115 O  O   . PHE A 1 147 ? 2.932   20.831  16.063  1.00 9.98  ? 396 PHE A O   1 
ATOM   1116 C  CB  . PHE A 1 147 ? 1.942   18.352  18.273  1.00 9.75  ? 396 PHE A CB  1 
ATOM   1117 C  CG  . PHE A 1 147 ? 3.003   17.477  17.671  1.00 10.89 ? 396 PHE A CG  1 
ATOM   1118 C  CD1 . PHE A 1 147 ? 4.307   17.925  17.562  1.00 10.34 ? 396 PHE A CD1 1 
ATOM   1119 C  CD2 . PHE A 1 147 ? 2.698   16.175  17.306  1.00 10.34 ? 396 PHE A CD2 1 
ATOM   1120 C  CE1 . PHE A 1 147 ? 5.294   17.102  17.029  1.00 10.99 ? 396 PHE A CE1 1 
ATOM   1121 C  CE2 . PHE A 1 147 ? 3.687   15.351  16.768  1.00 11.42 ? 396 PHE A CE2 1 
ATOM   1122 C  CZ  . PHE A 1 147 ? 4.964   15.820  16.640  1.00 10.99 ? 396 PHE A CZ  1 
ATOM   1123 N  N   . ARG A 1 148 ? 2.645   21.342  18.235  1.00 14.19 ? 397 ARG A N   1 
ATOM   1124 C  CA  . ARG A 1 148 ? 3.591   22.459  18.191  1.00 16.19 ? 397 ARG A CA  1 
ATOM   1125 C  C   . ARG A 1 148 ? 5.032   21.967  18.300  1.00 18.42 ? 397 ARG A C   1 
ATOM   1126 O  O   . ARG A 1 148 ? 5.307   21.002  19.024  1.00 19.07 ? 397 ARG A O   1 
ATOM   1127 C  CB  . ARG A 1 148 ? 3.287   23.472  19.297  1.00 16.70 ? 397 ARG A CB  1 
ATOM   1128 C  CG  . ARG A 1 148 ? 1.942   24.154  19.092  1.00 17.48 ? 397 ARG A CG  1 
ATOM   1129 C  CD  . ARG A 1 148 ? 1.390   24.928  20.273  1.00 20.63 ? 397 ARG A CD  1 
ATOM   1130 N  NE  . ARG A 1 148 ? 2.369   25.602  21.124  1.00 23.20 ? 397 ARG A NE  1 
ATOM   1131 C  CZ  . ARG A 1 148 ? 3.292   26.464  20.734  1.00 26.93 ? 397 ARG A CZ  1 
ATOM   1132 N  NH1 . ARG A 1 148 ? 3.448   26.781  19.459  1.00 28.01 ? 397 ARG A NH1 1 
ATOM   1133 N  NH2 . ARG A 1 148 ? 4.096   27.008  21.648  1.00 28.94 ? 397 ARG A NH2 1 
ATOM   1134 N  N   . ASP A 1 149 ? 5.976   22.842  17.744  1.00 21.49 ? 398 ASP A N   1 
ATOM   1135 C  CA  . ASP A 1 149 ? 7.386   22.627  17.609  1.00 23.64 ? 398 ASP A CA  1 
ATOM   1136 C  C   . ASP A 1 149 ? 8.237   23.525  18.314  1.00 24.19 ? 398 ASP A C   1 
ATOM   1137 O  O   . ASP A 1 149 ? 8.477   22.687  19.209  1.00 24.72 ? 398 ASP A O   1 
ATOM   1138 C  CB  . ASP A 1 149 ? 8.108   22.731  16.385  1.00 24.79 ? 398 ASP A CB  1 
ATOM   1139 C  CG  . ASP A 1 149 ? 7.744   21.805  15.271  1.00 27.14 ? 398 ASP A CG  1 
ATOM   1140 O  OD1 . ASP A 1 149 ? 7.570   20.634  15.585  1.00 29.91 ? 398 ASP A OD1 1 
ATOM   1141 O  OD2 . ASP A 1 149 ? 7.816   22.409  14.354  1.00 32.85 ? 398 ASP A OD2 1 
HETATM 1142 CA CA  . CA  B 2 .   ? -0.760  -11.944 -10.755 1.00 12.27 ? 402 CA  A CA  1 
HETATM 1143 O  O   . HOH C 3 .   ? 3.066   4.178   -13.170 1.00 41.19 ? 1   HOH A O   1 
HETATM 1144 O  O   . HOH C 3 .   ? 11.294  -1.454  0.954   1.00 10.27 ? 2   HOH A O   1 
HETATM 1145 O  O   . HOH C 3 .   ? -0.803  -13.946 3.942   1.00 9.08  ? 3   HOH A O   1 
HETATM 1146 O  O   . HOH C 3 .   ? -2.187  14.731  15.448  1.00 8.01  ? 4   HOH A O   1 
HETATM 1147 O  O   . HOH C 3 .   ? -1.212  -18.495 -0.359  1.00 11.14 ? 5   HOH A O   1 
HETATM 1148 O  O   . HOH C 3 .   ? 4.283   -17.277 3.994   1.00 9.59  ? 6   HOH A O   1 
HETATM 1149 O  O   . HOH C 3 .   ? 9.671   -2.624  -8.386  1.00 16.00 ? 7   HOH A O   1 
HETATM 1150 O  O   . HOH C 3 .   ? 2.817   -7.590  -21.755 1.00 9.20  ? 8   HOH A O   1 
HETATM 1151 O  O   . HOH C 3 .   ? 6.760   -11.013 -5.329  1.00 13.87 ? 10  HOH A O   1 
HETATM 1152 O  O   . HOH C 3 .   ? -1.667  16.667  19.099  1.00 7.99  ? 11  HOH A O   1 
HETATM 1153 O  O   . HOH C 3 .   ? -1.189  11.040  1.372   1.00 11.30 ? 12  HOH A O   1 
HETATM 1154 O  O   . HOH C 3 .   ? 4.148   -20.010 4.229   1.00 18.00 ? 13  HOH A O   1 
HETATM 1155 O  O   . HOH C 3 .   ? 6.240   -15.934 5.328   1.00 11.14 ? 14  HOH A O   1 
HETATM 1156 O  O   . HOH C 3 .   ? 5.613   -13.730 6.835   1.00 10.64 ? 15  HOH A O   1 
HETATM 1157 O  O   . HOH C 3 .   ? -2.684  -3.097  8.236   1.00 9.03  ? 16  HOH A O   1 
HETATM 1158 O  O   . HOH C 3 .   ? -9.043  -6.826  1.436   1.00 11.79 ? 17  HOH A O   1 
HETATM 1159 O  O   . HOH C 3 .   ? 8.661   -1.123  0.206   1.00 17.52 ? 18  HOH A O   1 
HETATM 1160 O  O   . HOH C 3 .   ? 1.224   -12.176 -11.159 1.00 7.64  ? 19  HOH A O   1 
HETATM 1161 O  O   . HOH C 3 .   ? 15.962  -1.149  -4.058  1.00 13.59 ? 20  HOH A O   1 
HETATM 1162 O  O   . HOH C 3 .   ? 0.600   -17.613 3.971   1.00 10.08 ? 21  HOH A O   1 
HETATM 1163 O  O   . HOH C 3 .   ? 9.805   -9.982  -2.968  1.00 14.20 ? 22  HOH A O   1 
HETATM 1164 O  O   . HOH C 3 .   ? 4.785   -19.001 -2.905  1.00 21.98 ? 23  HOH A O   1 
HETATM 1165 O  O   . HOH C 3 .   ? 2.055   12.402  -7.238  1.00 20.88 ? 24  HOH A O   1 
HETATM 1166 O  O   . HOH C 3 .   ? 10.968  -3.398  8.404   1.00 22.62 ? 25  HOH A O   1 
HETATM 1167 O  O   . HOH C 3 .   ? 8.384   -15.943 -0.945  1.00 19.72 ? 26  HOH A O   1 
HETATM 1168 O  O   . HOH C 3 .   ? -3.923  3.004   4.713   1.00 17.91 ? 27  HOH A O   1 
HETATM 1169 O  O   . HOH C 3 .   ? 10.625  5.238   13.506  1.00 20.78 ? 28  HOH A O   1 
HETATM 1170 O  O   . HOH C 3 .   ? 5.474   25.469  16.994  1.00 27.30 ? 29  HOH A O   1 
HETATM 1171 O  O   . HOH C 3 .   ? -5.482  -2.846  9.057   1.00 15.35 ? 30  HOH A O   1 
HETATM 1172 O  O   . HOH C 3 .   ? 6.977   -17.606 1.107   1.00 23.01 ? 31  HOH A O   1 
HETATM 1173 O  O   . HOH C 3 .   ? -9.964  2.309   -5.280  1.00 14.40 ? 32  HOH A O   1 
HETATM 1174 O  O   . HOH C 3 .   ? 9.575   -5.816  -8.796  1.00 17.08 ? 33  HOH A O   1 
HETATM 1175 O  O   . HOH C 3 .   ? 15.860  -3.232  2.868   1.00 20.75 ? 34  HOH A O   1 
HETATM 1176 O  O   . HOH C 3 .   ? -1.135  10.360  13.464  1.00 16.38 ? 35  HOH A O   1 
HETATM 1177 O  O   . HOH C 3 .   ? -0.441  -11.929 11.017  1.00 20.81 ? 36  HOH A O   1 
HETATM 1178 O  O   . HOH C 3 .   ? 4.699   19.612  10.992  1.00 10.31 ? 37  HOH A O   1 
HETATM 1179 O  O   . HOH C 3 .   ? 0.468   1.570   -13.177 1.00 23.06 ? 38  HOH A O   1 
HETATM 1180 O  O   . HOH C 3 .   ? 6.335   -14.313 -6.584  1.00 17.33 ? 39  HOH A O   1 
HETATM 1181 O  O   . HOH C 3 .   ? -5.954  5.387   3.786   1.00 17.09 ? 40  HOH A O   1 
HETATM 1182 O  O   . HOH C 3 .   ? 9.397   13.121  4.627   1.00 19.82 ? 41  HOH A O   1 
HETATM 1183 O  O   . HOH C 3 .   ? -7.871  -17.675 -7.814  1.00 34.48 ? 42  HOH A O   1 
HETATM 1184 O  O   . HOH C 3 .   ? -3.446  14.209  11.310  1.00 19.34 ? 44  HOH A O   1 
HETATM 1185 O  O   . HOH C 3 .   ? -5.476  9.357   2.351   1.00 21.18 ? 45  HOH A O   1 
HETATM 1186 O  O   . HOH C 3 .   ? -2.798  11.858  -0.656  1.00 25.24 ? 46  HOH A O   1 
HETATM 1187 O  O   . HOH C 3 .   ? -6.285  -5.451  -15.964 1.00 19.93 ? 47  HOH A O   1 
HETATM 1188 O  O   . HOH C 3 .   ? 2.107   -2.373  -17.797 1.00 19.51 ? 48  HOH A O   1 
HETATM 1189 O  O   . HOH C 3 .   ? 7.380   16.536  7.181   1.00 27.69 ? 49  HOH A O   1 
HETATM 1190 O  O   . HOH C 3 .   ? 5.735   -2.227  9.919   1.00 16.12 ? 50  HOH A O   1 
HETATM 1191 O  O   . HOH C 3 .   ? -11.678 -8.315  1.565   1.00 19.64 ? 51  HOH A O   1 
HETATM 1192 O  O   . HOH C 3 .   ? -3.731  -12.170 -16.856 1.00 26.02 ? 52  HOH A O   1 
HETATM 1193 O  O   . HOH C 3 .   ? -9.613  0.720   8.445   1.00 28.79 ? 53  HOH A O   1 
HETATM 1194 O  O   . HOH C 3 .   ? -13.082 -6.681  -8.491  1.00 21.88 ? 54  HOH A O   1 
HETATM 1195 O  O   . HOH C 3 .   ? -10.454 -11.492 -8.450  1.00 18.34 ? 55  HOH A O   1 
HETATM 1196 O  O   . HOH C 3 .   ? -3.777  4.806   6.976   1.00 26.75 ? 56  HOH A O   1 
HETATM 1197 O  O   . HOH C 3 .   ? 13.229  -10.716 5.068   1.00 21.38 ? 57  HOH A O   1 
HETATM 1198 O  O   . HOH C 3 .   ? 0.499   10.254  15.538  1.00 26.57 ? 58  HOH A O   1 
HETATM 1199 O  O   . HOH C 3 .   ? 6.592   2.116   -3.352  1.00 29.33 ? 59  HOH A O   1 
HETATM 1200 O  O   . HOH C 3 .   ? -5.221  12.791  -7.411  1.00 23.26 ? 60  HOH A O   1 
HETATM 1201 O  O   . HOH C 3 .   ? 13.168  4.371   13.160  1.00 25.13 ? 61  HOH A O   1 
HETATM 1202 O  O   . HOH C 3 .   ? -13.765 -3.595  -6.939  1.00 26.99 ? 62  HOH A O   1 
HETATM 1203 O  O   . HOH C 3 .   ? -9.462  4.147   -3.308  1.00 24.41 ? 63  HOH A O   1 
HETATM 1204 O  O   . HOH C 3 .   ? 8.013   -1.946  -4.176  1.00 14.29 ? 64  HOH A O   1 
HETATM 1205 O  O   . HOH C 3 .   ? -2.187  8.337   -11.814 1.00 33.42 ? 66  HOH A O   1 
HETATM 1206 O  O   . HOH C 3 .   ? 6.353   4.077   14.338  1.00 30.00 ? 67  HOH A O   1 
HETATM 1207 O  O   . HOH C 3 .   ? -13.527 -1.273  -10.277 1.00 24.31 ? 69  HOH A O   1 
HETATM 1208 O  O   . HOH C 3 .   ? -8.595  2.791   -14.777 1.00 19.09 ? 70  HOH A O   1 
HETATM 1209 O  O   . HOH C 3 .   ? 10.372  4.172   5.176   1.00 18.37 ? 71  HOH A O   1 
HETATM 1210 O  O   . HOH C 3 .   ? -12.206 0.612   -15.052 1.00 23.61 ? 72  HOH A O   1 
HETATM 1211 O  O   . HOH C 3 .   ? -10.480 -7.960  -11.810 1.00 24.59 ? 74  HOH A O   1 
HETATM 1212 O  O   . HOH C 3 .   ? -4.282  -2.038  -15.863 1.00 21.88 ? 75  HOH A O   1 
HETATM 1213 O  O   . HOH C 3 .   ? -10.495 6.536   -3.674  1.00 32.56 ? 76  HOH A O   1 
HETATM 1214 O  O   . HOH C 3 .   ? 1.297   5.464   -11.294 1.00 23.21 ? 78  HOH A O   1 
HETATM 1215 O  O   . HOH C 3 .   ? -9.334  3.181   -1.162  1.00 22.77 ? 79  HOH A O   1 
HETATM 1216 O  O   . HOH C 3 .   ? 3.301   16.395  0.211   1.00 18.66 ? 80  HOH A O   1 
HETATM 1217 O  O   . HOH C 3 .   ? 1.607   -14.964 -11.753 1.00 29.49 ? 81  HOH A O   1 
HETATM 1218 O  O   . HOH C 3 .   ? -3.395  -15.293 -16.060 1.00 32.68 ? 82  HOH A O   1 
HETATM 1219 O  O   . HOH C 3 .   ? 3.105   -21.886 -7.996  1.00 29.06 ? 83  HOH A O   1 
HETATM 1220 O  O   . HOH C 3 .   ? 3.211   -11.595 -9.198  1.00 19.16 ? 84  HOH A O   1 
HETATM 1221 O  O   . HOH C 3 .   ? 3.759   -16.407 -7.229  1.00 27.72 ? 86  HOH A O   1 
HETATM 1222 O  O   . HOH C 3 .   ? 4.562   11.559  -7.833  1.00 24.98 ? 87  HOH A O   1 
HETATM 1223 O  O   . HOH C 3 .   ? 9.309   0.638   -13.800 1.00 21.69 ? 88  HOH A O   1 
HETATM 1224 O  O   . HOH C 3 .   ? 5.865   -3.922  13.011  1.00 29.51 ? 89  HOH A O   1 
HETATM 1225 O  O   . HOH C 3 .   ? -2.185  -17.448 -11.735 1.00 26.15 ? 92  HOH A O   1 
HETATM 1226 O  O   . HOH C 3 .   ? 9.907   0.164   -3.066  1.00 29.85 ? 93  HOH A O   1 
HETATM 1227 O  O   . HOH C 3 .   ? 5.304   -1.770  -17.079 1.00 25.77 ? 97  HOH A O   1 
HETATM 1228 O  O   . HOH C 3 .   ? -15.023 1.289   4.113   1.00 38.74 ? 100 HOH A O   1 
HETATM 1229 O  O   . HOH C 3 .   ? -0.377  17.789  6.339   1.00 24.47 ? 102 HOH A O   1 
HETATM 1230 O  O   . HOH C 3 .   ? 12.997  0.659   6.263   1.00 16.58 ? 103 HOH A O   1 
HETATM 1231 O  O   . HOH C 3 .   ? -3.337  25.942  7.435   1.00 24.45 ? 104 HOH A O   1 
HETATM 1232 O  O   . HOH C 3 .   ? 7.459   18.905  10.707  1.00 24.07 ? 105 HOH A O   1 
HETATM 1233 O  O   . HOH C 3 .   ? -7.163  -13.215 -7.847  1.00 18.85 ? 106 HOH A O   1 
HETATM 1234 O  O   . HOH C 3 .   ? -1.153  27.655  7.708   1.00 32.58 ? 107 HOH A O   1 
HETATM 1235 O  O   . HOH C 3 .   ? 15.996  -7.500  4.374   1.00 10.69 ? 108 HOH A O   1 
HETATM 1236 O  O   . HOH C 3 .   ? -7.972  3.546   4.895   1.00 23.25 ? 109 HOH A O   1 
HETATM 1237 O  O   . HOH C 3 .   ? 2.377   -0.765  -15.498 1.00 19.66 ? 111 HOH A O   1 
HETATM 1238 O  O   . HOH C 3 .   ? 10.794  -10.048 8.008   1.00 29.16 ? 112 HOH A O   1 
HETATM 1239 O  O   . HOH C 3 .   ? 14.623  -11.968 -0.645  1.00 31.34 ? 114 HOH A O   1 
HETATM 1240 O  O   . HOH C 3 .   ? -4.804  -0.809  10.689  1.00 27.80 ? 115 HOH A O   1 
HETATM 1241 O  O   . HOH C 3 .   ? -0.339  -21.010 0.386   1.00 23.28 ? 117 HOH A O   1 
HETATM 1242 O  O   . HOH C 3 .   ? -8.491  -17.689 -4.006  1.00 17.93 ? 118 HOH A O   1 
HETATM 1243 O  O   . HOH C 3 .   ? 0.476   -22.010 -7.265  1.00 22.23 ? 119 HOH A O   1 
HETATM 1244 O  O   . HOH C 3 .   ? -14.243 2.823   -4.596  1.00 33.47 ? 120 HOH A O   1 
HETATM 1245 O  O   . HOH C 3 .   ? 0.952   12.792  -9.912  1.00 22.12 ? 121 HOH A O   1 
# 
